data_4HW1
# 
_entry.id   4HW1 
# 
_audit_conform.dict_name       mmcif_pdbx.dic 
_audit_conform.dict_version    5.389 
_audit_conform.dict_location   http://mmcif.pdb.org/dictionaries/ascii/mmcif_pdbx.dic 
# 
loop_
_database_2.database_id 
_database_2.database_code 
_database_2.pdbx_database_accession 
_database_2.pdbx_DOI 
PDB   4HW1         pdb_00004hw1 10.2210/pdb4hw1/pdb 
NDB   NA2122       ?            ?                   
RCSB  RCSB075990   ?            ?                   
WWPDB D_1000075990 ?            ?                   
# 
loop_
_pdbx_audit_revision_history.ordinal 
_pdbx_audit_revision_history.data_content_type 
_pdbx_audit_revision_history.major_revision 
_pdbx_audit_revision_history.minor_revision 
_pdbx_audit_revision_history.revision_date 
1 'Structure model' 1 0 2013-11-20 
2 'Structure model' 1 1 2015-02-25 
3 'Structure model' 1 2 2024-02-28 
4 'Structure model' 1 3 2024-04-03 
# 
_pdbx_audit_revision_details.ordinal             1 
_pdbx_audit_revision_details.revision_ordinal    1 
_pdbx_audit_revision_details.data_content_type   'Structure model' 
_pdbx_audit_revision_details.provider            repository 
_pdbx_audit_revision_details.type                'Initial release' 
_pdbx_audit_revision_details.description         ? 
_pdbx_audit_revision_details.details             ? 
# 
loop_
_pdbx_audit_revision_group.ordinal 
_pdbx_audit_revision_group.revision_ordinal 
_pdbx_audit_revision_group.data_content_type 
_pdbx_audit_revision_group.group 
1 2 'Structure model' 'Database references'    
2 3 'Structure model' 'Data collection'        
3 3 'Structure model' 'Database references'    
4 3 'Structure model' 'Derived calculations'   
5 4 'Structure model' 'Refinement description' 
# 
loop_
_pdbx_audit_revision_category.ordinal 
_pdbx_audit_revision_category.revision_ordinal 
_pdbx_audit_revision_category.data_content_type 
_pdbx_audit_revision_category.category 
1 3 'Structure model' chem_comp_atom                
2 3 'Structure model' chem_comp_bond                
3 3 'Structure model' database_2                    
4 3 'Structure model' struct_site                   
5 4 'Structure model' pdbx_initial_refinement_model 
# 
loop_
_pdbx_audit_revision_item.ordinal 
_pdbx_audit_revision_item.revision_ordinal 
_pdbx_audit_revision_item.data_content_type 
_pdbx_audit_revision_item.item 
1 3 'Structure model' '_database_2.pdbx_DOI'                
2 3 'Structure model' '_database_2.pdbx_database_accession' 
3 3 'Structure model' '_struct_site.pdbx_auth_asym_id'      
4 3 'Structure model' '_struct_site.pdbx_auth_comp_id'      
5 3 'Structure model' '_struct_site.pdbx_auth_seq_id'       
# 
_pdbx_database_status.status_code                     REL 
_pdbx_database_status.entry_id                        4HW1 
_pdbx_database_status.recvd_initial_deposition_date   2012-11-07 
_pdbx_database_status.deposit_site                    RCSB 
_pdbx_database_status.process_site                    RCSB 
_pdbx_database_status.status_code_sf                  REL 
_pdbx_database_status.status_code_mr                  ? 
_pdbx_database_status.SG_entry                        ? 
_pdbx_database_status.status_code_cs                  ? 
_pdbx_database_status.methods_development_category    ? 
_pdbx_database_status.pdb_format_compatible           Y 
_pdbx_database_status.status_code_nmr_data            ? 
# 
loop_
_audit_author.name 
_audit_author.pdbx_ordinal 
'Acosta-Reyes, F.' 1 
'Subirana, J.A.'   2 
'Pous, J.'         3 
'Condom, N.'       4 
'Malinina, L.'     5 
'Campos, J.L.'     6 
# 
_citation.id                        primary 
_citation.title                     'Polymorphic crystal structures of an all-AT DNA dodecamer.' 
_citation.journal_abbrev            Biopolymers 
_citation.journal_volume            103 
_citation.page_first                123 
_citation.page_last                 133 
_citation.year                      2015 
_citation.journal_id_ASTM           BIPMAA 
_citation.country                   US 
_citation.journal_id_ISSN           0006-3525 
_citation.journal_id_CSD            0161 
_citation.book_publisher            ? 
_citation.pdbx_database_id_PubMed   25257185 
_citation.pdbx_database_id_DOI      10.1002/bip.22565 
# 
loop_
_citation_author.citation_id 
_citation_author.name 
_citation_author.ordinal 
_citation_author.identifier_ORCID 
primary 'Acosta-Reyes, F.J.'  1 ? 
primary 'Subirana, J.A.'      2 ? 
primary 'Pous, J.'            3 ? 
primary 'Sanchez-Giraldo, R.' 4 ? 
primary 'Condom, N.'          5 ? 
primary 'Baldini, R.'         6 ? 
primary 'Malinina, L.'        7 ? 
primary 'Campos, J.L.'        8 ? 
# 
loop_
_entity.id 
_entity.type 
_entity.src_method 
_entity.pdbx_description 
_entity.formula_weight 
_entity.pdbx_number_of_molecules 
_entity.pdbx_ec 
_entity.pdbx_mutation 
_entity.pdbx_fragment 
_entity.details 
1 polymer     syn 
;DNA (5'-D(*AP*AP*TP*AP*AP*AP*TP*TP*TP*AP*TP*T)-3')
;
3659.440 4  ? ? ? ? 
2 non-polymer syn 'MAGNESIUM ION'                                      24.305   1  ? ? ? ? 
3 water       nat water                                                18.015   14 ? ? ? ? 
# 
_entity_poly.entity_id                      1 
_entity_poly.type                           polydeoxyribonucleotide 
_entity_poly.nstd_linkage                   no 
_entity_poly.nstd_monomer                   no 
_entity_poly.pdbx_seq_one_letter_code       '(DA)(DA)(DT)(DA)(DA)(DA)(DT)(DT)(DT)(DA)(DT)(DT)' 
_entity_poly.pdbx_seq_one_letter_code_can   AATAAATTTATT 
_entity_poly.pdbx_strand_id                 A,B,C,D 
_entity_poly.pdbx_target_identifier         ? 
# 
loop_
_pdbx_entity_nonpoly.entity_id 
_pdbx_entity_nonpoly.name 
_pdbx_entity_nonpoly.comp_id 
2 'MAGNESIUM ION' MG  
3 water           HOH 
# 
loop_
_entity_poly_seq.entity_id 
_entity_poly_seq.num 
_entity_poly_seq.mon_id 
_entity_poly_seq.hetero 
1 1  DA n 
1 2  DA n 
1 3  DT n 
1 4  DA n 
1 5  DA n 
1 6  DA n 
1 7  DT n 
1 8  DT n 
1 9  DT n 
1 10 DA n 
1 11 DT n 
1 12 DT n 
# 
_pdbx_entity_src_syn.entity_id              1 
_pdbx_entity_src_syn.pdbx_src_id            1 
_pdbx_entity_src_syn.pdbx_alt_source_flag   sample 
_pdbx_entity_src_syn.pdbx_beg_seq_num       ? 
_pdbx_entity_src_syn.pdbx_end_seq_num       ? 
_pdbx_entity_src_syn.organism_scientific    ? 
_pdbx_entity_src_syn.organism_common_name   ? 
_pdbx_entity_src_syn.ncbi_taxonomy_id       ? 
_pdbx_entity_src_syn.details                'DNA oligonucleotide.' 
# 
loop_
_chem_comp.id 
_chem_comp.type 
_chem_comp.mon_nstd_flag 
_chem_comp.name 
_chem_comp.pdbx_synonyms 
_chem_comp.formula 
_chem_comp.formula_weight 
DA  'DNA linking' y "2'-DEOXYADENOSINE-5'-MONOPHOSPHATE" ? 'C10 H14 N5 O6 P' 331.222 
DT  'DNA linking' y "THYMIDINE-5'-MONOPHOSPHATE"         ? 'C10 H15 N2 O8 P' 322.208 
HOH non-polymer   . WATER                                ? 'H2 O'            18.015  
MG  non-polymer   . 'MAGNESIUM ION'                      ? 'Mg 2'            24.305  
# 
loop_
_pdbx_poly_seq_scheme.asym_id 
_pdbx_poly_seq_scheme.entity_id 
_pdbx_poly_seq_scheme.seq_id 
_pdbx_poly_seq_scheme.mon_id 
_pdbx_poly_seq_scheme.ndb_seq_num 
_pdbx_poly_seq_scheme.pdb_seq_num 
_pdbx_poly_seq_scheme.auth_seq_num 
_pdbx_poly_seq_scheme.pdb_mon_id 
_pdbx_poly_seq_scheme.auth_mon_id 
_pdbx_poly_seq_scheme.pdb_strand_id 
_pdbx_poly_seq_scheme.pdb_ins_code 
_pdbx_poly_seq_scheme.hetero 
A 1 1  DA 1  1  1  DA DA A . n 
A 1 2  DA 2  2  2  DA DA A . n 
A 1 3  DT 3  3  3  DT DT A . n 
A 1 4  DA 4  4  4  DA DA A . n 
A 1 5  DA 5  5  5  DA DA A . n 
A 1 6  DA 6  6  6  DA DA A . n 
A 1 7  DT 7  7  7  DT DT A . n 
A 1 8  DT 8  8  8  DT DT A . n 
A 1 9  DT 9  9  9  DT DT A . n 
A 1 10 DA 10 10 10 DA DA A . n 
A 1 11 DT 11 11 11 DT DT A . n 
A 1 12 DT 12 12 12 DT DT A . n 
B 1 1  DA 1  13 13 DA DA B . n 
B 1 2  DA 2  14 14 DA DA B . n 
B 1 3  DT 3  15 15 DT DT B . n 
B 1 4  DA 4  16 16 DA DA B . n 
B 1 5  DA 5  17 17 DA DA B . n 
B 1 6  DA 6  18 18 DA DA B . n 
B 1 7  DT 7  19 19 DT DT B . n 
B 1 8  DT 8  20 20 DT DT B . n 
B 1 9  DT 9  21 21 DT DT B . n 
B 1 10 DA 10 22 22 DA DA B . n 
B 1 11 DT 11 23 23 DT DT B . n 
B 1 12 DT 12 24 24 DT DT B . n 
C 1 1  DA 1  1  1  DA DA C . n 
C 1 2  DA 2  2  2  DA DA C . n 
C 1 3  DT 3  3  3  DT DT C . n 
C 1 4  DA 4  4  4  DA DA C . n 
C 1 5  DA 5  5  5  DA DA C . n 
C 1 6  DA 6  6  6  DA DA C . n 
C 1 7  DT 7  7  7  DT DT C . n 
C 1 8  DT 8  8  8  DT DT C . n 
C 1 9  DT 9  9  9  DT DT C . n 
C 1 10 DA 10 10 10 DA DA C . n 
C 1 11 DT 11 11 11 DT DT C . n 
C 1 12 DT 12 12 12 DT DT C . n 
D 1 1  DA 1  13 13 DA DA D . n 
D 1 2  DA 2  14 14 DA DA D . n 
D 1 3  DT 3  15 15 DT DT D . n 
D 1 4  DA 4  16 16 DA DA D . n 
D 1 5  DA 5  17 17 DA DA D . n 
D 1 6  DA 6  18 18 DA DA D . n 
D 1 7  DT 7  19 19 DT DT D . n 
D 1 8  DT 8  20 20 DT DT D . n 
D 1 9  DT 9  21 21 DT DT D . n 
D 1 10 DA 10 22 22 DA DA D . n 
D 1 11 DT 11 23 23 DT DT D . n 
D 1 12 DT 12 24 24 DT DT D . n 
# 
loop_
_pdbx_nonpoly_scheme.asym_id 
_pdbx_nonpoly_scheme.entity_id 
_pdbx_nonpoly_scheme.mon_id 
_pdbx_nonpoly_scheme.ndb_seq_num 
_pdbx_nonpoly_scheme.pdb_seq_num 
_pdbx_nonpoly_scheme.auth_seq_num 
_pdbx_nonpoly_scheme.pdb_mon_id 
_pdbx_nonpoly_scheme.auth_mon_id 
_pdbx_nonpoly_scheme.pdb_strand_id 
_pdbx_nonpoly_scheme.pdb_ins_code 
E 2 MG  1 101 1  MG  MG  B . 
F 3 HOH 1 101 12 HOH HOH A . 
G 3 HOH 1 201 1  HOH HOH B . 
G 3 HOH 2 202 3  HOH HOH B . 
G 3 HOH 3 203 5  HOH HOH B . 
G 3 HOH 4 204 8  HOH HOH B . 
G 3 HOH 5 205 9  HOH HOH B . 
H 3 HOH 1 101 2  HOH HOH C . 
H 3 HOH 2 102 3  HOH HOH C . 
H 3 HOH 3 103 6  HOH HOH C . 
I 3 HOH 1 101 2  HOH HOH D . 
I 3 HOH 2 102 4  HOH HOH D . 
I 3 HOH 3 103 7  HOH HOH D . 
I 3 HOH 4 104 10 HOH HOH D . 
I 3 HOH 5 105 11 HOH HOH D . 
# 
loop_
_software.name 
_software.classification 
_software.version 
_software.citation_id 
_software.pdbx_ordinal 
ADSC   'data collection' Quantum  ? 1 
PHASER phasing           .        ? 2 
REFMAC refinement        5.7.0029 ? 3 
XDS    'data reduction'  .        ? 4 
SCALA  'data scaling'    .        ? 5 
# 
_cell.entry_id           4HW1 
_cell.length_a           50.431 
_cell.length_b           61.155 
_cell.length_c           80.601 
_cell.angle_alpha        90.00 
_cell.angle_beta         90.00 
_cell.angle_gamma        90.00 
_cell.Z_PDB              32 
_cell.pdbx_unique_axis   ? 
_cell.length_a_esd       ? 
_cell.length_b_esd       ? 
_cell.length_c_esd       ? 
_cell.angle_alpha_esd    ? 
_cell.angle_beta_esd     ? 
_cell.angle_gamma_esd    ? 
# 
_symmetry.entry_id                         4HW1 
_symmetry.space_group_name_H-M             'C 2 2 21' 
_symmetry.pdbx_full_space_group_name_H-M   ? 
_symmetry.cell_setting                     ? 
_symmetry.Int_Tables_number                20 
_symmetry.space_group_name_Hall            ? 
# 
_exptl.entry_id          4HW1 
_exptl.method            'X-RAY DIFFRACTION' 
_exptl.crystals_number   1 
# 
_exptl_crystal.id                    1 
_exptl_crystal.density_meas          ? 
_exptl_crystal.density_Matthews      2.12 
_exptl_crystal.density_percent_sol   42.06 
_exptl_crystal.description           ? 
_exptl_crystal.F_000                 ? 
_exptl_crystal.preparation           ? 
# 
_exptl_crystal_grow.crystal_id      1 
_exptl_crystal_grow.method          'VAPOR DIFFUSION, HANGING DROP' 
_exptl_crystal_grow.temp            277 
_exptl_crystal_grow.temp_details    ? 
_exptl_crystal_grow.pH              6.5 
_exptl_crystal_grow.pdbx_details    'Mg, MPD, Sodium Cacodylate, pH 6.5, VAPOR DIFFUSION, HANGING DROP, temperature 277K' 
_exptl_crystal_grow.pdbx_pH_range   ? 
# 
_diffrn.id                     1 
_diffrn.ambient_temp           100 
_diffrn.ambient_temp_details   ? 
_diffrn.crystal_id             1 
# 
_diffrn_detector.diffrn_id              1 
_diffrn_detector.detector               CCD 
_diffrn_detector.type                   'ADSC QUANTUM 210r' 
_diffrn_detector.pdbx_collection_date   2007-03-02 
_diffrn_detector.details                mirrors 
# 
_diffrn_radiation.diffrn_id                        1 
_diffrn_radiation.wavelength_id                    1 
_diffrn_radiation.pdbx_monochromatic_or_laue_m_l   M 
_diffrn_radiation.monochromator                    MIRRORS 
_diffrn_radiation.pdbx_diffrn_protocol             'SINGLE WAVELENGTH' 
_diffrn_radiation.pdbx_scattering_type             x-ray 
# 
_diffrn_radiation_wavelength.id           1 
_diffrn_radiation_wavelength.wavelength   0.9796 
_diffrn_radiation_wavelength.wt           1.0 
# 
_diffrn_source.diffrn_id                   1 
_diffrn_source.source                      SYNCHROTRON 
_diffrn_source.type                        'ESRF BEAMLINE BM16' 
_diffrn_source.pdbx_synchrotron_site       ESRF 
_diffrn_source.pdbx_synchrotron_beamline   BM16 
_diffrn_source.pdbx_wavelength             ? 
_diffrn_source.pdbx_wavelength_list        0.9796 
# 
_reflns.entry_id                     4HW1 
_reflns.observed_criterion_sigma_I   ? 
_reflns.observed_criterion_sigma_F   ? 
_reflns.d_resolution_low             24.36 
_reflns.d_resolution_high            3.099 
_reflns.number_obs                   2433 
_reflns.number_all                   2435 
_reflns.percent_possible_obs         99.6 
_reflns.pdbx_Rmerge_I_obs            0.184 
_reflns.pdbx_Rsym_value              ? 
_reflns.pdbx_netI_over_sigmaI        9.7952 
_reflns.B_iso_Wilson_estimate        58.7 
_reflns.pdbx_redundancy              10.25 
_reflns.R_free_details               ? 
_reflns.limit_h_max                  ? 
_reflns.limit_h_min                  ? 
_reflns.limit_k_max                  ? 
_reflns.limit_k_min                  ? 
_reflns.limit_l_max                  ? 
_reflns.limit_l_min                  ? 
_reflns.observed_criterion_F_max     ? 
_reflns.observed_criterion_F_min     ? 
_reflns.pdbx_chi_squared             ? 
_reflns.pdbx_scaling_rejects         ? 
_reflns.pdbx_ordinal                 1 
_reflns.pdbx_diffrn_id               1 
# 
loop_
_reflns_shell.d_res_high 
_reflns_shell.d_res_low 
_reflns_shell.percent_possible_all 
_reflns_shell.Rmerge_I_obs 
_reflns_shell.pdbx_Rsym_value 
_reflns_shell.meanI_over_sigI_obs 
_reflns_shell.pdbx_redundancy 
_reflns_shell.percent_possible_obs 
_reflns_shell.number_unique_all 
_reflns_shell.number_measured_all 
_reflns_shell.number_measured_obs 
_reflns_shell.number_unique_obs 
_reflns_shell.pdbx_chi_squared 
_reflns_shell.pdbx_ordinal 
_reflns_shell.pdbx_diffrn_id 
3.10 3.27  98.99  0.55 ? ? 9.75  ? 344 ? ? ? ? 1  1 
3.27 3.46  99.66  0.80 ? ? 10.74 ? 319 ? ? ? ? 2  1 
3.46 3.70  100.00 0.48 ? ? 10.49 ? 315 ? ? ? ? 3  1 
3.70 4.00  100.00 0.50 ? ? 10.65 ? 292 ? ? ? ? 4  1 
4.00 4.38  100.00 0.30 ? ? 10.55 ? 270 ? ? ? ? 5  1 
4.38 4.90  100.00 0.17 ? ? 10.54 ? 243 ? ? ? ? 6  1 
4.90 5.66  100.00 0.12 ? ? 10.27 ? 226 ? ? ? ? 7  1 
5.66 6.93  100.00 0.08 ? ? 9.86  ? 185 ? ? ? ? 8  1 
6.93 9.80  100.00 0.05 ? ? 9.58  ? 151 ? ? ? ? 9  1 
9.80 24.36 93.65  0.04 ? ? 8.30  ? 88  ? ? ? ? 10 1 
# 
_refine.entry_id                                 4HW1 
_refine.ls_number_reflns_obs                     2311 
_refine.ls_number_reflns_all                     2435 
_refine.pdbx_ls_sigma_I                          ? 
_refine.pdbx_ls_sigma_F                          . 
_refine.pdbx_data_cutoff_high_absF               ? 
_refine.pdbx_data_cutoff_low_absF                ? 
_refine.pdbx_data_cutoff_high_rms_absF           ? 
_refine.ls_d_res_low                             24.36 
_refine.ls_d_res_high                            3.10 
_refine.ls_percent_reflns_obs                    99.42 
_refine.ls_R_factor_obs                          0.26262 
_refine.ls_R_factor_all                          ? 
_refine.ls_R_factor_R_work                       0.26196 
_refine.ls_R_factor_R_free                       0.27659 
_refine.ls_R_factor_R_free_error                 ? 
_refine.ls_R_factor_R_free_error_details         ? 
_refine.ls_percent_reflns_R_free                 4.5 
_refine.ls_number_reflns_R_free                  109 
_refine.ls_number_parameters                     ? 
_refine.ls_number_restraints                     ? 
_refine.occupancy_min                            ? 
_refine.occupancy_max                            ? 
_refine.correlation_coeff_Fo_to_Fc               0.936 
_refine.correlation_coeff_Fo_to_Fc_free          0.931 
_refine.B_iso_mean                               55.486 
_refine.aniso_B[1][1]                            -7.64 
_refine.aniso_B[2][2]                            4.69 
_refine.aniso_B[3][3]                            2.94 
_refine.aniso_B[1][2]                            -0.00 
_refine.aniso_B[1][3]                            0.00 
_refine.aniso_B[2][3]                            0.00 
_refine.solvent_model_details                    MASK 
_refine.solvent_model_param_ksol                 ? 
_refine.solvent_model_param_bsol                 ? 
_refine.pdbx_solvent_vdw_probe_radii             1.20 
_refine.pdbx_solvent_ion_probe_radii             0.80 
_refine.pdbx_solvent_shrinkage_radii             0.80 
_refine.pdbx_ls_cross_valid_method               THROUGHOUT 
_refine.details                                  'HYDROGENS HAVE BEEN ADDED IN THE RIDING POSITIONS' 
_refine.pdbx_starting_model                      'theoretic model of B-DNA' 
_refine.pdbx_method_to_determine_struct          'MOLECULAR REPLACEMENT' 
_refine.pdbx_isotropic_thermal_model             ? 
_refine.pdbx_stereochemistry_target_values       'MAXIMUM LIKELIHOOD' 
_refine.pdbx_stereochem_target_val_spec_case     ? 
_refine.pdbx_R_Free_selection_details            RANDOM 
_refine.pdbx_overall_ESU_R_Free                  0.570 
_refine.overall_SU_ML                            ? 
_refine.overall_SU_B                             ? 
_refine.overall_SU_R_Cruickshank_DPI             ? 
_refine.ls_redundancy_reflns_obs                 ? 
_refine.B_iso_min                                ? 
_refine.B_iso_max                                ? 
_refine.overall_SU_R_free                        ? 
_refine.ls_wR_factor_R_free                      ? 
_refine.ls_wR_factor_R_work                      ? 
_refine.overall_FOM_free_R_set                   ? 
_refine.overall_FOM_work_R_set                   ? 
_refine.pdbx_overall_ESU_R                       ? 
_refine.pdbx_overall_phase_error                 ? 
_refine.pdbx_diffrn_id                           1 
_refine.pdbx_refine_id                           'X-RAY DIFFRACTION' 
_refine.pdbx_TLS_residual_ADP_flag               ? 
_refine.pdbx_overall_SU_R_free_Cruickshank_DPI   ? 
_refine.pdbx_overall_SU_R_Blow_DPI               ? 
_refine.pdbx_overall_SU_R_free_Blow_DPI          ? 
# 
_refine_hist.pdbx_refine_id                   'X-RAY DIFFRACTION' 
_refine_hist.cycle_id                         LAST 
_refine_hist.pdbx_number_atoms_protein        0 
_refine_hist.pdbx_number_atoms_nucleic_acid   972 
_refine_hist.pdbx_number_atoms_ligand         1 
_refine_hist.number_atoms_solvent             14 
_refine_hist.number_atoms_total               987 
_refine_hist.d_res_high                       3.10 
_refine_hist.d_res_low                        24.36 
# 
loop_
_refine_ls_restr.type 
_refine_ls_restr.dev_ideal 
_refine_ls_restr.dev_ideal_target 
_refine_ls_restr.weight 
_refine_ls_restr.number 
_refine_ls_restr.pdbx_restraint_function 
_refine_ls_restr.pdbx_refine_id 
r_bond_refined_d             0.007  0.011  ? 1088 ? 'X-RAY DIFFRACTION' 
r_bond_other_d               0.001  0.020  ? 556  ? 'X-RAY DIFFRACTION' 
r_angle_refined_deg          1.040  1.188  ? 1672 ? 'X-RAY DIFFRACTION' 
r_angle_other_deg            6.478  3.000  ? 1324 ? 'X-RAY DIFFRACTION' 
r_dihedral_angle_1_deg       52.716 20.000 ? 232  ? 'X-RAY DIFFRACTION' 
r_dihedral_angle_2_deg       ?      ?      ? ?    ? 'X-RAY DIFFRACTION' 
r_dihedral_angle_3_deg       33.541 20.000 ? 192  ? 'X-RAY DIFFRACTION' 
r_dihedral_angle_4_deg       ?      ?      ? ?    ? 'X-RAY DIFFRACTION' 
r_chiral_restr               0.036  0.200  ? 144  ? 'X-RAY DIFFRACTION' 
r_gen_planes_refined         0.001  0.020  ? 544  ? 'X-RAY DIFFRACTION' 
r_gen_planes_other           0.002  0.020  ? 184  ? 'X-RAY DIFFRACTION' 
r_nbd_refined                ?      ?      ? ?    ? 'X-RAY DIFFRACTION' 
r_nbd_other                  ?      ?      ? ?    ? 'X-RAY DIFFRACTION' 
r_nbtor_refined              ?      ?      ? ?    ? 'X-RAY DIFFRACTION' 
r_nbtor_other                ?      ?      ? ?    ? 'X-RAY DIFFRACTION' 
r_xyhbond_nbd_refined        ?      ?      ? ?    ? 'X-RAY DIFFRACTION' 
r_xyhbond_nbd_other          ?      ?      ? ?    ? 'X-RAY DIFFRACTION' 
r_metal_ion_refined          ?      ?      ? ?    ? 'X-RAY DIFFRACTION' 
r_metal_ion_other            ?      ?      ? ?    ? 'X-RAY DIFFRACTION' 
r_symmetry_vdw_refined       ?      ?      ? ?    ? 'X-RAY DIFFRACTION' 
r_symmetry_vdw_other         ?      ?      ? ?    ? 'X-RAY DIFFRACTION' 
r_symmetry_hbond_refined     ?      ?      ? ?    ? 'X-RAY DIFFRACTION' 
r_symmetry_hbond_other       ?      ?      ? ?    ? 'X-RAY DIFFRACTION' 
r_symmetry_metal_ion_refined ?      ?      ? ?    ? 'X-RAY DIFFRACTION' 
r_symmetry_metal_ion_other   ?      ?      ? ?    ? 'X-RAY DIFFRACTION' 
r_mcbond_it                  ?      ?      ? ?    ? 'X-RAY DIFFRACTION' 
r_mcbond_other               ?      ?      ? ?    ? 'X-RAY DIFFRACTION' 
r_mcangle_it                 ?      ?      ? ?    ? 'X-RAY DIFFRACTION' 
r_scbond_it                  ?      ?      ? ?    ? 'X-RAY DIFFRACTION' 
r_scangle_it                 ?      ?      ? ?    ? 'X-RAY DIFFRACTION' 
r_rigid_bond_restr           ?      ?      ? ?    ? 'X-RAY DIFFRACTION' 
r_sphericity_free            ?      ?      ? ?    ? 'X-RAY DIFFRACTION' 
r_sphericity_bonded          ?      ?      ? ?    ? 'X-RAY DIFFRACTION' 
# 
_refine_ls_shell.pdbx_total_number_of_bins_used   20 
_refine_ls_shell.d_res_high                       3.099 
_refine_ls_shell.d_res_low                        3.179 
_refine_ls_shell.number_reflns_R_work             162 
_refine_ls_shell.R_factor_R_work                  0.380 
_refine_ls_shell.percent_reflns_obs               97.77 
_refine_ls_shell.R_factor_R_free                  0.651 
_refine_ls_shell.R_factor_R_free_error            ? 
_refine_ls_shell.percent_reflns_R_free            ? 
_refine_ls_shell.number_reflns_R_free             13 
_refine_ls_shell.number_reflns_all                ? 
_refine_ls_shell.R_factor_all                     ? 
_refine_ls_shell.number_reflns_obs                ? 
_refine_ls_shell.redundancy_reflns_obs            ? 
_refine_ls_shell.pdbx_refine_id                   'X-RAY DIFFRACTION' 
# 
_struct.entry_id                  4HW1 
_struct.title                     'Multiple Crystal structures of an all-AT DNA dodecamer stabilized by weak interactions.' 
_struct.pdbx_model_details        ? 
_struct.pdbx_CASP_flag            ? 
_struct.pdbx_model_type_details   ? 
# 
_struct_keywords.entry_id        4HW1 
_struct_keywords.pdbx_keywords   DNA 
_struct_keywords.text            'Oligonucleotide, weak interactions, B form DNA, DNA' 
# 
loop_
_struct_asym.id 
_struct_asym.pdbx_blank_PDB_chainid_flag 
_struct_asym.pdbx_modified 
_struct_asym.entity_id 
_struct_asym.details 
A N N 1 ? 
B N N 1 ? 
C N N 1 ? 
D N N 1 ? 
E N N 2 ? 
F N N 3 ? 
G N N 3 ? 
H N N 3 ? 
I N N 3 ? 
# 
_struct_ref.id                         1 
_struct_ref.db_name                    PDB 
_struct_ref.db_code                    4HW1 
_struct_ref.pdbx_db_accession          4HW1 
_struct_ref.entity_id                  1 
_struct_ref.pdbx_align_begin           ? 
_struct_ref.pdbx_seq_one_letter_code   AATAAATTTATT 
_struct_ref.pdbx_db_isoform            ? 
# 
loop_
_struct_ref_seq.align_id 
_struct_ref_seq.ref_id 
_struct_ref_seq.pdbx_PDB_id_code 
_struct_ref_seq.pdbx_strand_id 
_struct_ref_seq.seq_align_beg 
_struct_ref_seq.pdbx_seq_align_beg_ins_code 
_struct_ref_seq.seq_align_end 
_struct_ref_seq.pdbx_seq_align_end_ins_code 
_struct_ref_seq.pdbx_db_accession 
_struct_ref_seq.db_align_beg 
_struct_ref_seq.pdbx_db_align_beg_ins_code 
_struct_ref_seq.db_align_end 
_struct_ref_seq.pdbx_db_align_end_ins_code 
_struct_ref_seq.pdbx_auth_seq_align_beg 
_struct_ref_seq.pdbx_auth_seq_align_end 
1 1 4HW1 A 1 ? 12 ? 4HW1 1  ? 12 ? 1  12 
2 1 4HW1 B 1 ? 12 ? 4HW1 13 ? 24 ? 13 24 
3 1 4HW1 C 1 ? 12 ? 4HW1 1  ? 12 ? 1  12 
4 1 4HW1 D 1 ? 12 ? 4HW1 13 ? 24 ? 13 24 
# 
loop_
_pdbx_struct_assembly.id 
_pdbx_struct_assembly.details 
_pdbx_struct_assembly.method_details 
_pdbx_struct_assembly.oligomeric_details 
_pdbx_struct_assembly.oligomeric_count 
1 author_and_software_defined_assembly PISA dimeric 2 
2 author_and_software_defined_assembly PISA dimeric 2 
# 
loop_
_pdbx_struct_assembly_prop.biol_id 
_pdbx_struct_assembly_prop.type 
_pdbx_struct_assembly_prop.value 
_pdbx_struct_assembly_prop.details 
1 'ABSA (A^2)' 1050 ? 
1 MORE         -10  ? 
1 'SSA (A^2)'  4710 ? 
2 'ABSA (A^2)' 1000 ? 
2 MORE         -7   ? 
2 'SSA (A^2)'  4640 ? 
# 
loop_
_pdbx_struct_assembly_gen.assembly_id 
_pdbx_struct_assembly_gen.oper_expression 
_pdbx_struct_assembly_gen.asym_id_list 
1 1 A,B,E,F,G 
2 1 C,D,H,I   
# 
_pdbx_struct_oper_list.id                   1 
_pdbx_struct_oper_list.type                 'identity operation' 
_pdbx_struct_oper_list.name                 1_555 
_pdbx_struct_oper_list.symmetry_operation   x,y,z 
_pdbx_struct_oper_list.matrix[1][1]         1.0000000000 
_pdbx_struct_oper_list.matrix[1][2]         0.0000000000 
_pdbx_struct_oper_list.matrix[1][3]         0.0000000000 
_pdbx_struct_oper_list.vector[1]            0.0000000000 
_pdbx_struct_oper_list.matrix[2][1]         0.0000000000 
_pdbx_struct_oper_list.matrix[2][2]         1.0000000000 
_pdbx_struct_oper_list.matrix[2][3]         0.0000000000 
_pdbx_struct_oper_list.vector[2]            0.0000000000 
_pdbx_struct_oper_list.matrix[3][1]         0.0000000000 
_pdbx_struct_oper_list.matrix[3][2]         0.0000000000 
_pdbx_struct_oper_list.matrix[3][3]         1.0000000000 
_pdbx_struct_oper_list.vector[3]            0.0000000000 
# 
_struct_biol.id        1 
_struct_biol.details   ? 
# 
loop_
_struct_conn.id 
_struct_conn.conn_type_id 
_struct_conn.pdbx_leaving_atom_flag 
_struct_conn.pdbx_PDB_id 
_struct_conn.ptnr1_label_asym_id 
_struct_conn.ptnr1_label_comp_id 
_struct_conn.ptnr1_label_seq_id 
_struct_conn.ptnr1_label_atom_id 
_struct_conn.pdbx_ptnr1_label_alt_id 
_struct_conn.pdbx_ptnr1_PDB_ins_code 
_struct_conn.pdbx_ptnr1_standard_comp_id 
_struct_conn.ptnr1_symmetry 
_struct_conn.ptnr2_label_asym_id 
_struct_conn.ptnr2_label_comp_id 
_struct_conn.ptnr2_label_seq_id 
_struct_conn.ptnr2_label_atom_id 
_struct_conn.pdbx_ptnr2_label_alt_id 
_struct_conn.pdbx_ptnr2_PDB_ins_code 
_struct_conn.ptnr1_auth_asym_id 
_struct_conn.ptnr1_auth_comp_id 
_struct_conn.ptnr1_auth_seq_id 
_struct_conn.ptnr2_auth_asym_id 
_struct_conn.ptnr2_auth_comp_id 
_struct_conn.ptnr2_auth_seq_id 
_struct_conn.ptnr2_symmetry 
_struct_conn.pdbx_ptnr3_label_atom_id 
_struct_conn.pdbx_ptnr3_label_seq_id 
_struct_conn.pdbx_ptnr3_label_comp_id 
_struct_conn.pdbx_ptnr3_label_asym_id 
_struct_conn.pdbx_ptnr3_label_alt_id 
_struct_conn.pdbx_ptnr3_PDB_ins_code 
_struct_conn.details 
_struct_conn.pdbx_dist_value 
_struct_conn.pdbx_value_order 
_struct_conn.pdbx_role 
metalc1  metalc ? ? E MG .  MG ? ? ? 1_555 G HOH .  O  ? ? B MG 101 B HOH 201 1_555 ? ? ? ? ? ? ?            2.191 ? ? 
metalc2  metalc ? ? E MG .  MG ? ? ? 1_555 G HOH .  O  ? ? B MG 101 B HOH 202 1_555 ? ? ? ? ? ? ?            2.377 ? ? 
metalc3  metalc ? ? E MG .  MG ? ? ? 1_555 H HOH .  O  ? ? B MG 101 C HOH 101 1_555 ? ? ? ? ? ? ?            2.429 ? ? 
hydrog1  hydrog ? ? A DA 1  N1 ? ? ? 1_555 B DT  12 N3 ? ? A DA 1   B DT  24  1_555 ? ? ? ? ? ? WATSON-CRICK ?     ? ? 
hydrog2  hydrog ? ? A DA 1  N6 ? ? ? 1_555 B DT  12 O4 ? ? A DA 1   B DT  24  1_555 ? ? ? ? ? ? WATSON-CRICK ?     ? ? 
hydrog3  hydrog ? ? A DA 2  N1 ? ? ? 1_555 B DT  11 N3 ? ? A DA 2   B DT  23  1_555 ? ? ? ? ? ? WATSON-CRICK ?     ? ? 
hydrog4  hydrog ? ? A DA 2  N6 ? ? ? 1_555 B DT  11 O4 ? ? A DA 2   B DT  23  1_555 ? ? ? ? ? ? WATSON-CRICK ?     ? ? 
hydrog5  hydrog ? ? A DT 3  N3 ? ? ? 1_555 B DA  10 N1 ? ? A DT 3   B DA  22  1_555 ? ? ? ? ? ? WATSON-CRICK ?     ? ? 
hydrog6  hydrog ? ? A DT 3  O4 ? ? ? 1_555 B DA  10 N6 ? ? A DT 3   B DA  22  1_555 ? ? ? ? ? ? WATSON-CRICK ?     ? ? 
hydrog7  hydrog ? ? A DA 4  N1 ? ? ? 1_555 B DT  9  N3 ? ? A DA 4   B DT  21  1_555 ? ? ? ? ? ? WATSON-CRICK ?     ? ? 
hydrog8  hydrog ? ? A DA 4  N6 ? ? ? 1_555 B DT  9  O4 ? ? A DA 4   B DT  21  1_555 ? ? ? ? ? ? WATSON-CRICK ?     ? ? 
hydrog9  hydrog ? ? A DA 5  N1 ? ? ? 1_555 B DT  8  N3 ? ? A DA 5   B DT  20  1_555 ? ? ? ? ? ? WATSON-CRICK ?     ? ? 
hydrog10 hydrog ? ? A DA 5  N6 ? ? ? 1_555 B DT  8  O4 ? ? A DA 5   B DT  20  1_555 ? ? ? ? ? ? WATSON-CRICK ?     ? ? 
hydrog11 hydrog ? ? A DA 6  N1 ? ? ? 1_555 B DT  7  N3 ? ? A DA 6   B DT  19  1_555 ? ? ? ? ? ? WATSON-CRICK ?     ? ? 
hydrog12 hydrog ? ? A DA 6  N6 ? ? ? 1_555 B DT  7  O4 ? ? A DA 6   B DT  19  1_555 ? ? ? ? ? ? WATSON-CRICK ?     ? ? 
hydrog13 hydrog ? ? A DT 7  O4 ? ? ? 1_555 B DA  5  N6 ? ? A DT 7   B DA  17  1_555 ? ? ? ? ? ? 'DT-DA PAIR' ?     ? ? 
hydrog14 hydrog ? ? A DT 7  N3 ? ? ? 1_555 B DA  6  N1 ? ? A DT 7   B DA  18  1_555 ? ? ? ? ? ? WATSON-CRICK ?     ? ? 
hydrog15 hydrog ? ? A DT 7  O4 ? ? ? 1_555 B DA  6  N6 ? ? A DT 7   B DA  18  1_555 ? ? ? ? ? ? WATSON-CRICK ?     ? ? 
hydrog16 hydrog ? ? A DT 8  N3 ? ? ? 1_555 B DA  5  N1 ? ? A DT 8   B DA  17  1_555 ? ? ? ? ? ? WATSON-CRICK ?     ? ? 
hydrog17 hydrog ? ? A DT 8  O4 ? ? ? 1_555 B DA  5  N6 ? ? A DT 8   B DA  17  1_555 ? ? ? ? ? ? WATSON-CRICK ?     ? ? 
hydrog18 hydrog ? ? A DT 9  N3 ? ? ? 1_555 B DA  4  N1 ? ? A DT 9   B DA  16  1_555 ? ? ? ? ? ? WATSON-CRICK ?     ? ? 
hydrog19 hydrog ? ? A DT 9  O4 ? ? ? 1_555 B DA  4  N6 ? ? A DT 9   B DA  16  1_555 ? ? ? ? ? ? WATSON-CRICK ?     ? ? 
hydrog20 hydrog ? ? A DA 10 N1 ? ? ? 1_555 B DT  3  N3 ? ? A DA 10  B DT  15  1_555 ? ? ? ? ? ? WATSON-CRICK ?     ? ? 
hydrog21 hydrog ? ? A DA 10 N6 ? ? ? 1_555 B DT  3  O4 ? ? A DA 10  B DT  15  1_555 ? ? ? ? ? ? WATSON-CRICK ?     ? ? 
hydrog22 hydrog ? ? A DT 11 N3 ? ? ? 1_555 B DA  2  N1 ? ? A DT 11  B DA  14  1_555 ? ? ? ? ? ? WATSON-CRICK ?     ? ? 
hydrog23 hydrog ? ? A DT 11 O4 ? ? ? 1_555 B DA  2  N6 ? ? A DT 11  B DA  14  1_555 ? ? ? ? ? ? WATSON-CRICK ?     ? ? 
hydrog24 hydrog ? ? A DT 12 N3 ? ? ? 1_555 B DA  1  N1 ? ? A DT 12  B DA  13  1_555 ? ? ? ? ? ? WATSON-CRICK ?     ? ? 
hydrog25 hydrog ? ? A DT 12 O4 ? ? ? 1_555 B DA  1  N6 ? ? A DT 12  B DA  13  1_555 ? ? ? ? ? ? WATSON-CRICK ?     ? ? 
hydrog26 hydrog ? ? C DA 1  N1 ? ? ? 1_555 D DT  12 N3 ? ? C DA 1   D DT  24  1_555 ? ? ? ? ? ? WATSON-CRICK ?     ? ? 
hydrog27 hydrog ? ? C DA 1  N6 ? ? ? 1_555 D DT  12 O4 ? ? C DA 1   D DT  24  1_555 ? ? ? ? ? ? WATSON-CRICK ?     ? ? 
hydrog28 hydrog ? ? C DA 2  N1 ? ? ? 1_555 D DT  11 N3 ? ? C DA 2   D DT  23  1_555 ? ? ? ? ? ? WATSON-CRICK ?     ? ? 
hydrog29 hydrog ? ? C DA 2  N6 ? ? ? 1_555 D DT  11 O4 ? ? C DA 2   D DT  23  1_555 ? ? ? ? ? ? WATSON-CRICK ?     ? ? 
hydrog30 hydrog ? ? C DT 3  N3 ? ? ? 1_555 D DA  10 N1 ? ? C DT 3   D DA  22  1_555 ? ? ? ? ? ? WATSON-CRICK ?     ? ? 
hydrog31 hydrog ? ? C DT 3  O4 ? ? ? 1_555 D DA  10 N6 ? ? C DT 3   D DA  22  1_555 ? ? ? ? ? ? WATSON-CRICK ?     ? ? 
hydrog32 hydrog ? ? C DA 4  N1 ? ? ? 1_555 D DT  9  N3 ? ? C DA 4   D DT  21  1_555 ? ? ? ? ? ? WATSON-CRICK ?     ? ? 
hydrog33 hydrog ? ? C DA 4  N6 ? ? ? 1_555 D DT  9  O4 ? ? C DA 4   D DT  21  1_555 ? ? ? ? ? ? WATSON-CRICK ?     ? ? 
hydrog34 hydrog ? ? C DA 5  N1 ? ? ? 1_555 D DT  8  N3 ? ? C DA 5   D DT  20  1_555 ? ? ? ? ? ? WATSON-CRICK ?     ? ? 
hydrog35 hydrog ? ? C DA 5  N6 ? ? ? 1_555 D DT  8  O4 ? ? C DA 5   D DT  20  1_555 ? ? ? ? ? ? WATSON-CRICK ?     ? ? 
hydrog36 hydrog ? ? C DA 6  N1 ? ? ? 1_555 D DT  7  N3 ? ? C DA 6   D DT  19  1_555 ? ? ? ? ? ? WATSON-CRICK ?     ? ? 
hydrog37 hydrog ? ? C DA 6  N6 ? ? ? 1_555 D DT  7  O4 ? ? C DA 6   D DT  19  1_555 ? ? ? ? ? ? WATSON-CRICK ?     ? ? 
hydrog38 hydrog ? ? C DT 7  N3 ? ? ? 1_555 D DA  6  N1 ? ? C DT 7   D DA  18  1_555 ? ? ? ? ? ? WATSON-CRICK ?     ? ? 
hydrog39 hydrog ? ? C DT 7  O4 ? ? ? 1_555 D DA  6  N6 ? ? C DT 7   D DA  18  1_555 ? ? ? ? ? ? WATSON-CRICK ?     ? ? 
hydrog40 hydrog ? ? C DT 8  N3 ? ? ? 1_555 D DA  5  N1 ? ? C DT 8   D DA  17  1_555 ? ? ? ? ? ? WATSON-CRICK ?     ? ? 
hydrog41 hydrog ? ? C DT 8  O4 ? ? ? 1_555 D DA  5  N6 ? ? C DT 8   D DA  17  1_555 ? ? ? ? ? ? WATSON-CRICK ?     ? ? 
hydrog42 hydrog ? ? C DT 9  N3 ? ? ? 1_555 D DA  4  N1 ? ? C DT 9   D DA  16  1_555 ? ? ? ? ? ? WATSON-CRICK ?     ? ? 
hydrog43 hydrog ? ? C DT 9  O4 ? ? ? 1_555 D DA  4  N6 ? ? C DT 9   D DA  16  1_555 ? ? ? ? ? ? WATSON-CRICK ?     ? ? 
hydrog44 hydrog ? ? C DA 10 N1 ? ? ? 1_555 D DT  3  N3 ? ? C DA 10  D DT  15  1_555 ? ? ? ? ? ? WATSON-CRICK ?     ? ? 
hydrog45 hydrog ? ? C DA 10 N6 ? ? ? 1_555 D DT  3  O4 ? ? C DA 10  D DT  15  1_555 ? ? ? ? ? ? WATSON-CRICK ?     ? ? 
hydrog46 hydrog ? ? C DT 11 N3 ? ? ? 1_555 D DA  2  N1 ? ? C DT 11  D DA  14  1_555 ? ? ? ? ? ? WATSON-CRICK ?     ? ? 
hydrog47 hydrog ? ? C DT 11 O4 ? ? ? 1_555 D DA  2  N6 ? ? C DT 11  D DA  14  1_555 ? ? ? ? ? ? WATSON-CRICK ?     ? ? 
hydrog48 hydrog ? ? C DT 12 N3 ? ? ? 1_555 D DA  1  N1 ? ? C DT 12  D DA  13  1_555 ? ? ? ? ? ? WATSON-CRICK ?     ? ? 
hydrog49 hydrog ? ? C DT 12 O4 ? ? ? 1_555 D DA  1  N6 ? ? C DT 12  D DA  13  1_555 ? ? ? ? ? ? WATSON-CRICK ?     ? ? 
# 
loop_
_struct_conn_type.id 
_struct_conn_type.criteria 
_struct_conn_type.reference 
metalc ? ? 
hydrog ? ? 
# 
loop_
_pdbx_struct_conn_angle.id 
_pdbx_struct_conn_angle.ptnr1_label_atom_id 
_pdbx_struct_conn_angle.ptnr1_label_alt_id 
_pdbx_struct_conn_angle.ptnr1_label_asym_id 
_pdbx_struct_conn_angle.ptnr1_label_comp_id 
_pdbx_struct_conn_angle.ptnr1_label_seq_id 
_pdbx_struct_conn_angle.ptnr1_auth_atom_id 
_pdbx_struct_conn_angle.ptnr1_auth_asym_id 
_pdbx_struct_conn_angle.ptnr1_auth_comp_id 
_pdbx_struct_conn_angle.ptnr1_auth_seq_id 
_pdbx_struct_conn_angle.ptnr1_PDB_ins_code 
_pdbx_struct_conn_angle.ptnr1_symmetry 
_pdbx_struct_conn_angle.ptnr2_label_atom_id 
_pdbx_struct_conn_angle.ptnr2_label_alt_id 
_pdbx_struct_conn_angle.ptnr2_label_asym_id 
_pdbx_struct_conn_angle.ptnr2_label_comp_id 
_pdbx_struct_conn_angle.ptnr2_label_seq_id 
_pdbx_struct_conn_angle.ptnr2_auth_atom_id 
_pdbx_struct_conn_angle.ptnr2_auth_asym_id 
_pdbx_struct_conn_angle.ptnr2_auth_comp_id 
_pdbx_struct_conn_angle.ptnr2_auth_seq_id 
_pdbx_struct_conn_angle.ptnr2_PDB_ins_code 
_pdbx_struct_conn_angle.ptnr2_symmetry 
_pdbx_struct_conn_angle.ptnr3_label_atom_id 
_pdbx_struct_conn_angle.ptnr3_label_alt_id 
_pdbx_struct_conn_angle.ptnr3_label_asym_id 
_pdbx_struct_conn_angle.ptnr3_label_comp_id 
_pdbx_struct_conn_angle.ptnr3_label_seq_id 
_pdbx_struct_conn_angle.ptnr3_auth_atom_id 
_pdbx_struct_conn_angle.ptnr3_auth_asym_id 
_pdbx_struct_conn_angle.ptnr3_auth_comp_id 
_pdbx_struct_conn_angle.ptnr3_auth_seq_id 
_pdbx_struct_conn_angle.ptnr3_PDB_ins_code 
_pdbx_struct_conn_angle.ptnr3_symmetry 
_pdbx_struct_conn_angle.value 
_pdbx_struct_conn_angle.value_esd 
1 O ? G HOH . ? B HOH 201 ? 1_555 MG ? E MG . ? B MG 101 ? 1_555 O ? G HOH . ? B HOH 202 ? 1_555 79.8 ? 
2 O ? G HOH . ? B HOH 201 ? 1_555 MG ? E MG . ? B MG 101 ? 1_555 O ? H HOH . ? C HOH 101 ? 1_555 72.0 ? 
3 O ? G HOH . ? B HOH 202 ? 1_555 MG ? E MG . ? B MG 101 ? 1_555 O ? H HOH . ? C HOH 101 ? 1_555 97.2 ? 
# 
_struct_site.id                   AC1 
_struct_site.pdbx_evidence_code   Software 
_struct_site.pdbx_auth_asym_id    B 
_struct_site.pdbx_auth_comp_id    MG 
_struct_site.pdbx_auth_seq_id     101 
_struct_site.pdbx_auth_ins_code   ? 
_struct_site.pdbx_num_residues    4 
_struct_site.details              'BINDING SITE FOR RESIDUE MG B 101' 
# 
loop_
_struct_site_gen.id 
_struct_site_gen.site_id 
_struct_site_gen.pdbx_num_res 
_struct_site_gen.label_comp_id 
_struct_site_gen.label_asym_id 
_struct_site_gen.label_seq_id 
_struct_site_gen.pdbx_auth_ins_code 
_struct_site_gen.auth_comp_id 
_struct_site_gen.auth_asym_id 
_struct_site_gen.auth_seq_id 
_struct_site_gen.label_atom_id 
_struct_site_gen.label_alt_id 
_struct_site_gen.symmetry 
_struct_site_gen.details 
1 AC1 4 DA  B 4 ? DA  B 16  . ? 1_555 ? 
2 AC1 4 HOH G . ? HOH B 201 . ? 1_555 ? 
3 AC1 4 HOH G . ? HOH B 202 . ? 1_555 ? 
4 AC1 4 HOH H . ? HOH C 101 . ? 1_555 ? 
# 
loop_
_chem_comp_atom.comp_id 
_chem_comp_atom.atom_id 
_chem_comp_atom.type_symbol 
_chem_comp_atom.pdbx_aromatic_flag 
_chem_comp_atom.pdbx_stereo_config 
_chem_comp_atom.pdbx_ordinal 
DA  OP3    O  N N 1  
DA  P      P  N N 2  
DA  OP1    O  N N 3  
DA  OP2    O  N N 4  
DA  "O5'"  O  N N 5  
DA  "C5'"  C  N N 6  
DA  "C4'"  C  N R 7  
DA  "O4'"  O  N N 8  
DA  "C3'"  C  N S 9  
DA  "O3'"  O  N N 10 
DA  "C2'"  C  N N 11 
DA  "C1'"  C  N R 12 
DA  N9     N  Y N 13 
DA  C8     C  Y N 14 
DA  N7     N  Y N 15 
DA  C5     C  Y N 16 
DA  C6     C  Y N 17 
DA  N6     N  N N 18 
DA  N1     N  Y N 19 
DA  C2     C  Y N 20 
DA  N3     N  Y N 21 
DA  C4     C  Y N 22 
DA  HOP3   H  N N 23 
DA  HOP2   H  N N 24 
DA  "H5'"  H  N N 25 
DA  "H5''" H  N N 26 
DA  "H4'"  H  N N 27 
DA  "H3'"  H  N N 28 
DA  "HO3'" H  N N 29 
DA  "H2'"  H  N N 30 
DA  "H2''" H  N N 31 
DA  "H1'"  H  N N 32 
DA  H8     H  N N 33 
DA  H61    H  N N 34 
DA  H62    H  N N 35 
DA  H2     H  N N 36 
DT  OP3    O  N N 37 
DT  P      P  N N 38 
DT  OP1    O  N N 39 
DT  OP2    O  N N 40 
DT  "O5'"  O  N N 41 
DT  "C5'"  C  N N 42 
DT  "C4'"  C  N R 43 
DT  "O4'"  O  N N 44 
DT  "C3'"  C  N S 45 
DT  "O3'"  O  N N 46 
DT  "C2'"  C  N N 47 
DT  "C1'"  C  N R 48 
DT  N1     N  N N 49 
DT  C2     C  N N 50 
DT  O2     O  N N 51 
DT  N3     N  N N 52 
DT  C4     C  N N 53 
DT  O4     O  N N 54 
DT  C5     C  N N 55 
DT  C7     C  N N 56 
DT  C6     C  N N 57 
DT  HOP3   H  N N 58 
DT  HOP2   H  N N 59 
DT  "H5'"  H  N N 60 
DT  "H5''" H  N N 61 
DT  "H4'"  H  N N 62 
DT  "H3'"  H  N N 63 
DT  "HO3'" H  N N 64 
DT  "H2'"  H  N N 65 
DT  "H2''" H  N N 66 
DT  "H1'"  H  N N 67 
DT  H3     H  N N 68 
DT  H71    H  N N 69 
DT  H72    H  N N 70 
DT  H73    H  N N 71 
DT  H6     H  N N 72 
HOH O      O  N N 73 
HOH H1     H  N N 74 
HOH H2     H  N N 75 
MG  MG     MG N N 76 
# 
loop_
_chem_comp_bond.comp_id 
_chem_comp_bond.atom_id_1 
_chem_comp_bond.atom_id_2 
_chem_comp_bond.value_order 
_chem_comp_bond.pdbx_aromatic_flag 
_chem_comp_bond.pdbx_stereo_config 
_chem_comp_bond.pdbx_ordinal 
DA  OP3   P      sing N N 1  
DA  OP3   HOP3   sing N N 2  
DA  P     OP1    doub N N 3  
DA  P     OP2    sing N N 4  
DA  P     "O5'"  sing N N 5  
DA  OP2   HOP2   sing N N 6  
DA  "O5'" "C5'"  sing N N 7  
DA  "C5'" "C4'"  sing N N 8  
DA  "C5'" "H5'"  sing N N 9  
DA  "C5'" "H5''" sing N N 10 
DA  "C4'" "O4'"  sing N N 11 
DA  "C4'" "C3'"  sing N N 12 
DA  "C4'" "H4'"  sing N N 13 
DA  "O4'" "C1'"  sing N N 14 
DA  "C3'" "O3'"  sing N N 15 
DA  "C3'" "C2'"  sing N N 16 
DA  "C3'" "H3'"  sing N N 17 
DA  "O3'" "HO3'" sing N N 18 
DA  "C2'" "C1'"  sing N N 19 
DA  "C2'" "H2'"  sing N N 20 
DA  "C2'" "H2''" sing N N 21 
DA  "C1'" N9     sing N N 22 
DA  "C1'" "H1'"  sing N N 23 
DA  N9    C8     sing Y N 24 
DA  N9    C4     sing Y N 25 
DA  C8    N7     doub Y N 26 
DA  C8    H8     sing N N 27 
DA  N7    C5     sing Y N 28 
DA  C5    C6     sing Y N 29 
DA  C5    C4     doub Y N 30 
DA  C6    N6     sing N N 31 
DA  C6    N1     doub Y N 32 
DA  N6    H61    sing N N 33 
DA  N6    H62    sing N N 34 
DA  N1    C2     sing Y N 35 
DA  C2    N3     doub Y N 36 
DA  C2    H2     sing N N 37 
DA  N3    C4     sing Y N 38 
DT  OP3   P      sing N N 39 
DT  OP3   HOP3   sing N N 40 
DT  P     OP1    doub N N 41 
DT  P     OP2    sing N N 42 
DT  P     "O5'"  sing N N 43 
DT  OP2   HOP2   sing N N 44 
DT  "O5'" "C5'"  sing N N 45 
DT  "C5'" "C4'"  sing N N 46 
DT  "C5'" "H5'"  sing N N 47 
DT  "C5'" "H5''" sing N N 48 
DT  "C4'" "O4'"  sing N N 49 
DT  "C4'" "C3'"  sing N N 50 
DT  "C4'" "H4'"  sing N N 51 
DT  "O4'" "C1'"  sing N N 52 
DT  "C3'" "O3'"  sing N N 53 
DT  "C3'" "C2'"  sing N N 54 
DT  "C3'" "H3'"  sing N N 55 
DT  "O3'" "HO3'" sing N N 56 
DT  "C2'" "C1'"  sing N N 57 
DT  "C2'" "H2'"  sing N N 58 
DT  "C2'" "H2''" sing N N 59 
DT  "C1'" N1     sing N N 60 
DT  "C1'" "H1'"  sing N N 61 
DT  N1    C2     sing N N 62 
DT  N1    C6     sing N N 63 
DT  C2    O2     doub N N 64 
DT  C2    N3     sing N N 65 
DT  N3    C4     sing N N 66 
DT  N3    H3     sing N N 67 
DT  C4    O4     doub N N 68 
DT  C4    C5     sing N N 69 
DT  C5    C7     sing N N 70 
DT  C5    C6     doub N N 71 
DT  C7    H71    sing N N 72 
DT  C7    H72    sing N N 73 
DT  C7    H73    sing N N 74 
DT  C6    H6     sing N N 75 
HOH O     H1     sing N N 76 
HOH O     H2     sing N N 77 
# 
loop_
_ndb_struct_conf_na.entry_id 
_ndb_struct_conf_na.feature 
4HW1 'double helix'        
4HW1 'b-form double helix' 
# 
loop_
_ndb_struct_na_base_pair.model_number 
_ndb_struct_na_base_pair.i_label_asym_id 
_ndb_struct_na_base_pair.i_label_comp_id 
_ndb_struct_na_base_pair.i_label_seq_id 
_ndb_struct_na_base_pair.i_symmetry 
_ndb_struct_na_base_pair.j_label_asym_id 
_ndb_struct_na_base_pair.j_label_comp_id 
_ndb_struct_na_base_pair.j_label_seq_id 
_ndb_struct_na_base_pair.j_symmetry 
_ndb_struct_na_base_pair.shear 
_ndb_struct_na_base_pair.stretch 
_ndb_struct_na_base_pair.stagger 
_ndb_struct_na_base_pair.buckle 
_ndb_struct_na_base_pair.propeller 
_ndb_struct_na_base_pair.opening 
_ndb_struct_na_base_pair.pair_number 
_ndb_struct_na_base_pair.pair_name 
_ndb_struct_na_base_pair.i_auth_asym_id 
_ndb_struct_na_base_pair.i_auth_seq_id 
_ndb_struct_na_base_pair.i_PDB_ins_code 
_ndb_struct_na_base_pair.j_auth_asym_id 
_ndb_struct_na_base_pair.j_auth_seq_id 
_ndb_struct_na_base_pair.j_PDB_ins_code 
_ndb_struct_na_base_pair.hbond_type_28 
_ndb_struct_na_base_pair.hbond_type_12 
1 A DA 1  1_555 B DT 12 1_555 0.300  -0.183 -0.452 -5.320  -9.286  1.651   1  A_DA1:DT24_B  A 1  ? B 24 ? 20 1 
1 A DA 2  1_555 B DT 11 1_555 0.146  -0.140 0.021  2.425   -10.210 0.419   2  A_DA2:DT23_B  A 2  ? B 23 ? 20 1 
1 A DT 3  1_555 B DA 10 1_555 -0.658 -0.110 0.014  10.987  -17.212 -3.318  3  A_DT3:DA22_B  A 3  ? B 22 ? 20 1 
1 A DA 4  1_555 B DT 9  1_555 -0.019 -0.163 0.475  10.155  -17.571 -4.108  4  A_DA4:DT21_B  A 4  ? B 21 ? 20 1 
1 A DA 5  1_555 B DT 8  1_555 -0.460 -0.333 0.527  10.776  -23.514 -5.007  5  A_DA5:DT20_B  A 5  ? B 20 ? 20 1 
1 A DA 6  1_555 B DT 7  1_555 0.680  -0.181 0.440  -0.295  -12.989 -1.483  6  A_DA6:DT19_B  A 6  ? B 19 ? 20 1 
1 A DT 7  1_555 B DA 6  1_555 -0.401 -0.252 0.808  -8.328  -14.479 -3.917  7  A_DT7:DA18_B  A 7  ? B 18 ? 20 1 
1 A DT 8  1_555 B DA 5  1_555 -0.314 -0.096 0.279  -7.751  -26.435 -9.148  8  A_DT8:DA17_B  A 8  ? B 17 ? 20 1 
1 A DT 9  1_555 B DA 4  1_555 -0.165 -0.078 0.731  -20.233 -11.285 -6.685  9  A_DT9:DA16_B  A 9  ? B 16 ? 20 1 
1 A DA 10 1_555 B DT 3  1_555 0.740  -0.115 0.161  -5.350  -10.117 -2.927  10 A_DA10:DT15_B A 10 ? B 15 ? 20 1 
1 A DT 11 1_555 B DA 2  1_555 -1.100 -0.246 0.772  -10.732 -5.172  -1.024  11 A_DT11:DA14_B A 11 ? B 14 ? 20 1 
1 A DT 12 1_555 B DA 1  1_555 0.033  -0.159 -0.271 -10.336 -24.428 1.898   12 A_DT12:DA13_B A 12 ? B 13 ? 20 1 
1 C DA 1  1_555 D DT 12 1_555 -0.855 -0.414 0.102  -1.682  -11.736 0.255   13 C_DA1:DT24_D  C 1  ? D 24 ? 20 1 
1 C DA 2  1_555 D DT 11 1_555 0.447  -0.189 0.702  5.207   -8.034  -0.766  14 C_DA2:DT23_D  C 2  ? D 23 ? 20 1 
1 C DT 3  1_555 D DA 10 1_555 -0.299 -0.264 0.822  3.225   -10.760 -3.360  15 C_DT3:DA22_D  C 3  ? D 22 ? 20 1 
1 C DA 4  1_555 D DT 9  1_555 0.899  -0.183 0.316  11.744  -16.524 -2.016  16 C_DA4:DT21_D  C 4  ? D 21 ? 20 1 
1 C DA 5  1_555 D DT 8  1_555 0.846  -0.096 0.393  8.392   -22.720 -6.446  17 C_DA5:DT20_D  C 5  ? D 20 ? 20 1 
1 C DA 6  1_555 D DT 7  1_555 0.358  -0.177 0.142  7.742   -19.462 1.015   18 C_DA6:DT19_D  C 6  ? D 19 ? 20 1 
1 C DT 7  1_555 D DA 6  1_555 -0.732 -0.157 -0.393 6.667   -20.764 -0.398  19 C_DT7:DA18_D  C 7  ? D 18 ? 20 1 
1 C DT 8  1_555 D DA 5  1_555 -0.831 -0.246 0.781  -8.480  -24.788 -8.380  20 C_DT8:DA17_D  C 8  ? D 17 ? 20 1 
1 C DT 9  1_555 D DA 4  1_555 -0.483 -0.133 0.821  -15.930 -19.020 -10.046 21 C_DT9:DA16_D  C 9  ? D 16 ? 20 1 
1 C DA 10 1_555 D DT 3  1_555 -0.330 -0.204 -0.108 -13.272 2.500   1.633   22 C_DA10:DT15_D C 10 ? D 15 ? 20 1 
1 C DT 11 1_555 D DA 2  1_555 -0.141 -0.094 0.359  -9.235  -5.527  -3.112  23 C_DT11:DA14_D C 11 ? D 14 ? 20 1 
1 C DT 12 1_555 D DA 1  1_555 0.429  -0.250 0.439  -12.844 -11.105 -0.073  24 C_DT12:DA13_D C 12 ? D 13 ? 20 1 
# 
loop_
_ndb_struct_na_base_pair_step.model_number 
_ndb_struct_na_base_pair_step.i_label_asym_id_1 
_ndb_struct_na_base_pair_step.i_label_comp_id_1 
_ndb_struct_na_base_pair_step.i_label_seq_id_1 
_ndb_struct_na_base_pair_step.i_symmetry_1 
_ndb_struct_na_base_pair_step.j_label_asym_id_1 
_ndb_struct_na_base_pair_step.j_label_comp_id_1 
_ndb_struct_na_base_pair_step.j_label_seq_id_1 
_ndb_struct_na_base_pair_step.j_symmetry_1 
_ndb_struct_na_base_pair_step.i_label_asym_id_2 
_ndb_struct_na_base_pair_step.i_label_comp_id_2 
_ndb_struct_na_base_pair_step.i_label_seq_id_2 
_ndb_struct_na_base_pair_step.i_symmetry_2 
_ndb_struct_na_base_pair_step.j_label_asym_id_2 
_ndb_struct_na_base_pair_step.j_label_comp_id_2 
_ndb_struct_na_base_pair_step.j_label_seq_id_2 
_ndb_struct_na_base_pair_step.j_symmetry_2 
_ndb_struct_na_base_pair_step.shift 
_ndb_struct_na_base_pair_step.slide 
_ndb_struct_na_base_pair_step.rise 
_ndb_struct_na_base_pair_step.tilt 
_ndb_struct_na_base_pair_step.roll 
_ndb_struct_na_base_pair_step.twist 
_ndb_struct_na_base_pair_step.x_displacement 
_ndb_struct_na_base_pair_step.y_displacement 
_ndb_struct_na_base_pair_step.helical_rise 
_ndb_struct_na_base_pair_step.inclination 
_ndb_struct_na_base_pair_step.tip 
_ndb_struct_na_base_pair_step.helical_twist 
_ndb_struct_na_base_pair_step.step_number 
_ndb_struct_na_base_pair_step.step_name 
_ndb_struct_na_base_pair_step.i_auth_asym_id_1 
_ndb_struct_na_base_pair_step.i_auth_seq_id_1 
_ndb_struct_na_base_pair_step.i_PDB_ins_code_1 
_ndb_struct_na_base_pair_step.j_auth_asym_id_1 
_ndb_struct_na_base_pair_step.j_auth_seq_id_1 
_ndb_struct_na_base_pair_step.j_PDB_ins_code_1 
_ndb_struct_na_base_pair_step.i_auth_asym_id_2 
_ndb_struct_na_base_pair_step.i_auth_seq_id_2 
_ndb_struct_na_base_pair_step.i_PDB_ins_code_2 
_ndb_struct_na_base_pair_step.j_auth_asym_id_2 
_ndb_struct_na_base_pair_step.j_auth_seq_id_2 
_ndb_struct_na_base_pair_step.j_PDB_ins_code_2 
1 A DA 1  1_555 B DT 12 1_555 A DA 2  1_555 B DT 11 1_555 -0.445 -0.002 2.901 -4.250 -3.155 33.621 0.448  0.154  2.922 -5.413  
7.291   34.023 1  AA_DA1DA2:DT23DT24_BB   A 1  ? B 24 ? A 2  ? B 23 ? 
1 A DA 2  1_555 B DT 11 1_555 A DT 3  1_555 B DA 10 1_555 0.320  -0.880 2.935 0.834  2.864  29.781 -2.230 -0.468 2.848 5.555   
-1.617  29.926 2  AA_DA2DT3:DA22DT23_BB   A 2  ? B 23 ? A 3  ? B 22 ? 
1 A DT 3  1_555 B DA 10 1_555 A DA 4  1_555 B DT 9  1_555 -0.455 -0.047 3.437 -2.001 3.271  38.295 -0.499 0.429  3.440 4.970   
3.041   38.479 3  AA_DT3DA4:DT21DA22_BB   A 3  ? B 22 ? A 4  ? B 21 ? 
1 A DA 4  1_555 B DT 9  1_555 A DA 5  1_555 B DT 8  1_555 0.215  -0.714 3.261 -1.359 -5.152 32.101 -0.363 -0.624 3.320 -9.237  
2.437   32.528 4  AA_DA4DA5:DT20DT21_BB   A 4  ? B 21 ? A 5  ? B 20 ? 
1 A DA 5  1_555 B DT 8  1_555 A DA 6  1_555 B DT 7  1_555 0.121  -0.696 3.554 -1.346 -6.644 44.246 -0.247 -0.294 3.612 -8.760  
1.774   44.737 5  AA_DA5DA6:DT19DT20_BB   A 5  ? B 20 ? A 6  ? B 19 ? 
1 A DA 6  1_555 B DT 7  1_555 A DT 7  1_555 B DA 6  1_555 -0.150 -1.545 3.369 -2.224 -1.827 26.987 -2.811 -0.266 3.464 -3.901  
4.747   27.138 6  AA_DA6DT7:DA18DT19_BB   A 6  ? B 19 ? A 7  ? B 18 ? 
1 A DT 7  1_555 B DA 6  1_555 A DT 8  1_555 B DA 5  1_555 -0.256 -0.730 2.954 5.503  -7.281 39.518 -0.306 0.935  2.977 -10.597 
-8.010  40.518 7  AA_DT7DT8:DA17DA18_BB   A 7  ? B 18 ? A 8  ? B 17 ? 
1 A DT 8  1_555 B DA 5  1_555 A DT 9  1_555 B DA 4  1_555 0.774  -0.465 3.468 1.841  -4.823 40.485 -0.096 -0.893 3.529 -6.936  
-2.647  40.799 8  AA_DT8DT9:DA16DA17_BB   A 8  ? B 17 ? A 9  ? B 16 ? 
1 A DT 9  1_555 B DA 4  1_555 A DA 10 1_555 B DT 3  1_555 -0.104 -0.256 2.944 0.652  3.582  31.749 -1.047 0.294  2.896 6.521   
-1.187  31.951 9  AA_DT9DA10:DT15DA16_BB  A 9  ? B 16 ? A 10 ? B 15 ? 
1 A DA 10 1_555 B DT 3  1_555 A DT 11 1_555 B DA 2  1_555 -0.085 -1.061 3.368 -3.528 -0.463 26.440 -2.174 -0.768 3.368 -1.007  
7.669   26.674 10 AA_DA10DT11:DA14DT15_BB A 10 ? B 15 ? A 11 ? B 14 ? 
1 A DT 11 1_555 B DA 2  1_555 A DT 12 1_555 B DA 1  1_555 0.129  -0.387 3.148 9.780  0.361  40.216 -0.585 0.833  3.091 0.516   
-13.974 41.342 11 AA_DT11DT12:DA13DA14_BB A 11 ? B 14 ? A 12 ? B 13 ? 
1 C DA 1  1_555 D DT 12 1_555 C DA 2  1_555 D DT 11 1_555 -0.414 -0.188 2.994 -5.905 -3.284 44.337 0.030  0.047  3.028 -4.321  
7.771   44.823 12 CC_DA1DA2:DT23DT24_DD   C 1  ? D 24 ? C 2  ? D 23 ? 
1 C DA 2  1_555 D DT 11 1_555 C DT 3  1_555 D DA 10 1_555 -0.105 -1.372 3.326 -3.070 -3.131 25.716 -2.147 -0.644 3.454 -6.969  
6.835   26.080 13 CC_DA2DT3:DA22DT23_DD   C 2  ? D 23 ? C 3  ? D 22 ? 
1 C DT 3  1_555 D DA 10 1_555 C DA 4  1_555 D DT 9  1_555 0.449  -0.188 3.099 6.597  -2.977 40.347 0.043  0.051  3.136 -4.274  
-9.472  40.965 14 CC_DT3DA4:DT21DA22_DD   C 3  ? D 22 ? C 4  ? D 21 ? 
1 C DA 4  1_555 D DT 9  1_555 C DA 5  1_555 D DT 8  1_555 -0.315 -0.185 3.284 -1.444 -5.036 36.182 0.406  0.302  3.289 -8.056  
2.310   36.546 15 CC_DA4DA5:DT20DT21_DD   C 4  ? D 21 ? C 5  ? D 20 ? 
1 C DA 5  1_555 D DT 8  1_555 C DA 6  1_555 D DT 7  1_555 -0.152 -0.898 3.166 0.924  2.737  34.270 -1.928 0.395  3.082 4.634   
-1.564  34.388 16 CC_DA5DA6:DT19DT20_DD   C 5  ? D 20 ? C 6  ? D 19 ? 
1 C DA 6  1_555 D DT 7  1_555 C DT 7  1_555 D DA 6  1_555 -0.236 -0.895 3.203 4.160  -1.620 26.495 -1.517 1.558  3.177 -3.503  
-8.995  26.862 17 CC_DA6DT7:DA18DT19_DD   C 6  ? D 19 ? C 7  ? D 18 ? 
1 C DT 7  1_555 D DA 6  1_555 C DT 8  1_555 D DA 5  1_555 0.020  -0.700 3.691 -7.704 -3.032 36.291 -0.639 -1.197 3.656 -4.791  
12.174  37.193 18 CC_DT7DT8:DA17DA18_DD   C 7  ? D 18 ? C 8  ? D 17 ? 
1 C DT 8  1_555 D DA 5  1_555 C DT 9  1_555 D DA 4  1_555 -0.070 -0.508 3.331 0.603  -5.535 41.048 -0.111 0.166  3.367 -7.850  
-0.855  41.407 19 CC_DT8DT9:DA16DA17_DD   C 8  ? D 17 ? C 9  ? D 16 ? 
1 C DT 9  1_555 D DA 4  1_555 C DA 10 1_555 D DT 3  1_555 0.465  -0.022 3.300 5.049  -3.367 37.920 0.395  -0.066 3.322 -5.141  
-7.710  38.385 20 CC_DT9DA10:DT15DA16_DD  C 9  ? D 16 ? C 10 ? D 15 ? 
1 C DA 10 1_555 D DT 3  1_555 C DT 11 1_555 D DA 2  1_555 -0.233 -0.722 3.285 -3.626 1.734  31.658 -1.629 -0.237 3.247 3.162   
6.613   31.906 21 CC_DA10DT11:DA14DT15_DD C 10 ? D 15 ? C 11 ? D 14 ? 
1 C DT 11 1_555 D DA 2  1_555 C DT 12 1_555 D DA 1  1_555 0.504  -0.744 3.245 2.702  1.191  38.562 -1.269 -0.430 3.248 1.800   
-4.084  38.671 22 CC_DT11DT12:DA13DA14_DD C 11 ? D 14 ? C 12 ? D 13 ? 
# 
_pdbx_initial_refinement_model.accession_code   ? 
_pdbx_initial_refinement_model.id               1 
_pdbx_initial_refinement_model.entity_id_list   ? 
_pdbx_initial_refinement_model.type             'in silico model' 
_pdbx_initial_refinement_model.source_name      Other 
_pdbx_initial_refinement_model.details          'theoretical model of B-DNA' 
# 
_atom_sites.entry_id                    4HW1 
_atom_sites.fract_transf_matrix[1][1]   -0.01108889 
_atom_sites.fract_transf_matrix[1][2]   -0.01634522 
_atom_sites.fract_transf_matrix[1][3]   -0.00174919 
_atom_sites.fract_transf_matrix[2][1]   -0.01350237 
_atom_sites.fract_transf_matrix[2][2]   0.00890182 
_atom_sites.fract_transf_matrix[2][3]   0.00241483 
_atom_sites.fract_transf_matrix[3][1]   -0.00091452 
_atom_sites.fract_transf_matrix[3][2]   0.00192838 
_atom_sites.fract_transf_matrix[3][3]   -0.01222206 
_atom_sites.fract_transf_vector[1]      0.141988 
_atom_sites.fract_transf_vector[2]      -0.329982 
_atom_sites.fract_transf_vector[3]      0.122924 
# 
loop_
_atom_type.symbol 
C  
MG 
N  
O  
P  
# 
loop_
_atom_site.group_PDB 
_atom_site.id 
_atom_site.type_symbol 
_atom_site.label_atom_id 
_atom_site.label_alt_id 
_atom_site.label_comp_id 
_atom_site.label_asym_id 
_atom_site.label_entity_id 
_atom_site.label_seq_id 
_atom_site.pdbx_PDB_ins_code 
_atom_site.Cartn_x 
_atom_site.Cartn_y 
_atom_site.Cartn_z 
_atom_site.occupancy 
_atom_site.B_iso_or_equiv 
_atom_site.pdbx_formal_charge 
_atom_site.auth_seq_id 
_atom_site.auth_comp_id 
_atom_site.auth_asym_id 
_atom_site.auth_atom_id 
_atom_site.pdbx_PDB_model_num 
ATOM   1   O  "O5'" . DA  A 1 1  ? 14.962  -11.338 -12.716 1.00 59.66  ? 1   DA  A "O5'" 1 
ATOM   2   C  "C5'" . DA  A 1 1  ? 14.189  -10.166 -12.945 1.00 64.02  ? 1   DA  A "C5'" 1 
ATOM   3   C  "C4'" . DA  A 1 1  ? 12.722  -10.427 -12.655 1.00 65.00  ? 1   DA  A "C4'" 1 
ATOM   4   O  "O4'" . DA  A 1 1  ? 12.583  -10.959 -11.314 1.00 61.22  ? 1   DA  A "O4'" 1 
ATOM   5   C  "C3'" . DA  A 1 1  ? 11.821  -9.200  -12.695 1.00 63.29  ? 1   DA  A "C3'" 1 
ATOM   6   O  "O3'" . DA  A 1 1  ? 10.496  -9.587  -13.039 1.00 62.14  ? 1   DA  A "O3'" 1 
ATOM   7   C  "C2'" . DA  A 1 1  ? 11.914  -8.688  -11.262 1.00 56.60  ? 1   DA  A "C2'" 1 
ATOM   8   C  "C1'" . DA  A 1 1  ? 12.034  -9.978  -10.456 1.00 52.60  ? 1   DA  A "C1'" 1 
ATOM   9   N  N9    . DA  A 1 1  ? 12.909  -9.859  -9.293  1.00 48.13  ? 1   DA  A N9    1 
ATOM   10  C  C8    . DA  A 1 1  ? 14.166  -9.323  -9.260  1.00 59.32  ? 1   DA  A C8    1 
ATOM   11  N  N7    . DA  A 1 1  ? 14.722  -9.349  -8.072  1.00 56.08  ? 1   DA  A N7    1 
ATOM   12  C  C5    . DA  A 1 1  ? 13.764  -9.945  -7.271  1.00 48.45  ? 1   DA  A C5    1 
ATOM   13  C  C6    . DA  A 1 1  ? 13.738  -10.265 -5.901  1.00 58.64  ? 1   DA  A C6    1 
ATOM   14  N  N6    . DA  A 1 1  ? 14.753  -10.012 -5.068  1.00 64.03  ? 1   DA  A N6    1 
ATOM   15  N  N1    . DA  A 1 1  ? 12.625  -10.858 -5.421  1.00 62.95  ? 1   DA  A N1    1 
ATOM   16  C  C2    . DA  A 1 1  ? 11.610  -11.112 -6.257  1.00 63.98  ? 1   DA  A C2    1 
ATOM   17  N  N3    . DA  A 1 1  ? 11.519  -10.856 -7.559  1.00 59.73  ? 1   DA  A N3    1 
ATOM   18  C  C4    . DA  A 1 1  ? 12.640  -10.267 -8.008  1.00 46.18  ? 1   DA  A C4    1 
ATOM   19  P  P     . DA  A 1 2  ? 9.393   -8.476  -13.405 1.00 88.86  ? 2   DA  A P     1 
ATOM   20  O  OP1   . DA  A 1 2  ? 8.697   -8.936  -14.627 1.00 83.30  ? 2   DA  A OP1   1 
ATOM   21  O  OP2   . DA  A 1 2  ? 10.043  -7.147  -13.383 1.00 89.94  ? 2   DA  A OP2   1 
ATOM   22  O  "O5'" . DA  A 1 2  ? 8.367   -8.548  -12.182 1.00 56.56  ? 2   DA  A "O5'" 1 
ATOM   23  C  "C5'" . DA  A 1 2  ? 7.658   -9.757  -11.951 1.00 54.98  ? 2   DA  A "C5'" 1 
ATOM   24  C  "C4'" . DA  A 1 2  ? 7.037   -9.761  -10.567 1.00 63.40  ? 2   DA  A "C4'" 1 
ATOM   25  O  "O4'" . DA  A 1 2  ? 8.096   -9.761  -9.576  1.00 71.56  ? 2   DA  A "O4'" 1 
ATOM   26  C  "C3'" . DA  A 1 2  ? 6.149   -8.557  -10.266 1.00 61.49  ? 2   DA  A "C3'" 1 
ATOM   27  O  "O3'" . DA  A 1 2  ? 4.869   -8.995  -9.818  1.00 52.72  ? 2   DA  A "O3'" 1 
ATOM   28  C  "C2'" . DA  A 1 2  ? 6.901   -7.780  -9.184  1.00 56.25  ? 2   DA  A "C2'" 1 
ATOM   29  C  "C1'" . DA  A 1 2  ? 7.789   -8.844  -8.549  1.00 62.33  ? 2   DA  A "C1'" 1 
ATOM   30  N  N9    . DA  A 1 2  ? 9.047   -8.328  -8.013  1.00 52.43  ? 2   DA  A N9    1 
ATOM   31  C  C8    . DA  A 1 2  ? 10.012  -7.634  -8.689  1.00 46.52  ? 2   DA  A C8    1 
ATOM   32  N  N7    . DA  A 1 2  ? 11.044  -7.298  -7.950  1.00 41.75  ? 2   DA  A N7    1 
ATOM   33  C  C5    . DA  A 1 2  ? 10.733  -7.807  -6.700  1.00 43.33  ? 2   DA  A C5    1 
ATOM   34  C  C6    . DA  A 1 2  ? 11.417  -7.788  -5.469  1.00 47.79  ? 2   DA  A C6    1 
ATOM   35  N  N6    . DA  A 1 2  ? 12.610  -7.210  -5.296  1.00 46.78  ? 2   DA  A N6    1 
ATOM   36  N  N1    . DA  A 1 2  ? 10.826  -8.391  -4.416  1.00 51.59  ? 2   DA  A N1    1 
ATOM   37  C  C2    . DA  A 1 2  ? 9.631   -8.969  -4.588  1.00 50.05  ? 2   DA  A C2    1 
ATOM   38  N  N3    . DA  A 1 2  ? 8.895   -9.053  -5.694  1.00 47.23  ? 2   DA  A N3    1 
ATOM   39  C  C4    . DA  A 1 2  ? 9.508   -8.445  -6.722  1.00 46.53  ? 2   DA  A C4    1 
ATOM   40  P  P     . DT  A 1 3  ? 3.624   -7.979  -9.806  1.00 78.66  ? 3   DT  A P     1 
ATOM   41  O  OP1   . DT  A 1 3  ? 2.399   -8.768  -10.059 1.00 74.21  ? 3   DT  A OP1   1 
ATOM   42  O  OP2   . DT  A 1 3  ? 3.963   -6.841  -10.690 1.00 77.11  ? 3   DT  A OP2   1 
ATOM   43  O  "O5'" . DT  A 1 3  ? 3.591   -7.433  -8.302  1.00 67.35  ? 3   DT  A "O5'" 1 
ATOM   44  C  "C5'" . DT  A 1 3  ? 3.379   -8.351  -7.236  1.00 79.25  ? 3   DT  A "C5'" 1 
ATOM   45  C  "C4'" . DT  A 1 3  ? 3.880   -7.813  -5.906  1.00 84.52  ? 3   DT  A "C4'" 1 
ATOM   46  O  "O4'" . DT  A 1 3  ? 5.303   -7.557  -5.949  1.00 96.78  ? 3   DT  A "O4'" 1 
ATOM   47  C  "C3'" . DT  A 1 3  ? 3.278   -6.487  -5.452  1.00 63.38  ? 3   DT  A "C3'" 1 
ATOM   48  O  "O3'" . DT  A 1 3  ? 2.189   -6.748  -4.577  1.00 56.65  ? 3   DT  A "O3'" 1 
ATOM   49  C  "C2'" . DT  A 1 3  ? 4.427   -5.769  -4.735  1.00 62.15  ? 3   DT  A "C2'" 1 
ATOM   50  C  "C1'" . DT  A 1 3  ? 5.585   -6.759  -4.821  1.00 78.38  ? 3   DT  A "C1'" 1 
ATOM   51  N  N1    . DT  A 1 3  ? 6.937   -6.135  -4.978  1.00 69.63  ? 3   DT  A N1    1 
ATOM   52  C  C2    . DT  A 1 3  ? 7.824   -6.199  -3.927  1.00 66.40  ? 3   DT  A C2    1 
ATOM   53  O  O2    . DT  A 1 3  ? 7.561   -6.740  -2.868  1.00 63.85  ? 3   DT  A O2    1 
ATOM   54  N  N3    . DT  A 1 3  ? 9.039   -5.604  -4.162  1.00 68.38  ? 3   DT  A N3    1 
ATOM   55  C  C4    . DT  A 1 3  ? 9.444   -4.966  -5.321  1.00 62.53  ? 3   DT  A C4    1 
ATOM   56  O  O4    . DT  A 1 3  ? 10.555  -4.460  -5.439  1.00 59.97  ? 3   DT  A O4    1 
ATOM   57  C  C5    . DT  A 1 3  ? 8.467   -4.936  -6.381  1.00 58.72  ? 3   DT  A C5    1 
ATOM   58  C  C7    . DT  A 1 3  ? 8.797   -4.269  -7.683  1.00 61.83  ? 3   DT  A C7    1 
ATOM   59  C  C6    . DT  A 1 3  ? 7.278   -5.513  -6.164  1.00 60.83  ? 3   DT  A C6    1 
ATOM   60  P  P     . DA  A 1 4  ? 1.265   -5.541  -4.054  1.00 71.29  ? 4   DA  A P     1 
ATOM   61  O  OP1   . DA  A 1 4  ? -0.091  -6.084  -3.819  1.00 77.29  ? 4   DA  A OP1   1 
ATOM   62  O  OP2   . DA  A 1 4  ? 1.453   -4.398  -4.976  1.00 72.81  ? 4   DA  A OP2   1 
ATOM   63  O  "O5'" . DA  A 1 4  ? 1.914   -5.147  -2.647  1.00 64.33  ? 4   DA  A "O5'" 1 
ATOM   64  C  "C5'" . DA  A 1 4  ? 2.022   -6.130  -1.624  1.00 63.89  ? 4   DA  A "C5'" 1 
ATOM   65  C  "C4'" . DA  A 1 4  ? 2.754   -5.573  -0.418  1.00 58.23  ? 4   DA  A "C4'" 1 
ATOM   66  O  "O4'" . DA  A 1 4  ? 4.134   -5.308  -0.776  1.00 59.96  ? 4   DA  A "O4'" 1 
ATOM   67  C  "C3'" . DA  A 1 4  ? 2.178   -4.270  0.126   1.00 63.47  ? 4   DA  A "C3'" 1 
ATOM   68  O  "O3'" . DA  A 1 4  ? 1.938   -4.408  1.523   1.00 68.63  ? 4   DA  A "O3'" 1 
ATOM   69  C  "C2'" . DA  A 1 4  ? 3.239   -3.212  -0.175  1.00 68.96  ? 4   DA  A "C2'" 1 
ATOM   70  C  "C1'" . DA  A 1 4  ? 4.519   -4.019  -0.346  1.00 72.22  ? 4   DA  A "C1'" 1 
ATOM   71  N  N9    . DA  A 1 4  ? 5.419   -3.454  -1.348  1.00 73.70  ? 4   DA  A N9    1 
ATOM   72  C  C8    . DA  A 1 4  ? 5.116   -3.150  -2.645  1.00 64.02  ? 4   DA  A C8    1 
ATOM   73  N  N7    . DA  A 1 4  ? 6.123   -2.653  -3.325  1.00 55.90  ? 4   DA  A N7    1 
ATOM   74  C  C5    . DA  A 1 4  ? 7.161   -2.627  -2.407  1.00 61.35  ? 4   DA  A C5    1 
ATOM   75  C  C6    . DA  A 1 4  ? 8.503   -2.207  -2.506  1.00 59.98  ? 4   DA  A C6    1 
ATOM   76  N  N6    . DA  A 1 4  ? 9.040   -1.713  -3.626  1.00 55.85  ? 4   DA  A N6    1 
ATOM   77  N  N1    . DA  A 1 4  ? 9.275   -2.315  -1.405  1.00 65.50  ? 4   DA  A N1    1 
ATOM   78  C  C2    . DA  A 1 4  ? 8.729   -2.810  -0.287  1.00 73.10  ? 4   DA  A C2    1 
ATOM   79  N  N3    . DA  A 1 4  ? 7.485   -3.238  -0.071  1.00 71.96  ? 4   DA  A N3    1 
ATOM   80  C  C4    . DA  A 1 4  ? 6.744   -3.118  -1.184  1.00 69.83  ? 4   DA  A C4    1 
ATOM   81  P  P     . DA  A 1 5  ? 1.357   -3.175  2.375   1.00 85.83  ? 5   DA  A P     1 
ATOM   82  O  OP1   . DA  A 1 5  ? 0.604   -3.741  3.517   1.00 88.30  ? 5   DA  A OP1   1 
ATOM   83  O  OP2   . DA  A 1 5  ? 0.679   -2.249  1.440   1.00 76.47  ? 5   DA  A OP2   1 
ATOM   84  O  "O5'" . DA  A 1 5  ? 2.667   -2.452  2.937   1.00 108.09 ? 5   DA  A "O5'" 1 
ATOM   85  C  "C5'" . DA  A 1 5  ? 3.627   -3.233  3.636   1.00 102.61 ? 5   DA  A "C5'" 1 
ATOM   86  C  "C4'" . DA  A 1 5  ? 4.915   -2.465  3.866   1.00 90.12  ? 5   DA  A "C4'" 1 
ATOM   87  O  "O4'" . DA  A 1 5  ? 5.538   -2.167  2.590   1.00 75.38  ? 5   DA  A "O4'" 1 
ATOM   88  C  "C3'" . DA  A 1 5  ? 4.758   -1.131  4.593   1.00 85.47  ? 5   DA  A "C3'" 1 
ATOM   89  O  "O3'" . DA  A 1 5  ? 5.693   -1.061  5.664   1.00 85.17  ? 5   DA  A "O3'" 1 
ATOM   90  C  "C2'" . DA  A 1 5  ? 5.062   -0.093  3.516   1.00 73.30  ? 5   DA  A "C2'" 1 
ATOM   91  C  "C1'" . DA  A 1 5  ? 6.058   -0.857  2.657   1.00 66.28  ? 5   DA  A "C1'" 1 
ATOM   92  N  N9    . DA  A 1 5  ? 6.209   -0.323  1.306   1.00 54.11  ? 5   DA  A N9    1 
ATOM   93  C  C8    . DA  A 1 5  ? 5.235   -0.148  0.363   1.00 55.12  ? 5   DA  A C8    1 
ATOM   94  N  N7    . DA  A 1 5  ? 5.678   0.357   -0.765  1.00 53.94  ? 5   DA  A N7    1 
ATOM   95  C  C5    . DA  A 1 5  ? 7.036   0.524   -0.546  1.00 54.04  ? 5   DA  A C5    1 
ATOM   96  C  C6    . DA  A 1 5  ? 8.080   1.019   -1.354  1.00 64.26  ? 5   DA  A C6    1 
ATOM   97  N  N6    . DA  A 1 5  ? 7.903   1.456   -2.605  1.00 79.16  ? 5   DA  A N6    1 
ATOM   98  N  N1    . DA  A 1 5  ? 9.321   1.047   -0.825  1.00 60.89  ? 5   DA  A N1    1 
ATOM   99  C  C2    . DA  A 1 5  ? 9.500   0.611   0.427   1.00 62.05  ? 5   DA  A C2    1 
ATOM   100 N  N3    . DA  A 1 5  ? 8.601   0.125   1.280   1.00 53.46  ? 5   DA  A N3    1 
ATOM   101 C  C4    . DA  A 1 5  ? 7.379   0.109   0.727   1.00 48.83  ? 5   DA  A C4    1 
ATOM   102 P  P     . DA  A 1 6  ? 5.672   0.181   6.684   1.00 87.30  ? 6   DA  A P     1 
ATOM   103 O  OP1   . DA  A 1 6  ? 5.907   -0.360  8.042   1.00 99.86  ? 6   DA  A OP1   1 
ATOM   104 O  OP2   . DA  A 1 6  ? 4.453   0.978   6.416   1.00 71.91  ? 6   DA  A OP2   1 
ATOM   105 O  "O5'" . DA  A 1 6  ? 6.944   1.054   6.254   1.00 66.74  ? 6   DA  A "O5'" 1 
ATOM   106 C  "C5'" . DA  A 1 6  ? 8.246   0.476   6.309   1.00 62.44  ? 6   DA  A "C5'" 1 
ATOM   107 C  "C4'" . DA  A 1 6  ? 9.304   1.390   5.710   1.00 58.79  ? 6   DA  A "C4'" 1 
ATOM   108 O  "O4'" . DA  A 1 6  ? 9.058   1.552   4.290   1.00 53.87  ? 6   DA  A "O4'" 1 
ATOM   109 C  "C3'" . DA  A 1 6  ? 9.377   2.797   6.302   1.00 58.52  ? 6   DA  A "C3'" 1 
ATOM   110 O  "O3'" . DA  A 1 6  ? 10.733  3.117   6.597   1.00 54.45  ? 6   DA  A "O3'" 1 
ATOM   111 C  "C2'" . DA  A 1 6  ? 8.813   3.693   5.201   1.00 34.14  ? 6   DA  A "C2'" 1 
ATOM   112 C  "C1'" . DA  A 1 6  ? 9.163   2.916   3.938   1.00 43.78  ? 6   DA  A "C1'" 1 
ATOM   113 N  N9    . DA  A 1 6  ? 8.257   3.166   2.819   1.00 41.57  ? 6   DA  A N9    1 
ATOM   114 C  C8    . DA  A 1 6  ? 6.911   2.931   2.785   1.00 54.09  ? 6   DA  A C8    1 
ATOM   115 N  N7    . DA  A 1 6  ? 6.342   3.247   1.645   1.00 47.07  ? 6   DA  A N7    1 
ATOM   116 C  C5    . DA  A 1 6  ? 7.388   3.719   0.873   1.00 40.15  ? 6   DA  A C5    1 
ATOM   117 C  C6    . DA  A 1 6  ? 7.449   4.213   -0.445  1.00 48.45  ? 6   DA  A C6    1 
ATOM   118 N  N6    . DA  A 1 6  ? 6.382   4.313   -1.245  1.00 50.05  ? 6   DA  A N6    1 
ATOM   119 N  N1    . DA  A 1 6  ? 8.654   4.602   -0.911  1.00 55.50  ? 6   DA  A N1    1 
ATOM   120 C  C2    . DA  A 1 6  ? 9.722   4.502   -0.110  1.00 54.34  ? 6   DA  A C2    1 
ATOM   121 N  N3    . DA  A 1 6  ? 9.786   4.055   1.143   1.00 49.76  ? 6   DA  A N3    1 
ATOM   122 C  C4    . DA  A 1 6  ? 8.576   3.675   1.579   1.00 40.78  ? 6   DA  A C4    1 
ATOM   123 P  P     . DT  A 1 7  ? 11.089  4.413   7.480   1.00 56.48  ? 7   DT  A P     1 
ATOM   124 O  OP1   . DT  A 1 7  ? 12.262  4.071   8.317   1.00 46.02  ? 7   DT  A OP1   1 
ATOM   125 O  OP2   . DT  A 1 7  ? 9.838   4.880   8.121   1.00 53.94  ? 7   DT  A OP2   1 
ATOM   126 O  "O5'" . DT  A 1 7  ? 11.530  5.502   6.394   1.00 43.16  ? 7   DT  A "O5'" 1 
ATOM   127 C  "C5'" . DT  A 1 7  ? 12.581  5.180   5.491   1.00 50.14  ? 7   DT  A "C5'" 1 
ATOM   128 C  "C4'" . DT  A 1 7  ? 12.624  6.129   4.307   1.00 33.08  ? 7   DT  A "C4'" 1 
ATOM   129 O  "O4'" . DT  A 1 7  ? 11.446  5.979   3.481   1.00 47.75  ? 7   DT  A "O4'" 1 
ATOM   130 C  "C3'" . DT  A 1 7  ? 12.663  7.611   4.665   1.00 32.76  ? 7   DT  A "C3'" 1 
ATOM   131 O  "O3'" . DT  A 1 7  ? 13.995  8.082   4.521   1.00 38.15  ? 7   DT  A "O3'" 1 
ATOM   132 C  "C2'" . DT  A 1 7  ? 11.710  8.280   3.669   1.00 36.81  ? 7   DT  A "C2'" 1 
ATOM   133 C  "C1'" . DT  A 1 7  ? 11.367  7.152   2.703   1.00 39.45  ? 7   DT  A "C1'" 1 
ATOM   134 N  N1    . DT  A 1 7  ? 10.014  7.258   2.083   1.00 42.53  ? 7   DT  A N1    1 
ATOM   135 C  C2    . DT  A 1 7  ? 9.909   7.785   0.814   1.00 58.76  ? 7   DT  A C2    1 
ATOM   136 O  O2    . DT  A 1 7  ? 10.870  8.170   0.173   1.00 74.58  ? 7   DT  A O2    1 
ATOM   137 N  N3    . DT  A 1 7  ? 8.630   7.846   0.325   1.00 54.38  ? 7   DT  A N3    1 
ATOM   138 C  C4    . DT  A 1 7  ? 7.473   7.440   0.960   1.00 46.25  ? 7   DT  A C4    1 
ATOM   139 O  O4    . DT  A 1 7  ? 6.367   7.533   0.440   1.00 44.61  ? 7   DT  A O4    1 
ATOM   140 C  C5    . DT  A 1 7  ? 7.655   6.899   2.283   1.00 39.57  ? 7   DT  A C5    1 
ATOM   141 C  C7    . DT  A 1 7  ? 6.467   6.427   3.066   1.00 34.81  ? 7   DT  A C7    1 
ATOM   142 C  C6    . DT  A 1 7  ? 8.899   6.834   2.775   1.00 38.28  ? 7   DT  A C6    1 
ATOM   143 P  P     . DT  A 1 8  ? 14.364  9.598   4.902   1.00 56.64  ? 8   DT  A P     1 
ATOM   144 O  OP1   . DT  A 1 8  ? 15.773  9.607   5.356   1.00 61.14  ? 8   DT  A OP1   1 
ATOM   145 O  OP2   . DT  A 1 8  ? 13.299  10.107  5.794   1.00 47.97  ? 8   DT  A OP2   1 
ATOM   146 O  "O5'" . DT  A 1 8  ? 14.260  10.381  3.509   1.00 32.31  ? 8   DT  A "O5'" 1 
ATOM   147 C  "C5'" . DT  A 1 8  ? 15.132  10.024  2.445   1.00 42.61  ? 8   DT  A "C5'" 1 
ATOM   148 C  "C4'" . DT  A 1 8  ? 14.598  10.480  1.096   1.00 58.97  ? 8   DT  A "C4'" 1 
ATOM   149 O  "O4'" . DT  A 1 8  ? 13.188  10.160  0.982   1.00 65.61  ? 8   DT  A "O4'" 1 
ATOM   150 C  "C3'" . DT  A 1 8  ? 14.710  11.976  0.808   1.00 60.35  ? 8   DT  A "C3'" 1 
ATOM   151 O  "O3'" . DT  A 1 8  ? 15.533  12.174  -0.336  1.00 66.52  ? 8   DT  A "O3'" 1 
ATOM   152 C  "C2'" . DT  A 1 8  ? 13.276  12.431  0.541   1.00 56.97  ? 8   DT  A "C2'" 1 
ATOM   153 C  "C1'" . DT  A 1 8  ? 12.600  11.127  0.141   1.00 56.84  ? 8   DT  A "C1'" 1 
ATOM   154 N  N1    . DT  A 1 8  ? 11.130  11.124  0.362   1.00 44.56  ? 8   DT  A N1    1 
ATOM   155 C  C2    . DT  A 1 8  ? 10.279  11.211  -0.720  1.00 43.97  ? 8   DT  A C2    1 
ATOM   156 O  O2    . DT  A 1 8  ? 10.669  11.291  -1.871  1.00 35.79  ? 8   DT  A O2    1 
ATOM   157 N  N3    . DT  A 1 8  ? 8.944   11.200  -0.402  1.00 52.66  ? 8   DT  A N3    1 
ATOM   158 C  C4    . DT  A 1 8  ? 8.399   11.114  0.868   1.00 55.67  ? 8   DT  A C4    1 
ATOM   159 O  O4    . DT  A 1 8  ? 7.189   11.110  1.063   1.00 56.28  ? 8   DT  A O4    1 
ATOM   160 C  C5    . DT  A 1 8  ? 9.347   11.025  1.950   1.00 48.75  ? 8   DT  A C5    1 
ATOM   161 C  C7    . DT  A 1 8  ? 8.867   10.927  3.368   1.00 54.71  ? 8   DT  A C7    1 
ATOM   162 C  C6    . DT  A 1 8  ? 10.649  11.036  1.650   1.00 36.88  ? 8   DT  A C6    1 
ATOM   163 P  P     . DT  A 1 9  ? 16.068  13.643  -0.705  1.00 105.52 ? 9   DT  A P     1 
ATOM   164 O  OP1   . DT  A 1 9  ? 17.259  13.479  -1.569  1.00 105.46 ? 9   DT  A OP1   1 
ATOM   165 O  OP2   . DT  A 1 9  ? 16.176  14.409  0.558   1.00 97.84  ? 9   DT  A OP2   1 
ATOM   166 O  "O5'" . DT  A 1 9  ? 14.881  14.280  -1.571  1.00 33.10  ? 9   DT  A "O5'" 1 
ATOM   167 C  "C5'" . DT  A 1 9  ? 14.544  13.711  -2.832  1.00 63.14  ? 9   DT  A "C5'" 1 
ATOM   168 C  "C4'" . DT  A 1 9  ? 13.240  14.268  -3.379  1.00 66.93  ? 9   DT  A "C4'" 1 
ATOM   169 O  "O4'" . DT  A 1 9  ? 12.135  13.878  -2.530  1.00 65.88  ? 9   DT  A "O4'" 1 
ATOM   170 C  "C3'" . DT  A 1 9  ? 13.155  15.789  -3.471  1.00 58.50  ? 9   DT  A "C3'" 1 
ATOM   171 O  "O3'" . DT  A 1 9  ? 13.369  16.206  -4.815  1.00 53.40  ? 9   DT  A "O3'" 1 
ATOM   172 C  "C2'" . DT  A 1 9  ? 11.736  16.128  -3.009  1.00 55.03  ? 9   DT  A "C2'" 1 
ATOM   173 C  "C1'" . DT  A 1 9  ? 11.077  14.766  -2.811  1.00 54.93  ? 9   DT  A "C1'" 1 
ATOM   174 N  N1    . DT  A 1 9  ? 10.105  14.731  -1.685  1.00 40.64  ? 9   DT  A N1    1 
ATOM   175 C  C2    . DT  A 1 9  ? 8.751   14.715  -1.950  1.00 43.03  ? 9   DT  A C2    1 
ATOM   176 O  O2    . DT  A 1 9  ? 8.288   14.728  -3.076  1.00 55.34  ? 9   DT  A O2    1 
ATOM   177 N  N3    . DT  A 1 9  ? 7.949   14.683  -0.837  1.00 38.55  ? 9   DT  A N3    1 
ATOM   178 C  C4    . DT  A 1 9  ? 8.370   14.668  0.482   1.00 43.97  ? 9   DT  A C4    1 
ATOM   179 O  O4    . DT  A 1 9  ? 7.582   14.640  1.421   1.00 56.98  ? 9   DT  A O4    1 
ATOM   180 C  C5    . DT  A 1 9  ? 9.796   14.686  0.684   1.00 41.11  ? 9   DT  A C5    1 
ATOM   181 C  C7    . DT  A 1 9  ? 10.369  14.671  2.070   1.00 46.81  ? 9   DT  A C7    1 
ATOM   182 C  C6    . DT  A 1 9  ? 10.585  14.716  -0.393  1.00 36.32  ? 9   DT  A C6    1 
ATOM   183 P  P     . DA  A 1 10 ? 13.426  17.771  -5.176  1.00 76.75  ? 10  DA  A P     1 
ATOM   184 O  OP1   . DA  A 1 10 ? 14.221  17.921  -6.415  1.00 69.28  ? 10  DA  A OP1   1 
ATOM   185 O  OP2   . DA  A 1 10 ? 13.826  18.500  -3.952  1.00 77.18  ? 10  DA  A OP2   1 
ATOM   186 O  "O5'" . DA  A 1 10 ? 11.903  18.146  -5.490  1.00 46.39  ? 10  DA  A "O5'" 1 
ATOM   187 C  "C5'" . DA  A 1 10 ? 11.202  17.432  -6.500  1.00 35.13  ? 10  DA  A "C5'" 1 
ATOM   188 C  "C4'" . DA  A 1 10 ? 9.709   17.690  -6.412  1.00 66.55  ? 10  DA  A "C4'" 1 
ATOM   189 O  "O4'" . DA  A 1 10 ? 9.211   17.228  -5.129  1.00 59.66  ? 10  DA  A "O4'" 1 
ATOM   190 C  "C3'" . DA  A 1 10 ? 9.291   19.154  -6.525  1.00 62.74  ? 10  DA  A "C3'" 1 
ATOM   191 O  "O3'" . DA  A 1 10 ? 8.213   19.267  -7.442  1.00 50.02  ? 10  DA  A "O3'" 1 
ATOM   192 C  "C2'" . DA  A 1 10 ? 8.842   19.506  -5.111  1.00 56.49  ? 10  DA  A "C2'" 1 
ATOM   193 C  "C1'" . DA  A 1 10 ? 8.271   18.169  -4.662  1.00 49.72  ? 10  DA  A "C1'" 1 
ATOM   194 N  N9    . DA  A 1 10 ? 8.132   18.028  -3.216  1.00 45.36  ? 10  DA  A N9    1 
ATOM   195 C  C8    . DA  A 1 10 ? 9.116   18.145  -2.275  1.00 49.32  ? 10  DA  A C8    1 
ATOM   196 N  N7    . DA  A 1 10 ? 8.695   17.965  -1.045  1.00 47.74  ? 10  DA  A N7    1 
ATOM   197 C  C5    . DA  A 1 10 ? 7.342   17.713  -1.190  1.00 41.89  ? 10  DA  A C5    1 
ATOM   198 C  C6    . DA  A 1 10 ? 6.322   17.439  -0.260  1.00 40.36  ? 10  DA  A C6    1 
ATOM   199 N  N6    . DA  A 1 10 ? 6.536   17.376  1.058   1.00 35.08  ? 10  DA  A N6    1 
ATOM   200 N  N1    . DA  A 1 10 ? 5.075   17.232  -0.737  1.00 50.30  ? 10  DA  A N1    1 
ATOM   201 C  C2    . DA  A 1 10 ? 4.870   17.298  -2.059  1.00 49.86  ? 10  DA  A C2    1 
ATOM   202 N  N3    . DA  A 1 10 ? 5.750   17.546  -3.028  1.00 44.08  ? 10  DA  A N3    1 
ATOM   203 C  C4    . DA  A 1 10 ? 6.977   17.746  -2.522  1.00 43.92  ? 10  DA  A C4    1 
ATOM   204 P  P     . DT  A 1 11 ? 7.920   20.668  -8.171  1.00 93.41  ? 11  DT  A P     1 
ATOM   205 O  OP1   . DT  A 1 11 ? 7.972   20.434  -9.631  1.00 94.38  ? 11  DT  A OP1   1 
ATOM   206 O  OP2   . DT  A 1 11 ? 8.799   21.690  -7.560  1.00 88.42  ? 11  DT  A OP2   1 
ATOM   207 O  "O5'" . DT  A 1 11 ? 6.413   20.999  -7.760  1.00 42.94  ? 11  DT  A "O5'" 1 
ATOM   208 C  "C5'" . DT  A 1 11 ? 5.399   20.083  -8.129  1.00 46.98  ? 11  DT  A "C5'" 1 
ATOM   209 C  "C4'" . DT  A 1 11 ? 4.187   20.243  -7.236  1.00 53.84  ? 11  DT  A "C4'" 1 
ATOM   210 O  "O4'" . DT  A 1 11 ? 4.545   19.959  -5.863  1.00 58.81  ? 11  DT  A "O4'" 1 
ATOM   211 C  "C3'" . DT  A 1 11 ? 3.579   21.641  -7.226  1.00 51.05  ? 11  DT  A "C3'" 1 
ATOM   212 O  "O3'" . DT  A 1 11 ? 2.258   21.556  -7.724  1.00 53.80  ? 11  DT  A "O3'" 1 
ATOM   213 C  "C2'" . DT  A 1 11 ? 3.593   22.067  -5.758  1.00 55.81  ? 11  DT  A "C2'" 1 
ATOM   214 C  "C1'" . DT  A 1 11 ? 3.673   20.718  -5.059  1.00 64.28  ? 11  DT  A "C1'" 1 
ATOM   215 N  N1    . DT  A 1 11 ? 4.213   20.763  -3.679  1.00 65.57  ? 11  DT  A N1    1 
ATOM   216 C  C2    . DT  A 1 11 ? 3.338   20.613  -2.630  1.00 63.91  ? 11  DT  A C2    1 
ATOM   217 O  O2    . DT  A 1 11 ? 2.140   20.449  -2.777  1.00 64.96  ? 11  DT  A O2    1 
ATOM   218 N  N3    . DT  A 1 11 ? 3.925   20.664  -1.396  1.00 63.20  ? 11  DT  A N3    1 
ATOM   219 C  C4    . DT  A 1 11 ? 5.263   20.841  -1.101  1.00 65.90  ? 11  DT  A C4    1 
ATOM   220 O  O4    . DT  A 1 11 ? 5.679   20.867  0.057   1.00 74.82  ? 11  DT  A O4    1 
ATOM   221 C  C5    . DT  A 1 11 ? 6.123   20.989  -2.250  1.00 58.82  ? 11  DT  A C5    1 
ATOM   222 C  C7    . DT  A 1 11 ? 7.597   21.190  -2.065  1.00 66.16  ? 11  DT  A C7    1 
ATOM   223 C  C6    . DT  A 1 11 ? 5.565   20.943  -3.467  1.00 58.66  ? 11  DT  A C6    1 
ATOM   224 P  P     . DT  A 1 12 ? 1.477   22.889  -8.153  1.00 65.11  ? 12  DT  A P     1 
ATOM   225 O  OP1   . DT  A 1 12 ? 0.598   22.549  -9.293  1.00 58.91  ? 12  DT  A OP1   1 
ATOM   226 O  OP2   . DT  A 1 12 ? 2.484   23.964  -8.289  1.00 66.65  ? 12  DT  A OP2   1 
ATOM   227 O  "O5'" . DT  A 1 12 ? 0.568   23.227  -6.883  1.00 53.83  ? 12  DT  A "O5'" 1 
ATOM   228 C  "C5'" . DT  A 1 12 ? -0.488  22.339  -6.541  1.00 61.43  ? 12  DT  A "C5'" 1 
ATOM   229 C  "C4'" . DT  A 1 12 ? -0.899  22.499  -5.088  1.00 74.96  ? 12  DT  A "C4'" 1 
ATOM   230 O  "O4'" . DT  A 1 12 ? 0.248   22.307  -4.230  1.00 78.44  ? 12  DT  A "O4'" 1 
ATOM   231 C  "C3'" . DT  A 1 12 ? -1.432  23.874  -4.705  1.00 74.95  ? 12  DT  A "C3'" 1 
ATOM   232 O  "O3'" . DT  A 1 12 ? -2.850  23.896  -4.834  1.00 63.45  ? 12  DT  A "O3'" 1 
ATOM   233 C  "C2'" . DT  A 1 12 ? -1.005  24.043  -3.246  1.00 74.01  ? 12  DT  A "C2'" 1 
ATOM   234 C  "C1'" . DT  A 1 12 ? -0.095  22.846  -2.972  1.00 67.27  ? 12  DT  A "C1'" 1 
ATOM   235 N  N1    . DT  A 1 12 ? 1.149   23.193  -2.226  1.00 47.55  ? 12  DT  A N1    1 
ATOM   236 C  C2    . DT  A 1 12 ? 1.222   22.885  -0.887  1.00 61.64  ? 12  DT  A C2    1 
ATOM   237 O  O2    . DT  A 1 12 ? 0.317   22.340  -0.281  1.00 74.57  ? 12  DT  A O2    1 
ATOM   238 N  N3    . DT  A 1 12 ? 2.397   23.242  -0.278  1.00 66.95  ? 12  DT  A N3    1 
ATOM   239 C  C4    . DT  A 1 12 ? 3.483   23.863  -0.868  1.00 65.32  ? 12  DT  A C4    1 
ATOM   240 O  O4    . DT  A 1 12 ? 4.498   24.143  -0.237  1.00 71.30  ? 12  DT  A O4    1 
ATOM   241 C  C5    . DT  A 1 12 ? 3.339   24.156  -2.273  1.00 52.35  ? 12  DT  A C5    1 
ATOM   242 C  C7    . DT  A 1 12 ? 4.454   24.828  -3.018  1.00 54.61  ? 12  DT  A C7    1 
ATOM   243 C  C6    . DT  A 1 12 ? 2.195   23.813  -2.879  1.00 42.52  ? 12  DT  A C6    1 
ATOM   244 O  "O5'" . DA  B 1 1  ? 2.664   23.537  10.625  1.00 46.85  ? 13  DA  B "O5'" 1 
ATOM   245 C  "C5'" . DA  B 1 1  ? 2.525   22.131  10.483  1.00 35.27  ? 13  DA  B "C5'" 1 
ATOM   246 C  "C4'" . DA  B 1 1  ? 1.301   21.801  9.650   1.00 41.01  ? 13  DA  B "C4'" 1 
ATOM   247 O  "O4'" . DA  B 1 1  ? 1.443   22.377  8.325   1.00 40.13  ? 13  DA  B "O4'" 1 
ATOM   248 C  "C3'" . DA  B 1 1  ? 1.055   20.313  9.437   1.00 40.00  ? 13  DA  B "C3'" 1 
ATOM   249 O  "O3'" . DA  B 1 1  ? -0.343  20.061  9.420   1.00 30.31  ? 13  DA  B "O3'" 1 
ATOM   250 C  "C2'" . DA  B 1 1  ? 1.700   20.049  8.080   1.00 40.28  ? 13  DA  B "C2'" 1 
ATOM   251 C  "C1'" . DA  B 1 1  ? 1.446   21.359  7.343   1.00 35.68  ? 13  DA  B "C1'" 1 
ATOM   252 N  N9    . DA  B 1 1  ? 2.466   21.669  6.342   1.00 38.40  ? 13  DA  B N9    1 
ATOM   253 C  C8    . DA  B 1 1  ? 3.821   21.542  6.477   1.00 50.15  ? 13  DA  B C8    1 
ATOM   254 N  N7    . DA  B 1 1  ? 4.496   21.894  5.407   1.00 49.39  ? 13  DA  B N7    1 
ATOM   255 C  C5    . DA  B 1 1  ? 3.515   22.281  4.506   1.00 45.66  ? 13  DA  B C5    1 
ATOM   256 C  C6    . DA  B 1 1  ? 3.571   22.763  3.180   1.00 47.65  ? 13  DA  B C6    1 
ATOM   257 N  N6    . DA  B 1 1  ? 4.709   22.945  2.501   1.00 50.36  ? 13  DA  B N6    1 
ATOM   258 N  N1    . DA  B 1 1  ? 2.402   23.053  2.569   1.00 47.36  ? 13  DA  B N1    1 
ATOM   259 C  C2    . DA  B 1 1  ? 1.261   22.870  3.245   1.00 54.53  ? 13  DA  B C2    1 
ATOM   260 N  N3    . DA  B 1 1  ? 1.082   22.427  4.488   1.00 47.36  ? 13  DA  B N3    1 
ATOM   261 C  C4    . DA  B 1 1  ? 2.260   22.147  5.069   1.00 39.88  ? 13  DA  B C4    1 
ATOM   262 P  P     . DA  B 1 2  ? -0.898  18.555  9.354   1.00 49.09  ? 14  DA  B P     1 
ATOM   263 O  OP1   . DA  B 1 2  ? -2.204  18.545  10.043  1.00 35.50  ? 14  DA  B OP1   1 
ATOM   264 O  OP2   . DA  B 1 2  ? 0.179   17.634  9.780   1.00 44.98  ? 14  DA  B OP2   1 
ATOM   265 O  "O5'" . DA  B 1 2  ? -1.184  18.330  7.802   1.00 40.71  ? 14  DA  B "O5'" 1 
ATOM   266 C  "C5'" . DA  B 1 2  ? -2.196  19.128  7.213   1.00 53.82  ? 14  DA  B "C5'" 1 
ATOM   267 C  "C4'" . DA  B 1 2  ? -2.379  18.816  5.743   1.00 57.86  ? 14  DA  B "C4'" 1 
ATOM   268 O  "O4'" . DA  B 1 2  ? -1.250  19.328  4.993   1.00 61.25  ? 14  DA  B "O4'" 1 
ATOM   269 C  "C3'" . DA  B 1 2  ? -2.486  17.332  5.424   1.00 55.05  ? 14  DA  B "C3'" 1 
ATOM   270 O  "O3'" . DA  B 1 2  ? -3.542  17.148  4.489   1.00 69.62  ? 14  DA  B "O3'" 1 
ATOM   271 C  "C2'" . DA  B 1 2  ? -1.110  16.990  4.848   1.00 43.32  ? 14  DA  B "C2'" 1 
ATOM   272 C  "C1'" . DA  B 1 2  ? -0.697  18.303  4.194   1.00 55.89  ? 14  DA  B "C1'" 1 
ATOM   273 N  N9    . DA  B 1 2  ? 0.745   18.544  4.118   1.00 67.17  ? 14  DA  B N9    1 
ATOM   274 C  C8    . DA  B 1 2  ? 1.667   18.459  5.123   1.00 75.63  ? 14  DA  B C8    1 
ATOM   275 N  N7    . DA  B 1 2  ? 2.893   18.747  4.748   1.00 72.22  ? 14  DA  B N7    1 
ATOM   276 C  C5    . DA  B 1 2  ? 2.766   19.048  3.403   1.00 66.22  ? 14  DA  B C5    1 
ATOM   277 C  C6    . DA  B 1 2  ? 3.695   19.435  2.414   1.00 59.08  ? 14  DA  B C6    1 
ATOM   278 N  N6    . DA  B 1 2  ? 5.006   19.601  2.617   1.00 40.99  ? 14  DA  B N6    1 
ATOM   279 N  N1    . DA  B 1 2  ? 3.214   19.652  1.177   1.00 63.71  ? 14  DA  B N1    1 
ATOM   280 C  C2    . DA  B 1 2  ? 1.910   19.500  0.935   1.00 64.79  ? 14  DA  B C2    1 
ATOM   281 N  N3    . DA  B 1 2  ? 0.947   19.142  1.776   1.00 63.33  ? 14  DA  B N3    1 
ATOM   282 C  C4    . DA  B 1 2  ? 1.447   18.929  3.003   1.00 64.46  ? 14  DA  B C4    1 
ATOM   283 P  P     . DT  B 1 3  ? -4.337  15.753  4.427   1.00 55.64  ? 15  DT  B P     1 
ATOM   284 O  OP1   . DT  B 1 3  ? -5.787  16.029  4.554   1.00 43.20  ? 15  DT  B OP1   1 
ATOM   285 O  OP2   . DT  B 1 3  ? -3.674  14.834  5.379   1.00 34.99  ? 15  DT  B OP2   1 
ATOM   286 O  "O5'" . DT  B 1 3  ? -4.045  15.231  2.946   1.00 44.19  ? 15  DT  B "O5'" 1 
ATOM   287 C  "C5'" . DT  B 1 3  ? -4.245  16.134  1.865   1.00 48.27  ? 15  DT  B "C5'" 1 
ATOM   288 C  "C4'" . DT  B 1 3  ? -3.256  15.889  0.739   1.00 51.79  ? 15  DT  B "C4'" 1 
ATOM   289 O  "O4'" . DT  B 1 3  ? -1.937  16.358  1.097   1.00 43.67  ? 15  DT  B "O4'" 1 
ATOM   290 C  "C3'" . DT  B 1 3  ? -3.049  14.429  0.362   1.00 53.61  ? 15  DT  B "C3'" 1 
ATOM   291 O  "O3'" . DT  B 1 3  ? -3.921  14.108  -0.716  1.00 58.05  ? 15  DT  B "O3'" 1 
ATOM   292 C  "C2'" . DT  B 1 3  ? -1.569  14.346  -0.031  1.00 41.54  ? 15  DT  B "C2'" 1 
ATOM   293 C  "C1'" . DT  B 1 3  ? -1.059  15.774  0.161   1.00 41.19  ? 15  DT  B "C1'" 1 
ATOM   294 N  N1    . DT  B 1 3  ? 0.340   15.880  0.673   1.00 46.67  ? 15  DT  B N1    1 
ATOM   295 C  C2    . DT  B 1 3  ? 1.336   16.312  -0.176  1.00 52.51  ? 15  DT  B C2    1 
ATOM   296 O  O2    . DT  B 1 3  ? 1.137   16.612  -1.340  1.00 71.04  ? 15  DT  B O2    1 
ATOM   297 N  N3    . DT  B 1 3  ? 2.585   16.377  0.390   1.00 40.58  ? 15  DT  B N3    1 
ATOM   298 C  C4    . DT  B 1 3  ? 2.922   16.062  1.695   1.00 45.95  ? 15  DT  B C4    1 
ATOM   299 O  O4    . DT  B 1 3  ? 4.070   16.151  2.115   1.00 50.69  ? 15  DT  B O4    1 
ATOM   300 C  C5    . DT  B 1 3  ? 1.831   15.620  2.527   1.00 52.18  ? 15  DT  B C5    1 
ATOM   301 C  C7    . DT  B 1 3  ? 2.077   15.249  3.960   1.00 54.82  ? 15  DT  B C7    1 
ATOM   302 C  C6    . DT  B 1 3  ? 0.610   15.552  1.984   1.00 50.34  ? 15  DT  B C6    1 
ATOM   303 P  P     . DA  B 1 4  ? -4.235  12.598  -1.133  1.00 101.31 ? 16  DA  B P     1 
ATOM   304 O  OP1   . DA  B 1 4  ? -5.561  12.573  -1.801  1.00 100.72 ? 16  DA  B OP1   1 
ATOM   305 O  OP2   . DA  B 1 4  ? -3.984  11.736  0.047   1.00 106.11 ? 16  DA  B OP2   1 
ATOM   306 O  "O5'" . DA  B 1 4  ? -3.128  12.298  -2.236  1.00 100.78 ? 16  DA  B "O5'" 1 
ATOM   307 C  "C5'" . DA  B 1 4  ? -2.827  13.283  -3.235  1.00 102.77 ? 16  DA  B "C5'" 1 
ATOM   308 C  "C4'" . DA  B 1 4  ? -1.463  13.018  -3.822  1.00 105.89 ? 16  DA  B "C4'" 1 
ATOM   309 O  "O4'" . DA  B 1 4  ? -0.424  13.402  -2.890  1.00 103.07 ? 16  DA  B "O4'" 1 
ATOM   310 C  "C3'" . DA  B 1 4  ? -1.180  11.556  -4.183  1.00 109.19 ? 16  DA  B "C3'" 1 
ATOM   311 O  "O3'" . DA  B 1 4  ? -0.544  11.538  -5.464  1.00 117.61 ? 16  DA  B "O3'" 1 
ATOM   312 C  "C2'" . DA  B 1 4  ? -0.194  11.124  -3.112  1.00 105.83 ? 16  DA  B "C2'" 1 
ATOM   313 C  "C1'" . DA  B 1 4  ? 0.581   12.410  -2.974  1.00 102.66 ? 16  DA  B "C1'" 1 
ATOM   314 N  N9    . DA  B 1 4  ? 1.451   12.521  -1.804  1.00 96.18  ? 16  DA  B N9    1 
ATOM   315 C  C8    . DA  B 1 4  ? 1.204   12.108  -0.518  1.00 94.13  ? 16  DA  B C8    1 
ATOM   316 N  N7    . DA  B 1 4  ? 2.203   12.320  0.305   1.00 91.12  ? 16  DA  B N7    1 
ATOM   317 C  C5    . DA  B 1 4  ? 3.180   12.892  -0.497  1.00 88.65  ? 16  DA  B C5    1 
ATOM   318 C  C6    . DA  B 1 4  ? 4.483   13.347  -0.225  1.00 87.92  ? 16  DA  B C6    1 
ATOM   319 N  N6    . DA  B 1 4  ? 5.045   13.299  0.985   1.00 87.72  ? 16  DA  B N6    1 
ATOM   320 N  N1    . DA  B 1 4  ? 5.199   13.857  -1.250  1.00 86.38  ? 16  DA  B N1    1 
ATOM   321 C  C2    . DA  B 1 4  ? 4.635   13.905  -2.464  1.00 85.96  ? 16  DA  B C2    1 
ATOM   322 N  N3    . DA  B 1 4  ? 3.421   13.511  -2.844  1.00 85.45  ? 16  DA  B N3    1 
ATOM   323 C  C4    . DA  B 1 4  ? 2.737   13.006  -1.803  1.00 89.47  ? 16  DA  B C4    1 
ATOM   324 P  P     . DA  B 1 5  ? -0.501  10.060  -6.219  1.00 128.60 ? 17  DA  B P     1 
ATOM   325 O  OP1   . DA  B 1 5  ? -1.805  9.893   -6.899  1.00 112.81 ? 17  DA  B OP1   1 
ATOM   326 O  OP2   . DA  B 1 5  ? -0.027  8.974   -5.333  1.00 130.36 ? 17  DA  B OP2   1 
ATOM   327 O  "O5'" . DA  B 1 5  ? 0.675   10.349  -7.269  1.00 112.30 ? 17  DA  B "O5'" 1 
ATOM   328 C  "C5'" . DA  B 1 5  ? 0.742   11.593  -7.975  1.00 92.07  ? 17  DA  B "C5'" 1 
ATOM   329 C  "C4'" . DA  B 1 5  ? 2.178   12.068  -8.152  1.00 78.38  ? 17  DA  B "C4'" 1 
ATOM   330 O  "O4'" . DA  B 1 5  ? 2.769   12.316  -6.847  1.00 73.89  ? 17  DA  B "O4'" 1 
ATOM   331 C  "C3'" . DA  B 1 5  ? 3.118   11.088  -8.851  1.00 85.71  ? 17  DA  B "C3'" 1 
ATOM   332 O  "O3'" . DA  B 1 5  ? 4.049   11.774  -9.686  1.00 93.74  ? 17  DA  B "O3'" 1 
ATOM   333 C  "C2'" . DA  B 1 5  ? 3.838   10.408  -7.692  1.00 86.93  ? 17  DA  B "C2'" 1 
ATOM   334 C  "C1'" . DA  B 1 5  ? 3.947   11.547  -6.687  1.00 75.45  ? 17  DA  B "C1'" 1 
ATOM   335 N  N9    . DA  B 1 5  ? 4.048   11.080  -5.305  1.00 62.60  ? 17  DA  B N9    1 
ATOM   336 C  C8    . DA  B 1 5  ? 3.096   10.404  -4.594  1.00 62.13  ? 17  DA  B C8    1 
ATOM   337 N  N7    . DA  B 1 5  ? 3.457   10.106  -3.368  1.00 51.57  ? 17  DA  B N7    1 
ATOM   338 C  C5    . DA  B 1 5  ? 4.739   10.621  -3.264  1.00 42.58  ? 17  DA  B C5    1 
ATOM   339 C  C6    . DA  B 1 5  ? 5.674   10.637  -2.208  1.00 43.89  ? 17  DA  B C6    1 
ATOM   340 N  N6    . DA  B 1 5  ? 5.432   10.090  -1.014  1.00 32.49  ? 17  DA  B N6    1 
ATOM   341 N  N1    . DA  B 1 5  ? 6.867   11.232  -2.430  1.00 34.48  ? 17  DA  B N1    1 
ATOM   342 C  C2    . DA  B 1 5  ? 7.094   11.777  -3.632  1.00 43.39  ? 17  DA  B C2    1 
ATOM   343 N  N3    . DA  B 1 5  ? 6.294   11.825  -4.698  1.00 47.32  ? 17  DA  B N3    1 
ATOM   344 C  C4    . DA  B 1 5  ? 5.120   11.224  -4.449  1.00 46.26  ? 17  DA  B C4    1 
ATOM   345 P  P     . DA  B 1 6  ? 4.994   10.946  -10.691 1.00 104.50 ? 18  DA  B P     1 
ATOM   346 O  OP1   . DA  B 1 6  ? 5.237   11.780  -11.889 1.00 119.85 ? 18  DA  B OP1   1 
ATOM   347 O  OP2   . DA  B 1 6  ? 4.392   9.605   -10.849 1.00 91.45  ? 18  DA  B OP2   1 
ATOM   348 O  "O5'" . DA  B 1 6  ? 6.370   10.776  -9.889  1.00 44.66  ? 18  DA  B "O5'" 1 
ATOM   349 C  "C5'" . DA  B 1 6  ? 7.200   11.907  -9.649  1.00 52.69  ? 18  DA  B "C5'" 1 
ATOM   350 C  "C4'" . DA  B 1 6  ? 8.460   11.513  -8.897  1.00 58.76  ? 18  DA  B "C4'" 1 
ATOM   351 O  "O4'" . DA  B 1 6  ? 8.121   11.161  -7.530  1.00 61.70  ? 18  DA  B "O4'" 1 
ATOM   352 C  "C3'" . DA  B 1 6  ? 9.210   10.315  -9.470  1.00 50.41  ? 18  DA  B "C3'" 1 
ATOM   353 O  "O3'" . DA  B 1 6  ? 10.609  10.566  -9.446  1.00 52.77  ? 18  DA  B "O3'" 1 
ATOM   354 C  "C2'" . DA  B 1 6  ? 8.840   9.177   -8.523  1.00 46.81  ? 18  DA  B "C2'" 1 
ATOM   355 C  "C1'" . DA  B 1 6  ? 8.707   9.919   -7.201  1.00 49.89  ? 18  DA  B "C1'" 1 
ATOM   356 N  N9    . DA  B 1 6  ? 7.846   9.236   -6.240  1.00 50.15  ? 18  DA  B N9    1 
ATOM   357 C  C8    . DA  B 1 6  ? 6.580   8.768   -6.456  1.00 57.00  ? 18  DA  B C8    1 
ATOM   358 N  N7    . DA  B 1 6  ? 6.039   8.193   -5.408  1.00 53.52  ? 18  DA  B N7    1 
ATOM   359 C  C5    . DA  B 1 6  ? 7.020   8.295   -4.436  1.00 53.21  ? 18  DA  B C5    1 
ATOM   360 C  C6    . DA  B 1 6  ? 7.074   7.879   -3.093  1.00 54.61  ? 18  DA  B C6    1 
ATOM   361 N  N6    . DA  B 1 6  ? 6.066   7.249   -2.481  1.00 62.78  ? 18  DA  B N6    1 
ATOM   362 N  N1    . DA  B 1 6  ? 8.205   8.137   -2.403  1.00 49.39  ? 18  DA  B N1    1 
ATOM   363 C  C2    . DA  B 1 6  ? 9.211   8.768   -3.017  1.00 52.60  ? 18  DA  B C2    1 
ATOM   364 N  N3    . DA  B 1 6  ? 9.278   9.207   -4.273  1.00 54.14  ? 18  DA  B N3    1 
ATOM   365 C  C4    . DA  B 1 6  ? 8.141   8.935   -4.932  1.00 51.02  ? 18  DA  B C4    1 
ATOM   366 P  P     . DT  B 1 7  ? 11.626  9.544   -10.155 1.00 87.97  ? 19  DT  B P     1 
ATOM   367 O  OP1   . DT  B 1 7  ? 12.719  10.344  -10.750 1.00 89.27  ? 19  DT  B OP1   1 
ATOM   368 O  OP2   . DT  B 1 7  ? 10.831  8.635   -11.010 1.00 84.97  ? 19  DT  B OP2   1 
ATOM   369 O  "O5'" . DT  B 1 7  ? 12.226  8.692   -8.941  1.00 55.81  ? 19  DT  B "O5'" 1 
ATOM   370 C  "C5'" . DT  B 1 7  ? 13.113  9.336   -8.038  1.00 64.03  ? 19  DT  B "C5'" 1 
ATOM   371 C  "C4'" . DT  B 1 7  ? 13.313  8.534   -6.763  1.00 68.27  ? 19  DT  B "C4'" 1 
ATOM   372 O  "O4'" . DT  B 1 7  ? 12.038  8.152   -6.196  1.00 57.09  ? 19  DT  B "O4'" 1 
ATOM   373 C  "C3'" . DT  B 1 7  ? 14.097  7.230   -6.909  1.00 62.11  ? 19  DT  B "C3'" 1 
ATOM   374 O  "O3'" . DT  B 1 7  ? 15.387  7.408   -6.329  1.00 70.50  ? 19  DT  B "O3'" 1 
ATOM   375 C  "C2'" . DT  B 1 7  ? 13.269  6.190   -6.151  1.00 42.53  ? 19  DT  B "C2'" 1 
ATOM   376 C  "C1'" . DT  B 1 7  ? 12.312  7.062   -5.347  1.00 44.88  ? 19  DT  B "C1'" 1 
ATOM   377 N  N1    . DT  B 1 7  ? 11.034  6.402   -4.969  1.00 49.95  ? 19  DT  B N1    1 
ATOM   378 C  C2    . DT  B 1 7  ? 10.884  5.957   -3.676  1.00 67.29  ? 19  DT  B C2    1 
ATOM   379 O  O2    . DT  B 1 7  ? 11.748  6.075   -2.826  1.00 80.54  ? 19  DT  B O2    1 
ATOM   380 N  N3    . DT  B 1 7  ? 9.675   5.366   -3.411  1.00 66.65  ? 19  DT  B N3    1 
ATOM   381 C  C4    . DT  B 1 7  ? 8.627   5.180   -4.294  1.00 64.88  ? 19  DT  B C4    1 
ATOM   382 O  O4    . DT  B 1 7  ? 7.579   4.636   -3.959  1.00 71.48  ? 19  DT  B O4    1 
ATOM   383 C  C5    . DT  B 1 7  ? 8.853   5.671   -5.630  1.00 55.19  ? 19  DT  B C5    1 
ATOM   384 C  C7    . DT  B 1 7  ? 7.785   5.523   -6.673  1.00 53.89  ? 19  DT  B C7    1 
ATOM   385 C  C6    . DT  B 1 7  ? 10.030  6.252   -5.902  1.00 49.51  ? 19  DT  B C6    1 
ATOM   386 P  P     . DT  B 1 8  ? 16.463  6.216   -6.352  1.00 91.45  ? 20  DT  B P     1 
ATOM   387 O  OP1   . DT  B 1 8  ? 17.809  6.832   -6.357  1.00 93.85  ? 20  DT  B OP1   1 
ATOM   388 O  OP2   . DT  B 1 8  ? 16.079  5.274   -7.428  1.00 88.88  ? 20  DT  B OP2   1 
ATOM   389 O  "O5'" . DT  B 1 8  ? 16.245  5.481   -4.949  1.00 52.36  ? 20  DT  B "O5'" 1 
ATOM   390 C  "C5'" . DT  B 1 8  ? 16.362  6.230   -3.747  1.00 37.03  ? 20  DT  B "C5'" 1 
ATOM   391 C  "C4'" . DT  B 1 8  ? 15.861  5.418   -2.569  1.00 60.88  ? 20  DT  B "C4'" 1 
ATOM   392 O  "O4'" . DT  B 1 8  ? 14.483  5.044   -2.797  1.00 70.72  ? 20  DT  B "O4'" 1 
ATOM   393 C  "C3'" . DT  B 1 8  ? 16.618  4.116   -2.327  1.00 53.18  ? 20  DT  B "C3'" 1 
ATOM   394 O  "O3'" . DT  B 1 8  ? 17.323  4.216   -1.099  1.00 46.77  ? 20  DT  B "O3'" 1 
ATOM   395 C  "C2'" . DT  B 1 8  ? 15.547  3.024   -2.284  1.00 60.44  ? 20  DT  B "C2'" 1 
ATOM   396 C  "C1'" . DT  B 1 8  ? 14.246  3.807   -2.162  1.00 72.64  ? 20  DT  B "C1'" 1 
ATOM   397 N  N1    . DT  B 1 8  ? 13.083  3.161   -2.831  1.00 71.74  ? 20  DT  B N1    1 
ATOM   398 C  C2    . DT  B 1 8  ? 12.123  2.534   -2.066  1.00 71.79  ? 20  DT  B C2    1 
ATOM   399 O  O2    . DT  B 1 8  ? 12.169  2.472   -0.850  1.00 78.93  ? 20  DT  B O2    1 
ATOM   400 N  N3    . DT  B 1 8  ? 11.096  1.976   -2.786  1.00 55.55  ? 20  DT  B N3    1 
ATOM   401 C  C4    . DT  B 1 8  ? 10.939  1.985   -4.159  1.00 54.46  ? 20  DT  B C4    1 
ATOM   402 O  O4    . DT  B 1 8  ? 9.981   1.456   -4.714  1.00 68.15  ? 20  DT  B O4    1 
ATOM   403 C  C5    . DT  B 1 8  ? 11.979  2.658   -4.894  1.00 43.47  ? 20  DT  B C5    1 
ATOM   404 C  C7    . DT  B 1 8  ? 11.920  2.735   -6.390  1.00 42.38  ? 20  DT  B C7    1 
ATOM   405 C  C6    . DT  B 1 8  ? 12.986  3.207   -4.205  1.00 52.53  ? 20  DT  B C6    1 
ATOM   406 P  P     . DT  B 1 9  ? 18.416  3.108   -0.704  1.00 65.36  ? 21  DT  B P     1 
ATOM   407 O  OP1   . DT  B 1 9  ? 19.395  3.744   0.205   1.00 63.94  ? 21  DT  B OP1   1 
ATOM   408 O  OP2   . DT  B 1 9  ? 18.876  2.464   -1.954  1.00 53.21  ? 21  DT  B OP2   1 
ATOM   409 O  "O5'" . DT  B 1 9  ? 17.580  2.022   0.117   1.00 48.87  ? 21  DT  B "O5'" 1 
ATOM   410 C  "C5'" . DT  B 1 9  ? 16.862  2.425   1.274   1.00 57.52  ? 21  DT  B "C5'" 1 
ATOM   411 C  "C4'" . DT  B 1 9  ? 15.949  1.307   1.738   1.00 65.03  ? 21  DT  B "C4'" 1 
ATOM   412 O  "O4'" . DT  B 1 9  ? 14.890  1.103   0.774   1.00 63.37  ? 21  DT  B "O4'" 1 
ATOM   413 C  "C3'" . DT  B 1 9  ? 16.639  -0.044  1.893   1.00 64.89  ? 21  DT  B "C3'" 1 
ATOM   414 O  "O3'" . DT  B 1 9  ? 16.763  -0.342  3.280   1.00 63.58  ? 21  DT  B "O3'" 1 
ATOM   415 C  "C2'" . DT  B 1 9  ? 15.740  -1.039  1.154   1.00 57.21  ? 21  DT  B "C2'" 1 
ATOM   416 C  "C1'" . DT  B 1 9  ? 14.473  -0.239  0.873   1.00 59.11  ? 21  DT  B "C1'" 1 
ATOM   417 N  N1    . DT  B 1 9  ? 13.790  -0.611  -0.398  1.00 61.03  ? 21  DT  B N1    1 
ATOM   418 C  C2    . DT  B 1 9  ? 12.534  -1.176  -0.338  1.00 64.73  ? 21  DT  B C2    1 
ATOM   419 O  O2    . DT  B 1 9  ? 11.951  -1.389  0.709   1.00 82.78  ? 21  DT  B O2    1 
ATOM   420 N  N3    . DT  B 1 9  ? 11.986  -1.481  -1.557  1.00 52.75  ? 21  DT  B N3    1 
ATOM   421 C  C4    . DT  B 1 9  ? 12.559  -1.283  -2.800  1.00 53.75  ? 21  DT  B C4    1 
ATOM   422 O  O4    . DT  B 1 9  ? 11.985  -1.592  -3.840  1.00 65.05  ? 21  DT  B O4    1 
ATOM   423 C  C5    . DT  B 1 9  ? 13.871  -0.687  -2.788  1.00 48.30  ? 21  DT  B C5    1 
ATOM   424 C  C7    . DT  B 1 9  ? 14.589  -0.425  -4.080  1.00 46.83  ? 21  DT  B C7    1 
ATOM   425 C  C6    . DT  B 1 9  ? 14.418  -0.384  -1.605  1.00 31.82  ? 21  DT  B C6    1 
ATOM   426 P  P     . DA  B 1 10 ? 17.473  -1.701  3.758   1.00 78.70  ? 22  DA  B P     1 
ATOM   427 O  OP1   . DA  B 1 10 ? 17.984  -1.478  5.130   1.00 58.80  ? 22  DA  B OP1   1 
ATOM   428 O  OP2   . DA  B 1 10 ? 18.399  -2.131  2.687   1.00 91.45  ? 22  DA  B OP2   1 
ATOM   429 O  "O5'" . DA  B 1 10 ? 16.267  -2.748  3.819   1.00 36.88  ? 22  DA  B "O5'" 1 
ATOM   430 C  "C5'" . DA  B 1 10 ? 15.051  -2.355  4.444   1.00 35.75  ? 22  DA  B "C5'" 1 
ATOM   431 C  "C4'" . DA  B 1 10 ? 13.954  -3.362  4.161   1.00 34.26  ? 22  DA  B "C4'" 1 
ATOM   432 O  "O4'" . DA  B 1 10 ? 13.540  -3.272  2.771   1.00 38.56  ? 22  DA  B "O4'" 1 
ATOM   433 C  "C3'" . DA  B 1 10 ? 14.357  -4.813  4.395   1.00 25.51  ? 22  DA  B "C3'" 1 
ATOM   434 O  "O3'" . DA  B 1 10 ? 13.330  -5.458  5.138   1.00 24.59  ? 22  DA  B "O3'" 1 
ATOM   435 C  "C2'" . DA  B 1 10 ? 14.495  -5.372  2.978   1.00 34.11  ? 22  DA  B "C2'" 1 
ATOM   436 C  "C1'" . DA  B 1 10 ? 13.424  -4.577  2.243   1.00 36.69  ? 22  DA  B "C1'" 1 
ATOM   437 N  N9    . DA  B 1 10 ? 13.595  -4.513  0.792   1.00 40.65  ? 22  DA  B N9    1 
ATOM   438 C  C8    . DA  B 1 10 ? 14.717  -4.141  0.106   1.00 50.08  ? 22  DA  B C8    1 
ATOM   439 N  N7    . DA  B 1 10 ? 14.579  -4.170  -1.199  1.00 44.63  ? 22  DA  B N7    1 
ATOM   440 C  C5    . DA  B 1 10 ? 13.272  -4.587  -1.383  1.00 43.64  ? 22  DA  B C5    1 
ATOM   441 C  C6    . DA  B 1 10 ? 12.505  -4.819  -2.543  1.00 55.45  ? 22  DA  B C6    1 
ATOM   442 N  N6    . DA  B 1 10 ? 12.982  -4.652  -3.781  1.00 64.14  ? 22  DA  B N6    1 
ATOM   443 N  N1    . DA  B 1 10 ? 11.230  -5.229  -2.380  1.00 61.58  ? 22  DA  B N1    1 
ATOM   444 C  C2    . DA  B 1 10 ? 10.761  -5.396  -1.137  1.00 59.70  ? 22  DA  B C2    1 
ATOM   445 N  N3    . DA  B 1 10 ? 11.385  -5.210  0.025   1.00 55.69  ? 22  DA  B N3    1 
ATOM   446 C  C4    . DA  B 1 10 ? 12.649  -4.801  -0.168  1.00 46.47  ? 22  DA  B C4    1 
ATOM   447 P  P     . DT  B 1 11 ? 13.633  -6.817  5.941   1.00 62.44  ? 23  DT  B P     1 
ATOM   448 O  OP1   . DT  B 1 11 ? 13.377  -6.565  7.376   1.00 64.10  ? 23  DT  B OP1   1 
ATOM   449 O  OP2   . DT  B 1 11 ? 14.954  -7.322  5.505   1.00 60.15  ? 23  DT  B OP2   1 
ATOM   450 O  "O5'" . DT  B 1 11 ? 12.518  -7.822  5.399   1.00 56.59  ? 23  DT  B "O5'" 1 
ATOM   451 C  "C5'" . DT  B 1 11 ? 12.139  -7.731  4.036   1.00 48.68  ? 23  DT  B "C5'" 1 
ATOM   452 C  "C4'" . DT  B 1 11 ? 10.846  -8.472  3.779   1.00 41.54  ? 23  DT  B "C4'" 1 
ATOM   453 O  "O4'" . DT  B 1 11 ? 10.432  -8.221  2.415   1.00 39.93  ? 23  DT  B "O4'" 1 
ATOM   454 C  "C3'" . DT  B 1 11 ? 10.966  -9.981  3.890   1.00 37.68  ? 23  DT  B "C3'" 1 
ATOM   455 O  "O3'" . DT  B 1 11 ? 9.704   -10.544 4.209   1.00 31.79  ? 23  DT  B "O3'" 1 
ATOM   456 C  "C2'" . DT  B 1 11 ? 11.433  -10.370 2.491   1.00 44.30  ? 23  DT  B "C2'" 1 
ATOM   457 C  "C1'" . DT  B 1 11 ? 10.732  -9.341  1.607   1.00 41.70  ? 23  DT  B "C1'" 1 
ATOM   458 N  N1    . DT  B 1 11 ? 11.559  -8.879  0.454   1.00 41.80  ? 23  DT  B N1    1 
ATOM   459 C  C2    . DT  B 1 11 ? 10.997  -8.859  -0.802  1.00 57.35  ? 23  DT  B C2    1 
ATOM   460 O  O2    . DT  B 1 11 ? 9.849   -9.200  -1.023  1.00 84.00  ? 23  DT  B O2    1 
ATOM   461 N  N3    . DT  B 1 11 ? 11.833  -8.419  -1.795  1.00 38.98  ? 23  DT  B N3    1 
ATOM   462 C  C4    . DT  B 1 11 ? 13.145  -8.009  -1.661  1.00 40.13  ? 23  DT  B C4    1 
ATOM   463 O  O4    . DT  B 1 11 ? 13.811  -7.632  -2.620  1.00 44.35  ? 23  DT  B O4    1 
ATOM   464 C  C5    . DT  B 1 11 ? 13.671  -8.055  -0.320  1.00 45.61  ? 23  DT  B C5    1 
ATOM   465 C  C7    . DT  B 1 11 ? 15.086  -7.633  -0.052  1.00 28.22  ? 23  DT  B C7    1 
ATOM   466 C  C6    . DT  B 1 11 ? 12.866  -8.483  0.661   1.00 26.69  ? 23  DT  B C6    1 
ATOM   467 P  P     . DT  B 1 12 ? 9.599   -12.083 4.654   1.00 53.56  ? 24  DT  B P     1 
ATOM   468 O  OP1   . DT  B 1 12 ? 8.448   -12.211 5.576   1.00 43.28  ? 24  DT  B OP1   1 
ATOM   469 O  OP2   . DT  B 1 12 ? 10.946  -12.518 5.085   1.00 50.72  ? 24  DT  B OP2   1 
ATOM   470 O  "O5'" . DT  B 1 12 ? 9.253   -12.845 3.294   1.00 22.69  ? 24  DT  B "O5'" 1 
ATOM   471 C  "C5'" . DT  B 1 12 ? 8.027   -12.570 2.635   1.00 23.82  ? 24  DT  B "C5'" 1 
ATOM   472 C  "C4'" . DT  B 1 12 ? 8.079   -13.101 1.219   1.00 36.88  ? 24  DT  B "C4'" 1 
ATOM   473 O  "O4'" . DT  B 1 12 ? 8.839   -12.201 0.385   1.00 36.10  ? 24  DT  B "O4'" 1 
ATOM   474 C  "C3'" . DT  B 1 12 ? 8.807   -14.425 1.080   1.00 52.30  ? 24  DT  B "C3'" 1 
ATOM   475 O  "O3'" . DT  B 1 12 ? 7.899   -15.488 1.330   1.00 62.06  ? 24  DT  B "O3'" 1 
ATOM   476 C  "C2'" . DT  B 1 12 ? 9.287   -14.407 -0.372  1.00 50.00  ? 24  DT  B "C2'" 1 
ATOM   477 C  "C1'" . DT  B 1 12 ? 9.261   -12.925 -0.753  1.00 47.36  ? 24  DT  B "C1'" 1 
ATOM   478 N  N1    . DT  B 1 12 ? 10.577  -12.384 -1.196  1.00 46.42  ? 24  DT  B N1    1 
ATOM   479 C  C2    . DT  B 1 12 ? 10.693  -11.875 -2.471  1.00 49.65  ? 24  DT  B C2    1 
ATOM   480 O  O2    . DT  B 1 12 ? 9.769   -11.847 -3.265  1.00 49.96  ? 24  DT  B O2    1 
ATOM   481 N  N3    . DT  B 1 12 ? 11.940  -11.401 -2.782  1.00 52.15  ? 24  DT  B N3    1 
ATOM   482 C  C4    . DT  B 1 12 ? 13.056  -11.384 -1.965  1.00 51.34  ? 24  DT  B C4    1 
ATOM   483 O  O4    . DT  B 1 12 ? 14.136  -10.936 -2.336  1.00 58.54  ? 24  DT  B O4    1 
ATOM   484 C  C5    . DT  B 1 12 ? 12.863  -11.930 -0.646  1.00 43.98  ? 24  DT  B C5    1 
ATOM   485 C  C7    . DT  B 1 12 ? 14.002  -11.964 0.329   1.00 51.91  ? 24  DT  B C7    1 
ATOM   486 C  C6    . DT  B 1 12 ? 11.650  -12.397 -0.328  1.00 40.04  ? 24  DT  B C6    1 
ATOM   487 O  "O5'" . DA  C 1 1  ? -18.786 11.303  -1.629  1.00 60.98  ? 1   DA  C "O5'" 1 
ATOM   488 C  "C5'" . DA  C 1 1  ? -18.251 12.221  -2.572  1.00 47.90  ? 1   DA  C "C5'" 1 
ATOM   489 C  "C4'" . DA  C 1 1  ? -16.733 12.225  -2.530  1.00 49.96  ? 1   DA  C "C4'" 1 
ATOM   490 O  "O4'" . DA  C 1 1  ? -16.283 12.304  -1.151  1.00 63.48  ? 1   DA  C "O4'" 1 
ATOM   491 C  "C3'" . DA  C 1 1  ? -16.059 10.987  -3.111  1.00 48.26  ? 1   DA  C "C3'" 1 
ATOM   492 O  "O3'" . DA  C 1 1  ? -14.881 11.383  -3.801  1.00 52.54  ? 1   DA  C "O3'" 1 
ATOM   493 C  "C2'" . DA  C 1 1  ? -15.720 10.170  -1.869  1.00 46.38  ? 1   DA  C "C2'" 1 
ATOM   494 C  "C1'" . DA  C 1 1  ? -15.317 11.297  -0.930  1.00 58.48  ? 1   DA  C "C1'" 1 
ATOM   495 N  N9    . DA  C 1 1  ? -15.316 10.933  0.482   1.00 66.81  ? 1   DA  C N9    1 
ATOM   496 C  C8    . DA  C 1 1  ? -16.327 10.349  1.193   1.00 74.01  ? 1   DA  C C8    1 
ATOM   497 N  N7    . DA  C 1 1  ? -16.033 10.142  2.455   1.00 75.20  ? 1   DA  C N7    1 
ATOM   498 C  C5    . DA  C 1 1  ? -14.741 10.625  2.580   1.00 76.47  ? 1   DA  C C5    1 
ATOM   499 C  C6    . DA  C 1 1  ? -13.853 10.698  3.671   1.00 86.10  ? 1   DA  C C6    1 
ATOM   500 N  N6    . DA  C 1 1  ? -14.157 10.262  4.898   1.00 85.89  ? 1   DA  C N6    1 
ATOM   501 N  N1    . DA  C 1 1  ? -12.637 11.238  3.453   1.00 96.40  ? 1   DA  C N1    1 
ATOM   502 C  C2    . DA  C 1 1  ? -12.334 11.675  2.225   1.00 95.87  ? 1   DA  C C2    1 
ATOM   503 N  N3    . DA  C 1 1  ? -13.081 11.660  1.123   1.00 84.82  ? 1   DA  C N3    1 
ATOM   504 C  C4    . DA  C 1 1  ? -14.284 11.117  1.372   1.00 73.86  ? 1   DA  C C4    1 
ATOM   505 P  P     . DA  C 1 2  ? -14.200 10.403  -4.879  1.00 90.26  ? 2   DA  C P     1 
ATOM   506 O  OP1   . DA  C 1 2  ? -14.190 11.111  -6.177  1.00 90.42  ? 2   DA  C OP1   1 
ATOM   507 O  OP2   . DA  C 1 2  ? -14.840 9.073   -4.768  1.00 83.34  ? 2   DA  C OP2   1 
ATOM   508 O  "O5'" . DA  C 1 2  ? -12.694 10.265  -4.364  1.00 51.23  ? 2   DA  C "O5'" 1 
ATOM   509 C  "C5'" . DA  C 1 2  ? -11.888 11.428  -4.262  1.00 42.20  ? 2   DA  C "C5'" 1 
ATOM   510 C  "C4'" . DA  C 1 2  ? -10.637 11.130  -3.460  1.00 46.73  ? 2   DA  C "C4'" 1 
ATOM   511 O  "O4'" . DA  C 1 2  ? -11.009 10.945  -2.073  1.00 48.92  ? 2   DA  C "O4'" 1 
ATOM   512 C  "C3'" . DA  C 1 2  ? -9.893  9.874   -3.904  1.00 49.04  ? 2   DA  C "C3'" 1 
ATOM   513 O  "O3'" . DA  C 1 2  ? -8.547  10.212  -4.233  1.00 37.00  ? 2   DA  C "O3'" 1 
ATOM   514 C  "C2'" . DA  C 1 2  ? -9.976  8.917   -2.713  1.00 37.30  ? 2   DA  C "C2'" 1 
ATOM   515 C  "C1'" . DA  C 1 2  ? -10.374 9.805   -1.538  1.00 52.97  ? 2   DA  C "C1'" 1 
ATOM   516 N  N9    . DA  C 1 2  ? -11.310 9.172   -0.610  1.00 37.41  ? 2   DA  C N9    1 
ATOM   517 C  C8    . DA  C 1 2  ? -12.568 8.711   -0.886  1.00 47.06  ? 2   DA  C C8    1 
ATOM   518 N  N7    . DA  C 1 2  ? -13.180 8.190   0.152   1.00 46.20  ? 2   DA  C N7    1 
ATOM   519 C  C5    . DA  C 1 2  ? -12.263 8.323   1.183   1.00 47.56  ? 2   DA  C C5    1 
ATOM   520 C  C6    . DA  C 1 2  ? -12.300 7.967   2.547   1.00 54.88  ? 2   DA  C C6    1 
ATOM   521 N  N6    . DA  C 1 2  ? -13.348 7.376   3.131   1.00 58.16  ? 2   DA  C N6    1 
ATOM   522 N  N1    . DA  C 1 2  ? -11.211 8.244   3.293   1.00 59.14  ? 2   DA  C N1    1 
ATOM   523 C  C2    . DA  C 1 2  ? -10.162 8.836   2.713   1.00 57.37  ? 2   DA  C C2    1 
ATOM   524 N  N3    . DA  C 1 2  ? -10.010 9.215   1.446   1.00 55.19  ? 2   DA  C N3    1 
ATOM   525 C  C4    . DA  C 1 2  ? -11.107 8.928   0.728   1.00 49.57  ? 2   DA  C C4    1 
ATOM   526 P  P     . DT  C 1 3  ? -7.559  9.107   -4.855  1.00 72.18  ? 3   DT  C P     1 
ATOM   527 O  OP1   . DT  C 1 3  ? -6.587  9.809   -5.723  1.00 52.82  ? 3   DT  C OP1   1 
ATOM   528 O  OP2   . DT  C 1 3  ? -8.383  8.010   -5.409  1.00 82.54  ? 3   DT  C OP2   1 
ATOM   529 O  "O5'" . DT  C 1 3  ? -6.788  8.535   -3.580  1.00 70.10  ? 3   DT  C "O5'" 1 
ATOM   530 C  "C5'" . DT  C 1 3  ? -6.256  9.453   -2.638  1.00 64.46  ? 3   DT  C "C5'" 1 
ATOM   531 C  "C4'" . DT  C 1 3  ? -5.998  8.764   -1.314  1.00 52.90  ? 3   DT  C "C4'" 1 
ATOM   532 O  "O4'" . DT  C 1 3  ? -7.243  8.362   -0.700  1.00 52.53  ? 3   DT  C "O4'" 1 
ATOM   533 C  "C3'" . DT  C 1 3  ? -5.184  7.481   -1.423  1.00 40.15  ? 3   DT  C "C3'" 1 
ATOM   534 O  "O3'" . DT  C 1 3  ? -3.834  7.765   -1.086  1.00 43.90  ? 3   DT  C "O3'" 1 
ATOM   535 C  "C2'" . DT  C 1 3  ? -5.840  6.517   -0.429  1.00 38.79  ? 3   DT  C "C2'" 1 
ATOM   536 C  "C1'" . DT  C 1 3  ? -6.911  7.370   0.243   1.00 48.36  ? 3   DT  C "C1'" 1 
ATOM   537 N  N1    . DT  C 1 3  ? -8.148  6.629   0.625   1.00 56.48  ? 3   DT  C N1    1 
ATOM   538 C  C2    . DT  C 1 3  ? -8.281  6.192   1.924   1.00 64.58  ? 3   DT  C C2    1 
ATOM   539 O  O2    . DT  C 1 3  ? -7.436  6.377   2.780   1.00 71.54  ? 3   DT  C O2    1 
ATOM   540 N  N3    . DT  C 1 3  ? -9.450  5.524   2.185   1.00 65.76  ? 3   DT  C N3    1 
ATOM   541 C  C4    . DT  C 1 3  ? -10.475 5.257   1.298   1.00 68.08  ? 3   DT  C C4    1 
ATOM   542 O  O4    . DT  C 1 3  ? -11.485 4.647   1.636   1.00 65.74  ? 3   DT  C O4    1 
ATOM   543 C  C5    . DT  C 1 3  ? -10.271 5.743   -0.044  1.00 65.78  ? 3   DT  C C5    1 
ATOM   544 C  C7    . DT  C 1 3  ? -11.316 5.510   -1.095  1.00 68.37  ? 3   DT  C C7    1 
ATOM   545 C  C6    . DT  C 1 3  ? -9.133  6.398   -0.313  1.00 56.18  ? 3   DT  C C6    1 
ATOM   546 P  P     . DA  C 1 4  ? -2.683  6.686   -1.382  1.00 72.70  ? 4   DA  C P     1 
ATOM   547 O  OP1   . DA  C 1 4  ? -1.399  7.414   -1.489  1.00 70.36  ? 4   DA  C OP1   1 
ATOM   548 O  OP2   . DA  C 1 4  ? -3.145  5.831   -2.500  1.00 69.05  ? 4   DA  C OP2   1 
ATOM   549 O  "O5'" . DA  C 1 4  ? -2.658  5.792   -0.059  1.00 58.44  ? 4   DA  C "O5'" 1 
ATOM   550 C  "C5'" . DA  C 1 4  ? -2.639  6.437   1.207   1.00 60.60  ? 4   DA  C "C5'" 1 
ATOM   551 C  "C4'" . DA  C 1 4  ? -2.985  5.447   2.300   1.00 53.86  ? 4   DA  C "C4'" 1 
ATOM   552 O  "O4'" . DA  C 1 4  ? -4.399  5.122   2.243   1.00 53.37  ? 4   DA  C "O4'" 1 
ATOM   553 C  "C3'" . DA  C 1 4  ? -2.237  4.125   2.183   1.00 53.70  ? 4   DA  C "C3'" 1 
ATOM   554 O  "O3'" . DA  C 1 4  ? -1.771  3.731   3.457   1.00 56.42  ? 4   DA  C "O3'" 1 
ATOM   555 C  "C2'" . DA  C 1 4  ? -3.305  3.164   1.673   1.00 51.98  ? 4   DA  C "C2'" 1 
ATOM   556 C  "C1'" . DA  C 1 4  ? -4.532  3.724   2.378   1.00 53.31  ? 4   DA  C "C1'" 1 
ATOM   557 N  N9    . DA  C 1 4  ? -5.796  3.297   1.788   1.00 49.55  ? 4   DA  C N9    1 
ATOM   558 C  C8    . DA  C 1 4  ? -6.098  3.209   0.459   1.00 53.60  ? 4   DA  C C8    1 
ATOM   559 N  N7    . DA  C 1 4  ? -7.318  2.791   0.219   1.00 55.58  ? 4   DA  C N7    1 
ATOM   560 C  C5    . DA  C 1 4  ? -7.854  2.589   1.481   1.00 54.27  ? 4   DA  C C5    1 
ATOM   561 C  C6    . DA  C 1 4  ? -9.119  2.146   1.918   1.00 53.42  ? 4   DA  C C6    1 
ATOM   562 N  N6    . DA  C 1 4  ? -10.111 1.815   1.085   1.00 63.74  ? 4   DA  C N6    1 
ATOM   563 N  N1    . DA  C 1 4  ? -9.322  2.057   3.249   1.00 47.78  ? 4   DA  C N1    1 
ATOM   564 C  C2    . DA  C 1 4  ? -8.327  2.389   4.080   1.00 50.54  ? 4   DA  C C2    1 
ATOM   565 N  N3    . DA  C 1 4  ? -7.100  2.817   3.787   1.00 37.29  ? 4   DA  C N3    1 
ATOM   566 C  C4    . DA  C 1 4  ? -6.928  2.896   2.459   1.00 50.03  ? 4   DA  C C4    1 
ATOM   567 P  P     . DA  C 1 5  ? -0.306  3.096   3.620   1.00 74.19  ? 5   DA  C P     1 
ATOM   568 O  OP1   . DA  C 1 5  ? 0.640   4.208   3.871   1.00 78.04  ? 5   DA  C OP1   1 
ATOM   569 O  OP2   . DA  C 1 5  ? -0.084  2.176   2.482   1.00 59.62  ? 5   DA  C OP2   1 
ATOM   570 O  "O5'" . DA  C 1 5  ? -0.428  2.218   4.948   1.00 85.45  ? 5   DA  C "O5'" 1 
ATOM   571 C  "C5'" . DA  C 1 5  ? -1.100  2.786   6.061   1.00 79.96  ? 5   DA  C "C5'" 1 
ATOM   572 C  "C4'" . DA  C 1 5  ? -2.249  1.905   6.519   1.00 68.64  ? 5   DA  C "C4'" 1 
ATOM   573 O  "O4'" . DA  C 1 5  ? -3.245  1.766   5.470   1.00 61.49  ? 5   DA  C "O4'" 1 
ATOM   574 C  "C3'" . DA  C 1 5  ? -1.855  0.486   6.921   1.00 63.28  ? 5   DA  C "C3'" 1 
ATOM   575 O  "O3'" . DA  C 1 5  ? -2.299  0.272   8.258   1.00 66.55  ? 5   DA  C "O3'" 1 
ATOM   576 C  "C2'" . DA  C 1 5  ? -2.586  -0.397  5.904   1.00 62.38  ? 5   DA  C "C2'" 1 
ATOM   577 C  "C1'" . DA  C 1 5  ? -3.795  0.470   5.571   1.00 62.90  ? 5   DA  C "C1'" 1 
ATOM   578 N  N9    . DA  C 1 5  ? -4.503  0.140   4.331   1.00 66.01  ? 5   DA  C N9    1 
ATOM   579 C  C8    . DA  C 1 5  ? -4.010  0.185   3.055   1.00 66.03  ? 5   DA  C C8    1 
ATOM   580 N  N7    . DA  C 1 5  ? -4.879  -0.158  2.133   1.00 52.76  ? 5   DA  C N7    1 
ATOM   581 C  C5    . DA  C 1 5  ? -6.028  -0.447  2.849   1.00 37.67  ? 5   DA  C C5    1 
ATOM   582 C  C6    . DA  C 1 5  ? -7.316  -0.872  2.457   1.00 61.56  ? 5   DA  C C6    1 
ATOM   583 N  N6    . DA  C 1 5  ? -7.666  -1.087  1.184   1.00 55.44  ? 5   DA  C N6    1 
ATOM   584 N  N1    . DA  C 1 5  ? -8.236  -1.072  3.426   1.00 65.62  ? 5   DA  C N1    1 
ATOM   585 C  C2    . DA  C 1 5  ? -7.881  -0.859  4.699   1.00 59.08  ? 5   DA  C C2    1 
ATOM   586 N  N3    . DA  C 1 5  ? -6.708  -0.457  5.186   1.00 37.73  ? 5   DA  C N3    1 
ATOM   587 C  C4    . DA  C 1 5  ? -5.814  -0.267  4.202   1.00 37.58  ? 5   DA  C C4    1 
ATOM   588 P  P     . DA  C 1 6  ? -1.624  -0.864  9.175   1.00 65.90  ? 6   DA  C P     1 
ATOM   589 O  OP1   . DA  C 1 6  ? -1.056  -0.196  10.369  1.00 52.74  ? 6   DA  C OP1   1 
ATOM   590 O  OP2   . DA  C 1 6  ? -0.753  -1.689  8.307   1.00 62.88  ? 6   DA  C OP2   1 
ATOM   591 O  "O5'" . DA  C 1 6  ? -2.873  -1.754  9.635   1.00 79.57  ? 6   DA  C "O5'" 1 
ATOM   592 C  "C5'" . DA  C 1 6  ? -4.017  -1.792  8.789   1.00 76.13  ? 6   DA  C "C5'" 1 
ATOM   593 C  "C4'" . DA  C 1 6  ? -5.113  -2.691  9.321   1.00 75.60  ? 6   DA  C "C4'" 1 
ATOM   594 O  "O4'" . DA  C 1 6  ? -6.074  -2.906  8.258   1.00 70.54  ? 6   DA  C "O4'" 1 
ATOM   595 C  "C3'" . DA  C 1 6  ? -4.668  -4.090  9.712   1.00 85.54  ? 6   DA  C "C3'" 1 
ATOM   596 O  "O3'" . DA  C 1 6  ? -5.631  -4.676  10.584  1.00 94.03  ? 6   DA  C "O3'" 1 
ATOM   597 C  "C2'" . DA  C 1 6  ? -4.633  -4.775  8.349   1.00 84.08  ? 6   DA  C "C2'" 1 
ATOM   598 C  "C1'" . DA  C 1 6  ? -5.874  -4.185  7.685   1.00 73.54  ? 6   DA  C "C1'" 1 
ATOM   599 N  N9    . DA  C 1 6  ? -5.753  -4.044  6.235   1.00 65.23  ? 6   DA  C N9    1 
ATOM   600 C  C8    . DA  C 1 6  ? -4.635  -3.720  5.515   1.00 63.76  ? 6   DA  C C8    1 
ATOM   601 N  N7    . DA  C 1 6  ? -4.836  -3.670  4.219   1.00 60.44  ? 6   DA  C N7    1 
ATOM   602 C  C5    . DA  C 1 6  ? -6.178  -3.980  4.076   1.00 53.49  ? 6   DA  C C5    1 
ATOM   603 C  C6    . DA  C 1 6  ? -7.019  -4.097  2.950   1.00 47.40  ? 6   DA  C C6    1 
ATOM   604 N  N6    . DA  C 1 6  ? -6.611  -3.902  1.692   1.00 38.42  ? 6   DA  C N6    1 
ATOM   605 N  N1    . DA  C 1 6  ? -8.309  -4.422  3.169   1.00 46.73  ? 6   DA  C N1    1 
ATOM   606 C  C2    . DA  C 1 6  ? -8.728  -4.619  4.424   1.00 53.09  ? 6   DA  C C2    1 
ATOM   607 N  N3    . DA  C 1 6  ? -8.034  -4.539  5.557   1.00 57.53  ? 6   DA  C N3    1 
ATOM   608 C  C4    . DA  C 1 6  ? -6.757  -4.214  5.311   1.00 57.94  ? 6   DA  C C4    1 
ATOM   609 P  P     . DT  C 1 7  ? -5.194  -5.819  11.626  1.00 87.03  ? 7   DT  C P     1 
ATOM   610 O  OP1   . DT  C 1 7  ? -5.532  -5.345  12.987  1.00 86.82  ? 7   DT  C OP1   1 
ATOM   611 O  OP2   . DT  C 1 7  ? -3.803  -6.210  11.306  1.00 74.77  ? 7   DT  C OP2   1 
ATOM   612 O  "O5'" . DT  C 1 7  ? -6.145  -7.051  11.259  1.00 64.78  ? 7   DT  C "O5'" 1 
ATOM   613 C  "C5'" . DT  C 1 7  ? -6.153  -7.544  9.929   1.00 63.21  ? 7   DT  C "C5'" 1 
ATOM   614 C  "C4'" . DT  C 1 7  ? -7.543  -7.987  9.521   1.00 63.31  ? 7   DT  C "C4'" 1 
ATOM   615 O  "O4'" . DT  C 1 7  ? -7.863  -7.422  8.224   1.00 56.21  ? 7   DT  C "O4'" 1 
ATOM   616 C  "C3'" . DT  C 1 7  ? -7.708  -9.500  9.408   1.00 73.03  ? 7   DT  C "C3'" 1 
ATOM   617 O  "O3'" . DT  C 1 7  ? -8.935  -9.918  10.004  1.00 40.03  ? 7   DT  C "O3'" 1 
ATOM   618 C  "C2'" . DT  C 1 7  ? -7.680  -9.758  7.904   1.00 75.71  ? 7   DT  C "C2'" 1 
ATOM   619 C  "C1'" . DT  C 1 7  ? -8.168  -8.444  7.300   1.00 62.42  ? 7   DT  C "C1'" 1 
ATOM   620 N  N1    . DT  C 1 7  ? -7.503  -8.110  6.012   1.00 61.82  ? 7   DT  C N1    1 
ATOM   621 C  C2    . DT  C 1 7  ? -8.260  -8.005  4.866   1.00 65.12  ? 7   DT  C C2    1 
ATOM   622 O  O2    . DT  C 1 7  ? -9.466  -8.171  4.846   1.00 63.88  ? 7   DT  C O2    1 
ATOM   623 N  N3    . DT  C 1 7  ? -7.545  -7.695  3.737   1.00 68.37  ? 7   DT  C N3    1 
ATOM   624 C  C4    . DT  C 1 7  ? -6.181  -7.486  3.648   1.00 67.90  ? 7   DT  C C4    1 
ATOM   625 O  O4    . DT  C 1 7  ? -5.626  -7.212  2.589   1.00 67.29  ? 7   DT  C O4    1 
ATOM   626 C  C5    . DT  C 1 7  ? -5.451  -7.612  4.885   1.00 38.94  ? 7   DT  C C5    1 
ATOM   627 C  C7    . DT  C 1 7  ? -3.966  -7.409  4.912   1.00 38.68  ? 7   DT  C C7    1 
ATOM   628 C  C6    . DT  C 1 7  ? -6.137  -7.915  5.993   1.00 39.12  ? 7   DT  C C6    1 
ATOM   629 P  P     . DT  C 1 8  ? -9.275  -11.482 10.149  1.00 72.60  ? 8   DT  C P     1 
ATOM   630 O  OP1   . DT  C 1 8  ? -10.262 -11.620 11.244  1.00 79.26  ? 8   DT  C OP1   1 
ATOM   631 O  OP2   . DT  C 1 8  ? -7.999  -12.230 10.214  1.00 62.68  ? 8   DT  C OP2   1 
ATOM   632 O  "O5'" . DT  C 1 8  ? -9.987  -11.848 8.765   1.00 54.16  ? 8   DT  C "O5'" 1 
ATOM   633 C  "C5'" . DT  C 1 8  ? -11.111 -11.087 8.341   1.00 53.87  ? 8   DT  C "C5'" 1 
ATOM   634 C  "C4'" . DT  C 1 8  ? -11.440 -11.356 6.882   1.00 53.26  ? 8   DT  C "C4'" 1 
ATOM   635 O  "O4'" . DT  C 1 8  ? -10.354 -10.901 6.039   1.00 45.45  ? 8   DT  C "O4'" 1 
ATOM   636 C  "C3'" . DT  C 1 8  ? -11.654 -12.827 6.532   1.00 52.53  ? 8   DT  C "C3'" 1 
ATOM   637 O  "O3'" . DT  C 1 8  ? -13.000 -13.028 6.121   1.00 46.39  ? 8   DT  C "O3'" 1 
ATOM   638 C  "C2'" . DT  C 1 8  ? -10.670 -13.107 5.395   1.00 41.18  ? 8   DT  C "C2'" 1 
ATOM   639 C  "C1'" . DT  C 1 8  ? -10.362 -11.707 4.884   1.00 40.77  ? 8   DT  C "C1'" 1 
ATOM   640 N  N1    . DT  C 1 8  ? -9.048  -11.597 4.194   1.00 65.27  ? 8   DT  C N1    1 
ATOM   641 C  C2    . DT  C 1 8  ? -9.023  -11.542 2.818   1.00 66.31  ? 8   DT  C C2    1 
ATOM   642 O  O2    . DT  C 1 8  ? -10.026 -11.577 2.128   1.00 64.86  ? 8   DT  C O2    1 
ATOM   643 N  N3    . DT  C 1 8  ? -7.767  -11.442 2.275   1.00 66.33  ? 8   DT  C N3    1 
ATOM   644 C  C4    . DT  C 1 8  ? -6.566  -11.393 2.957   1.00 70.36  ? 8   DT  C C4    1 
ATOM   645 O  O4    . DT  C 1 8  ? -5.488  -11.302 2.377   1.00 75.99  ? 8   DT  C O4    1 
ATOM   646 C  C5    . DT  C 1 8  ? -6.668  -11.456 4.393   1.00 40.05  ? 8   DT  C C5    1 
ATOM   647 C  C7    . DT  C 1 8  ? -5.432  -11.412 5.241   1.00 39.83  ? 8   DT  C C7    1 
ATOM   648 C  C6    . DT  C 1 8  ? -7.887  -11.555 4.936   1.00 40.28  ? 8   DT  C C6    1 
ATOM   649 P  P     . DT  C 1 9  ? -13.526 -14.507 5.778   1.00 87.88  ? 9   DT  C P     1 
ATOM   650 O  OP1   . DT  C 1 9  ? -14.983 -14.542 6.036   1.00 93.61  ? 9   DT  C OP1   1 
ATOM   651 O  OP2   . DT  C 1 9  ? -12.636 -15.471 6.462   1.00 84.74  ? 9   DT  C OP2   1 
ATOM   652 O  "O5'" . DT  C 1 9  ? -13.281 -14.644 4.203   1.00 59.21  ? 9   DT  C "O5'" 1 
ATOM   653 C  "C5'" . DT  C 1 9  ? -13.902 -13.724 3.315   1.00 58.83  ? 9   DT  C "C5'" 1 
ATOM   654 C  "C4'" . DT  C 1 9  ? -13.484 -13.978 1.878   1.00 59.94  ? 9   DT  C "C4'" 1 
ATOM   655 O  "O4'" . DT  C 1 9  ? -12.076 -13.658 1.709   1.00 66.43  ? 9   DT  C "O4'" 1 
ATOM   656 C  "C3'" . DT  C 1 9  ? -13.656 -15.418 1.396   1.00 61.91  ? 9   DT  C "C3'" 1 
ATOM   657 O  "O3'" . DT  C 1 9  ? -14.248 -15.416 0.096   1.00 67.40  ? 9   DT  C "O3'" 1 
ATOM   658 C  "C2'" . DT  C 1 9  ? -12.218 -15.935 1.379   1.00 67.95  ? 9   DT  C "C2'" 1 
ATOM   659 C  "C1'" . DT  C 1 9  ? -11.479 -14.679 0.941   1.00 64.10  ? 9   DT  C "C1'" 1 
ATOM   660 N  N1    . DT  C 1 9  ? -10.010 -14.718 1.205   1.00 53.32  ? 9   DT  C N1    1 
ATOM   661 C  C2    . DT  C 1 9  ? -9.125  -14.533 0.162   1.00 57.34  ? 9   DT  C C2    1 
ATOM   662 O  O2    . DT  C 1 9  ? -9.476  -14.331 -0.987  1.00 58.19  ? 9   DT  C O2    1 
ATOM   663 N  N3    . DT  C 1 9  ? -7.799  -14.591 0.516   1.00 62.02  ? 9   DT  C N3    1 
ATOM   664 C  C4    . DT  C 1 9  ? -7.289  -14.814 1.783   1.00 70.97  ? 9   DT  C C4    1 
ATOM   665 O  O4    . DT  C 1 9  ? -6.084  -14.850 2.008   1.00 80.93  ? 9   DT  C O4    1 
ATOM   666 C  C5    . DT  C 1 9  ? -8.270  -15.000 2.824   1.00 63.87  ? 9   DT  C C5    1 
ATOM   667 C  C7    . DT  C 1 9  ? -7.832  -15.248 4.237   1.00 71.87  ? 9   DT  C C7    1 
ATOM   668 C  C6    . DT  C 1 9  ? -9.564  -14.945 2.490   1.00 47.98  ? 9   DT  C C6    1 
ATOM   669 P  P     . DA  C 1 10 ? -14.870 -16.762 -0.524  1.00 89.53  ? 10  DA  C P     1 
ATOM   670 O  OP1   . DA  C 1 10 ? -16.317 -16.533 -0.732  1.00 94.85  ? 10  DA  C OP1   1 
ATOM   671 O  OP2   . DA  C 1 10 ? -14.421 -17.911 0.295   1.00 74.85  ? 10  DA  C OP2   1 
ATOM   672 O  "O5'" . DA  C 1 10 ? -14.162 -16.880 -1.952  1.00 43.27  ? 10  DA  C "O5'" 1 
ATOM   673 C  "C5'" . DA  C 1 10 ? -12.749 -16.781 -2.005  1.00 42.91  ? 10  DA  C "C5'" 1 
ATOM   674 C  "C4'" . DA  C 1 10 ? -12.236 -16.639 -3.422  1.00 52.14  ? 10  DA  C "C4'" 1 
ATOM   675 O  "O4'" . DA  C 1 10 ? -10.845 -16.243 -3.364  1.00 57.57  ? 10  DA  C "O4'" 1 
ATOM   676 C  "C3'" . DA  C 1 10 ? -12.213 -17.927 -4.223  1.00 51.25  ? 10  DA  C "C3'" 1 
ATOM   677 O  "O3'" . DA  C 1 10 ? -12.089 -17.624 -5.606  1.00 46.32  ? 10  DA  C "O3'" 1 
ATOM   678 C  "C2'" . DA  C 1 10 ? -10.953 -18.592 -3.684  1.00 58.20  ? 10  DA  C "C2'" 1 
ATOM   679 C  "C1'" . DA  C 1 10 ? -10.027 -17.393 -3.479  1.00 59.78  ? 10  DA  C "C1'" 1 
ATOM   680 N  N9    . DA  C 1 10 ? -9.201  -17.489 -2.280  1.00 53.28  ? 10  DA  C N9    1 
ATOM   681 C  C8    . DA  C 1 10 ? -9.606  -17.799 -1.012  1.00 47.14  ? 10  DA  C C8    1 
ATOM   682 N  N7    . DA  C 1 10 ? -8.632  -17.808 -0.134  1.00 42.22  ? 10  DA  C N7    1 
ATOM   683 C  C5    . DA  C 1 10 ? -7.511  -17.478 -0.876  1.00 46.50  ? 10  DA  C C5    1 
ATOM   684 C  C6    . DA  C 1 10 ? -6.154  -17.317 -0.534  1.00 53.26  ? 10  DA  C C6    1 
ATOM   685 N  N6    . DA  C 1 10 ? -5.682  -17.478 0.706   1.00 64.41  ? 10  DA  C N6    1 
ATOM   686 N  N1    . DA  C 1 10 ? -5.299  -16.982 -1.522  1.00 54.93  ? 10  DA  C N1    1 
ATOM   687 C  C2    . DA  C 1 10 ? -5.768  -16.820 -2.764  1.00 54.56  ? 10  DA  C C2    1 
ATOM   688 N  N3    . DA  C 1 10 ? -7.017  -16.945 -3.204  1.00 57.42  ? 10  DA  C N3    1 
ATOM   689 C  C4    . DA  C 1 10 ? -7.845  -17.276 -2.201  1.00 51.47  ? 10  DA  C C4    1 
ATOM   690 P  P     . DT  C 1 11 ? -12.078 -18.804 -6.697  1.00 90.25  ? 11  DT  C P     1 
ATOM   691 O  OP1   . DT  C 1 11 ? -12.671 -18.267 -7.943  1.00 87.52  ? 11  DT  C OP1   1 
ATOM   692 O  OP2   . DT  C 1 11 ? -12.664 -20.003 -6.059  1.00 91.07  ? 11  DT  C OP2   1 
ATOM   693 O  "O5'" . DT  C 1 11 ? -10.522 -19.089 -6.944  1.00 59.35  ? 11  DT  C "O5'" 1 
ATOM   694 C  "C5'" . DT  C 1 11 ? -9.719  -18.112 -7.602  1.00 62.85  ? 11  DT  C "C5'" 1 
ATOM   695 C  "C4'" . DT  C 1 11 ? -8.246  -18.489 -7.590  1.00 71.20  ? 11  DT  C "C4'" 1 
ATOM   696 O  "O4'" . DT  C 1 11 ? -7.738  -18.480 -6.232  1.00 79.55  ? 11  DT  C "O4'" 1 
ATOM   697 C  "C3'" . DT  C 1 11 ? -7.916  -19.871 -8.153  1.00 64.38  ? 11  DT  C "C3'" 1 
ATOM   698 O  "O3'" . DT  C 1 11 ? -7.083  -19.740 -9.299  1.00 53.93  ? 11  DT  C "O3'" 1 
ATOM   699 C  "C2'" . DT  C 1 11 ? -7.192  -20.593 -7.016  1.00 64.08  ? 11  DT  C "C2'" 1 
ATOM   700 C  "C1'" . DT  C 1 11 ? -6.708  -19.439 -6.151  1.00 68.26  ? 11  DT  C "C1'" 1 
ATOM   701 N  N1    . DT  C 1 11 ? -6.501  -19.818 -4.726  1.00 56.65  ? 11  DT  C N1    1 
ATOM   702 C  C2    . DT  C 1 11 ? -5.234  -19.758 -4.188  1.00 53.72  ? 11  DT  C C2    1 
ATOM   703 O  O2    . DT  C 1 11 ? -4.255  -19.403 -4.820  1.00 69.62  ? 11  DT  C O2    1 
ATOM   704 N  N3    . DT  C 1 11 ? -5.152  -20.131 -2.869  1.00 43.16  ? 11  DT  C N3    1 
ATOM   705 C  C4    . DT  C 1 11 ? -6.195  -20.548 -2.061  1.00 52.31  ? 11  DT  C C4    1 
ATOM   706 O  O4    . DT  C 1 11 ? -6.030  -20.864 -0.888  1.00 60.03  ? 11  DT  C O4    1 
ATOM   707 C  C5    . DT  C 1 11 ? -7.491  -20.588 -2.689  1.00 52.21  ? 11  DT  C C5    1 
ATOM   708 C  C7    . DT  C 1 11 ? -8.692  -21.027 -1.906  1.00 51.92  ? 11  DT  C C7    1 
ATOM   709 C  C6    . DT  C 1 11 ? -7.583  -20.227 -3.975  1.00 51.71  ? 11  DT  C C6    1 
ATOM   710 P  P     . DT  C 1 12 ? -6.626  -21.047 -10.117 1.00 62.53  ? 12  DT  C P     1 
ATOM   711 O  OP1   . DT  C 1 12 ? -6.328  -20.624 -11.503 1.00 52.73  ? 12  DT  C OP1   1 
ATOM   712 O  OP2   . DT  C 1 12 ? -7.636  -22.101 -9.874  1.00 66.57  ? 12  DT  C OP2   1 
ATOM   713 O  "O5'" . DT  C 1 12 ? -5.261  -21.488 -9.409  1.00 69.76  ? 12  DT  C "O5'" 1 
ATOM   714 C  "C5'" . DT  C 1 12 ? -4.138  -20.613 -9.463  1.00 69.69  ? 12  DT  C "C5'" 1 
ATOM   715 C  "C4'" . DT  C 1 12 ? -2.967  -21.128 -8.642  1.00 67.82  ? 12  DT  C "C4'" 1 
ATOM   716 O  "O4'" . DT  C 1 12 ? -3.208  -20.933 -7.230  1.00 63.10  ? 12  DT  C "O4'" 1 
ATOM   717 C  "C3'" . DT  C 1 12 ? -2.681  -22.618 -8.750  1.00 64.30  ? 12  DT  C "C3'" 1 
ATOM   718 O  "O3'" . DT  C 1 12 ? -1.934  -22.888 -9.929  1.00 72.52  ? 12  DT  C "O3'" 1 
ATOM   719 C  "C2'" . DT  C 1 12 ? -1.847  -22.865 -7.495  1.00 54.89  ? 12  DT  C "C2'" 1 
ATOM   720 C  "C1'" . DT  C 1 12 ? -2.358  -21.809 -6.513  1.00 52.81  ? 12  DT  C "C1'" 1 
ATOM   721 N  N1    . DT  C 1 12 ? -3.115  -22.379 -5.365  1.00 50.59  ? 12  DT  C N1    1 
ATOM   722 C  C2    . DT  C 1 12 ? -2.470  -22.555 -4.162  1.00 58.75  ? 12  DT  C C2    1 
ATOM   723 O  O2    . DT  C 1 12 ? -1.300  -22.265 -3.985  1.00 73.43  ? 12  DT  C O2    1 
ATOM   724 N  N3    . DT  C 1 12 ? -3.250  -23.085 -3.168  1.00 48.46  ? 12  DT  C N3    1 
ATOM   725 C  C4    . DT  C 1 12 ? -4.581  -23.449 -3.257  1.00 51.22  ? 12  DT  C C4    1 
ATOM   726 O  O4    . DT  C 1 12 ? -5.193  -23.917 -2.302  1.00 53.35  ? 12  DT  C O4    1 
ATOM   727 C  C5    . DT  C 1 12 ? -5.194  -23.239 -4.545  1.00 60.66  ? 12  DT  C C5    1 
ATOM   728 C  C7    . DT  C 1 12 ? -6.634  -23.597 -4.765  1.00 72.43  ? 12  DT  C C7    1 
ATOM   729 C  C6    . DT  C 1 12 ? -4.442  -22.722 -5.525  1.00 53.05  ? 12  DT  C C6    1 
ATOM   730 O  "O5'" . DA  D 1 1  ? 1.754   -25.509 5.741   1.00 52.15  ? 13  DA  D "O5'" 1 
ATOM   731 C  "C5'" . DA  D 1 1  ? 1.943   -24.119 5.991   1.00 45.34  ? 13  DA  D "C5'" 1 
ATOM   732 C  "C4'" . DA  D 1 1  ? 2.731   -23.482 4.860   1.00 48.57  ? 13  DA  D "C4'" 1 
ATOM   733 O  "O4'" . DA  D 1 1  ? 2.022   -23.677 3.610   1.00 48.46  ? 13  DA  D "O4'" 1 
ATOM   734 C  "C3'" . DA  D 1 1  ? 2.936   -21.976 4.953   1.00 56.51  ? 13  DA  D "C3'" 1 
ATOM   735 O  "O3'" . DA  D 1 1  ? 4.082   -21.621 4.191   1.00 65.11  ? 13  DA  D "O3'" 1 
ATOM   736 C  "C2'" . DA  D 1 1  ? 1.654   -21.461 4.308   1.00 42.31  ? 13  DA  D "C2'" 1 
ATOM   737 C  "C1'" . DA  D 1 1  ? 1.512   -22.441 3.148   1.00 36.65  ? 13  DA  D "C1'" 1 
ATOM   738 N  N9    . DA  D 1 1  ? 0.138   -22.660 2.707   1.00 41.37  ? 13  DA  D N9    1 
ATOM   739 C  C8    . DA  D 1 1  ? -0.966  -22.859 3.490   1.00 54.97  ? 13  DA  D C8    1 
ATOM   740 N  N7    . DA  D 1 1  ? -2.074  -23.037 2.808   1.00 59.71  ? 13  DA  D N7    1 
ATOM   741 C  C5    . DA  D 1 1  ? -1.668  -22.954 1.486   1.00 28.67  ? 13  DA  D C5    1 
ATOM   742 C  C6    . DA  D 1 1  ? -2.365  -23.060 0.266   1.00 42.28  ? 13  DA  D C6    1 
ATOM   743 N  N6    . DA  D 1 1  ? -3.682  -23.279 0.185   1.00 49.92  ? 13  DA  D N6    1 
ATOM   744 N  N1    . DA  D 1 1  ? -1.654  -22.926 -0.873  1.00 35.67  ? 13  DA  D N1    1 
ATOM   745 C  C2    . DA  D 1 1  ? -0.337  -22.705 -0.794  1.00 36.66  ? 13  DA  D C2    1 
ATOM   746 N  N3    . DA  D 1 1  ? 0.425   -22.589 0.291   1.00 36.26  ? 13  DA  D N3    1 
ATOM   747 C  C4    . DA  D 1 1  ? -0.308  -22.725 1.407   1.00 34.96  ? 13  DA  D C4    1 
ATOM   748 P  P     . DA  D 1 2  ? 4.857   -20.241 4.466   1.00 51.47  ? 14  DA  D P     1 
ATOM   749 O  OP1   . DA  D 1 2  ? 6.136   -20.596 5.117   1.00 49.33  ? 14  DA  D OP1   1 
ATOM   750 O  OP2   . DA  D 1 2  ? 3.928   -19.309 5.145   1.00 40.91  ? 14  DA  D OP2   1 
ATOM   751 O  "O5'" . DA  D 1 2  ? 5.116   -19.667 2.995   1.00 28.26  ? 14  DA  D "O5'" 1 
ATOM   752 C  "C5'" . DA  D 1 2  ? 3.980   -19.694 2.136   1.00 31.92  ? 14  DA  D "C5'" 1 
ATOM   753 C  "C4'" . DA  D 1 2  ? 4.242   -19.279 0.703   1.00 38.80  ? 14  DA  D "C4'" 1 
ATOM   754 O  "O4'" . DA  D 1 2  ? 3.092   -19.684 -0.080  1.00 39.78  ? 14  DA  D "O4'" 1 
ATOM   755 C  "C3'" . DA  D 1 2  ? 4.296   -17.782 0.455   1.00 51.46  ? 14  DA  D "C3'" 1 
ATOM   756 O  "O3'" . DA  D 1 2  ? 4.710   -17.534 -0.890  1.00 62.88  ? 14  DA  D "O3'" 1 
ATOM   757 C  "C2'" . DA  D 1 2  ? 2.822   -17.464 0.649   1.00 41.72  ? 14  DA  D "C2'" 1 
ATOM   758 C  "C1'" . DA  D 1 2  ? 2.202   -18.585 -0.182  1.00 37.97  ? 14  DA  D "C1'" 1 
ATOM   759 N  N9    . DA  D 1 2  ? 0.875   -18.985 0.272   1.00 51.49  ? 14  DA  D N9    1 
ATOM   760 C  C8    . DA  D 1 2  ? 0.488   -19.235 1.559   1.00 63.91  ? 14  DA  D C8    1 
ATOM   761 N  N7    . DA  D 1 2  ? -0.774  -19.575 1.675   1.00 62.92  ? 14  DA  D N7    1 
ATOM   762 C  C5    . DA  D 1 2  ? -1.247  -19.547 0.373   1.00 50.68  ? 14  DA  D C5    1 
ATOM   763 C  C6    . DA  D 1 2  ? -2.515  -19.811 -0.182  1.00 40.93  ? 14  DA  D C6    1 
ATOM   764 N  N6    . DA  D 1 2  ? -3.573  -20.171 0.551   1.00 39.33  ? 14  DA  D N6    1 
ATOM   765 N  N1    . DA  D 1 2  ? -2.654  -19.692 -1.520  1.00 45.48  ? 14  DA  D N1    1 
ATOM   766 C  C2    . DA  D 1 2  ? -1.589  -19.331 -2.246  1.00 51.57  ? 14  DA  D C2    1 
ATOM   767 N  N3    . DA  D 1 2  ? -0.350  -19.056 -1.838  1.00 55.24  ? 14  DA  D N3    1 
ATOM   768 C  C4    . DA  D 1 2  ? -0.244  -19.184 -0.505  1.00 53.83  ? 14  DA  D C4    1 
ATOM   769 P  P     . DT  D 1 3  ? 5.191   -16.067 -1.341  1.00 60.20  ? 15  DT  D P     1 
ATOM   770 O  OP1   . DT  D 1 3  ? 6.580   -16.188 -1.835  1.00 65.25  ? 15  DT  D OP1   1 
ATOM   771 O  OP2   . DT  D 1 3  ? 4.878   -15.126 -0.243  1.00 53.68  ? 15  DT  D OP2   1 
ATOM   772 O  "O5'" . DT  D 1 3  ? 4.243   -15.710 -2.581  1.00 32.47  ? 15  DT  D "O5'" 1 
ATOM   773 C  "C5'" . DT  D 1 3  ? 2.856   -15.997 -2.499  1.00 45.14  ? 15  DT  D "C5'" 1 
ATOM   774 C  "C4'" . DT  D 1 3  ? 2.032   -15.254 -3.528  1.00 54.79  ? 15  DT  D "C4'" 1 
ATOM   775 O  "O4'" . DT  D 1 3  ? 0.650   -15.658 -3.360  1.00 58.59  ? 15  DT  D "O4'" 1 
ATOM   776 C  "C3'" . DT  D 1 3  ? 1.998   -13.746 -3.350  1.00 52.39  ? 15  DT  D "C3'" 1 
ATOM   777 O  "O3'" . DT  D 1 3  ? 1.486   -13.145 -4.525  1.00 38.65  ? 15  DT  D "O3'" 1 
ATOM   778 C  "C2'" . DT  D 1 3  ? 0.999   -13.628 -2.209  1.00 56.70  ? 15  DT  D "C2'" 1 
ATOM   779 C  "C1'" . DT  D 1 3  ? -0.049  -14.642 -2.664  1.00 58.76  ? 15  DT  D "C1'" 1 
ATOM   780 N  N1    . DT  D 1 3  ? -0.824  -15.253 -1.544  1.00 49.38  ? 15  DT  D N1    1 
ATOM   781 C  C2    . DT  D 1 3  ? -2.090  -15.731 -1.795  1.00 57.09  ? 15  DT  D C2    1 
ATOM   782 O  O2    . DT  D 1 3  ? -2.617  -15.689 -2.892  1.00 61.26  ? 15  DT  D O2    1 
ATOM   783 N  N3    . DT  D 1 3  ? -2.723  -16.270 -0.704  1.00 55.68  ? 15  DT  D N3    1 
ATOM   784 C  C4    . DT  D 1 3  ? -2.229  -16.373 0.583   1.00 47.03  ? 15  DT  D C4    1 
ATOM   785 O  O4    . DT  D 1 3  ? -2.879  -16.875 1.494   1.00 47.53  ? 15  DT  D O4    1 
ATOM   786 C  C5    . DT  D 1 3  ? -0.899  -15.851 0.775   1.00 41.90  ? 15  DT  D C5    1 
ATOM   787 C  C7    . DT  D 1 3  ? -0.256  -15.906 2.129   1.00 38.21  ? 15  DT  D C7    1 
ATOM   788 C  C6    . DT  D 1 3  ? -0.269  -15.322 -0.282  1.00 42.92  ? 15  DT  D C6    1 
ATOM   789 P  P     . DA  D 1 4  ? 1.982   -11.685 -4.975  1.00 66.72  ? 16  DA  D P     1 
ATOM   790 O  OP1   . DA  D 1 4  ? 3.136   -11.864 -5.884  1.00 55.23  ? 16  DA  D OP1   1 
ATOM   791 O  OP2   . DA  D 1 4  ? 2.120   -10.854 -3.757  1.00 67.57  ? 16  DA  D OP2   1 
ATOM   792 O  "O5'" . DA  D 1 4  ? 0.750   -11.114 -5.818  1.00 52.10  ? 16  DA  D "O5'" 1 
ATOM   793 C  "C5'" . DA  D 1 4  ? 0.233   -11.899 -6.883  1.00 57.89  ? 16  DA  D "C5'" 1 
ATOM   794 C  "C4'" . DA  D 1 4  ? -1.281  -11.980 -6.822  1.00 60.93  ? 16  DA  D "C4'" 1 
ATOM   795 O  "O4'" . DA  D 1 4  ? -1.695  -12.559 -5.555  1.00 57.45  ? 16  DA  D "O4'" 1 
ATOM   796 C  "C3'" . DA  D 1 4  ? -2.004  -10.641 -6.934  1.00 59.10  ? 16  DA  D "C3'" 1 
ATOM   797 O  "O3'" . DA  D 1 4  ? -3.071  -10.769 -7.859  1.00 53.89  ? 16  DA  D "O3'" 1 
ATOM   798 C  "C2'" . DA  D 1 4  ? -2.527  -10.404 -5.521  1.00 58.53  ? 16  DA  D "C2'" 1 
ATOM   799 C  "C1'" . DA  D 1 4  ? -2.812  -11.835 -5.087  1.00 56.06  ? 16  DA  D "C1'" 1 
ATOM   800 N  N9    . DA  D 1 4  ? -2.931  -12.000 -3.641  1.00 53.26  ? 16  DA  D N9    1 
ATOM   801 C  C8    . DA  D 1 4  ? -2.004  -11.650 -2.700  1.00 62.80  ? 16  DA  D C8    1 
ATOM   802 N  N7    . DA  D 1 4  ? -2.375  -11.913 -1.469  1.00 59.52  ? 16  DA  D N7    1 
ATOM   803 C  C5    . DA  D 1 4  ? -3.633  -12.472 -1.611  1.00 47.80  ? 16  DA  D C5    1 
ATOM   804 C  C6    . DA  D 1 4  ? -4.561  -12.965 -0.673  1.00 59.42  ? 16  DA  D C6    1 
ATOM   805 N  N6    . DA  D 1 4  ? -4.336  -12.963 0.644   1.00 63.33  ? 16  DA  D N6    1 
ATOM   806 N  N1    . DA  D 1 4  ? -5.727  -13.458 -1.142  1.00 67.52  ? 16  DA  D N1    1 
ATOM   807 C  C2    . DA  D 1 4  ? -5.939  -13.453 -2.465  1.00 73.14  ? 16  DA  D C2    1 
ATOM   808 N  N3    . DA  D 1 4  ? -5.142  -13.018 -3.441  1.00 63.43  ? 16  DA  D N3    1 
ATOM   809 C  C4    . DA  D 1 4  ? -3.993  -12.534 -2.944  1.00 46.40  ? 16  DA  D C4    1 
ATOM   810 P  P     . DA  D 1 5  ? -3.669  -9.472  -8.598  1.00 80.62  ? 17  DA  D P     1 
ATOM   811 O  OP1   . DA  D 1 5  ? -3.467  -9.659  -10.053 1.00 87.35  ? 17  DA  D OP1   1 
ATOM   812 O  OP2   . DA  D 1 5  ? -3.133  -8.266  -7.928  1.00 65.02  ? 17  DA  D OP2   1 
ATOM   813 O  "O5'" . DA  D 1 5  ? -5.233  -9.559  -8.290  1.00 61.83  ? 17  DA  D "O5'" 1 
ATOM   814 C  "C5'" . DA  D 1 5  ? -5.922  -10.771 -8.569  1.00 56.39  ? 17  DA  D "C5'" 1 
ATOM   815 C  "C4'" . DA  D 1 5  ? -7.103  -10.934 -7.633  1.00 63.86  ? 17  DA  D "C4'" 1 
ATOM   816 O  "O4'" . DA  D 1 5  ? -6.625  -11.090 -6.271  1.00 72.64  ? 17  DA  D "O4'" 1 
ATOM   817 C  "C3'" . DA  D 1 5  ? -8.060  -9.747  -7.616  1.00 61.44  ? 17  DA  D "C3'" 1 
ATOM   818 O  "O3'" . DA  D 1 5  ? -9.396  -10.220 -7.694  1.00 52.76  ? 17  DA  D "O3'" 1 
ATOM   819 C  "C2'" . DA  D 1 5  ? -7.782  -9.075  -6.274  1.00 62.31  ? 17  DA  D "C2'" 1 
ATOM   820 C  "C1'" . DA  D 1 5  ? -7.399  -10.273 -5.419  1.00 61.69  ? 17  DA  D "C1'" 1 
ATOM   821 N  N9    . DA  D 1 5  ? -6.611  -9.934  -4.236  1.00 46.74  ? 17  DA  D N9    1 
ATOM   822 C  C8    . DA  D 1 5  ? -5.424  -9.259  -4.194  1.00 50.08  ? 17  DA  D C8    1 
ATOM   823 N  N7    . DA  D 1 5  ? -4.945  -9.100  -2.982  1.00 56.35  ? 17  DA  D N7    1 
ATOM   824 C  C5    . DA  D 1 5  ? -5.885  -9.713  -2.172  1.00 49.46  ? 17  DA  D C5    1 
ATOM   825 C  C6    . DA  D 1 5  ? -5.970  -9.894  -0.777  1.00 42.72  ? 17  DA  D C6    1 
ATOM   826 N  N6    . DA  D 1 5  ? -5.048  -9.447  0.084   1.00 42.83  ? 17  DA  D N6    1 
ATOM   827 N  N1    . DA  D 1 5  ? -7.044  -10.552 -0.295  1.00 44.79  ? 17  DA  D N1    1 
ATOM   828 C  C2    . DA  D 1 5  ? -7.970  -11.000 -1.151  1.00 51.28  ? 17  DA  D C2    1 
ATOM   829 N  N3    . DA  D 1 5  ? -7.998  -10.890 -2.477  1.00 58.28  ? 17  DA  D N3    1 
ATOM   830 C  C4    . DA  D 1 5  ? -6.918  -10.232 -2.928  1.00 50.30  ? 17  DA  D C4    1 
ATOM   831 P  P     . DA  D 1 6  ? -10.585 -9.218  -8.100  1.00 86.80  ? 18  DA  D P     1 
ATOM   832 O  OP1   . DA  D 1 6  ? -11.444 -9.917  -9.081  1.00 88.91  ? 18  DA  D OP1   1 
ATOM   833 O  OP2   . DA  D 1 6  ? -9.974  -7.917  -8.453  1.00 78.29  ? 18  DA  D OP2   1 
ATOM   834 O  "O5'" . DA  D 1 6  ? -11.405 -9.027  -6.739  1.00 52.69  ? 18  DA  D "O5'" 1 
ATOM   835 C  "C5'" . DA  D 1 6  ? -12.035 -10.154 -6.143  1.00 51.01  ? 18  DA  D "C5'" 1 
ATOM   836 C  "C4'" . DA  D 1 6  ? -12.454 -9.852  -4.717  1.00 53.49  ? 18  DA  D "C4'" 1 
ATOM   837 O  "O4'" . DA  D 1 6  ? -11.274 -9.717  -3.889  1.00 57.64  ? 18  DA  D "O4'" 1 
ATOM   838 C  "C3'" . DA  D 1 6  ? -13.247 -8.560  -4.546  1.00 51.13  ? 18  DA  D "C3'" 1 
ATOM   839 O  "O3'" . DA  D 1 6  ? -14.593 -8.884  -4.213  1.00 61.67  ? 18  DA  D "O3'" 1 
ATOM   840 C  "C2'" . DA  D 1 6  ? -12.549 -7.802  -3.415  1.00 44.22  ? 18  DA  D "C2'" 1 
ATOM   841 C  "C1'" . DA  D 1 6  ? -11.546 -8.802  -2.852  1.00 51.36  ? 18  DA  D "C1'" 1 
ATOM   842 N  N9    . DA  D 1 6  ? -10.292 -8.175  -2.450  1.00 43.20  ? 18  DA  D N9    1 
ATOM   843 C  C8    . DA  D 1 6  ? -9.433  -7.476  -3.251  1.00 37.28  ? 18  DA  D C8    1 
ATOM   844 N  N7    . DA  D 1 6  ? -8.376  -7.018  -2.622  1.00 35.13  ? 18  DA  D N7    1 
ATOM   845 C  C5    . DA  D 1 6  ? -8.556  -7.447  -1.318  1.00 33.15  ? 18  DA  D C5    1 
ATOM   846 C  C6    . DA  D 1 6  ? -7.782  -7.286  -0.152  1.00 36.04  ? 18  DA  D C6    1 
ATOM   847 N  N6    . DA  D 1 6  ? -6.624  -6.620  -0.125  1.00 38.33  ? 18  DA  D N6    1 
ATOM   848 N  N1    . DA  D 1 6  ? -8.247  -7.841  0.988   1.00 36.74  ? 18  DA  D N1    1 
ATOM   849 C  C2    . DA  D 1 6  ? -9.406  -8.509  0.958   1.00 38.90  ? 18  DA  D C2    1 
ATOM   850 N  N3    . DA  D 1 6  ? -10.218 -8.723  -0.076  1.00 40.35  ? 18  DA  D N3    1 
ATOM   851 C  C4    . DA  D 1 6  ? -9.732  -8.161  -1.194  1.00 33.51  ? 18  DA  D C4    1 
ATOM   852 P  P     . DT  D 1 7  ? -15.657 -7.721  -3.898  1.00 58.44  ? 19  DT  D P     1 
ATOM   853 O  OP1   . DT  D 1 7  ? -17.007 -8.253  -4.188  1.00 69.30  ? 19  DT  D OP1   1 
ATOM   854 O  OP2   . DT  D 1 7  ? -15.196 -6.490  -4.575  1.00 40.98  ? 19  DT  D OP2   1 
ATOM   855 O  "O5'" . DT  D 1 7  ? -15.523 -7.503  -2.320  1.00 53.08  ? 19  DT  D "O5'" 1 
ATOM   856 C  "C5'" . DT  D 1 7  ? -15.543 -8.638  -1.464  1.00 55.36  ? 19  DT  D "C5'" 1 
ATOM   857 C  "C4'" . DT  D 1 7  ? -15.006 -8.282  -0.092  1.00 56.76  ? 19  DT  D "C4'" 1 
ATOM   858 O  "O4'" . DT  D 1 7  ? -13.643 -7.810  -0.208  1.00 57.84  ? 19  DT  D "O4'" 1 
ATOM   859 C  "C3'" . DT  D 1 7  ? -15.773 -7.175  0.630   1.00 57.70  ? 19  DT  D "C3'" 1 
ATOM   860 O  "O3'" . DT  D 1 7  ? -16.521 -7.741  1.709   1.00 65.72  ? 19  DT  D "O3'" 1 
ATOM   861 C  "C2'" . DT  D 1 7  ? -14.695 -6.199  1.113   1.00 52.95  ? 19  DT  D "C2'" 1 
ATOM   862 C  "C1'" . DT  D 1 7  ? -13.400 -6.979  0.905   1.00 55.35  ? 19  DT  D "C1'" 1 
ATOM   863 N  N1    . DT  D 1 7  ? -12.197 -6.133  0.638   1.00 51.24  ? 19  DT  D N1    1 
ATOM   864 C  C2    . DT  D 1 7  ? -11.323 -5.872  1.670   1.00 63.89  ? 19  DT  D C2    1 
ATOM   865 O  O2    . DT  D 1 7  ? -11.475 -6.294  2.803   1.00 81.67  ? 19  DT  D O2    1 
ATOM   866 N  N3    . DT  D 1 7  ? -10.251 -5.091  1.326   1.00 51.57  ? 19  DT  D N3    1 
ATOM   867 C  C4    . DT  D 1 7  ? -9.969  -4.556  0.086   1.00 40.78  ? 19  DT  D C4    1 
ATOM   868 O  O4    . DT  D 1 7  ? -8.974  -3.866  -0.114  1.00 40.80  ? 19  DT  D O4    1 
ATOM   869 C  C5    . DT  D 1 7  ? -10.922 -4.868  -0.949  1.00 34.63  ? 19  DT  D C5    1 
ATOM   870 C  C7    . DT  D 1 7  ? -10.722 -4.342  -2.339  1.00 35.15  ? 19  DT  D C7    1 
ATOM   871 C  C6    . DT  D 1 7  ? -11.976 -5.631  -0.628  1.00 46.25  ? 19  DT  D C6    1 
ATOM   872 P  P     . DT  D 1 8  ? -17.729 -6.920  2.384   1.00 73.74  ? 20  DT  D P     1 
ATOM   873 O  OP1   . DT  D 1 8  ? -18.630 -7.900  3.028   1.00 73.41  ? 20  DT  D OP1   1 
ATOM   874 O  OP2   . DT  D 1 8  ? -18.269 -5.980  1.377   1.00 65.94  ? 20  DT  D OP2   1 
ATOM   875 O  "O5'" . DT  D 1 8  ? -17.009 -6.061  3.524   1.00 57.63  ? 20  DT  D "O5'" 1 
ATOM   876 C  "C5'" . DT  D 1 8  ? -16.147 -6.731  4.432   1.00 61.06  ? 20  DT  D "C5'" 1 
ATOM   877 C  "C4'" . DT  D 1 8  ? -15.223 -5.760  5.145   1.00 68.37  ? 20  DT  D "C4'" 1 
ATOM   878 O  "O4'" . DT  D 1 8  ? -14.217 -5.238  4.245   1.00 79.02  ? 20  DT  D "O4'" 1 
ATOM   879 C  "C3'" . DT  D 1 8  ? -15.899 -4.526  5.732   1.00 71.80  ? 20  DT  D "C3'" 1 
ATOM   880 O  "O3'" . DT  D 1 8  ? -16.050 -4.717  7.130   1.00 73.63  ? 20  DT  D "O3'" 1 
ATOM   881 C  "C2'" . DT  D 1 8  ? -14.948 -3.369  5.406   1.00 71.30  ? 20  DT  D "C2'" 1 
ATOM   882 C  "C1'" . DT  D 1 8  ? -13.708 -4.089  4.884   1.00 75.42  ? 20  DT  D "C1'" 1 
ATOM   883 N  N1    . DT  D 1 8  ? -12.866 -3.301  3.930   1.00 68.15  ? 20  DT  D N1    1 
ATOM   884 C  C2    . DT  D 1 8  ? -11.656 -2.796  4.363   1.00 63.09  ? 20  DT  D C2    1 
ATOM   885 O  O2    . DT  D 1 8  ? -11.233 -2.958  5.495   1.00 63.88  ? 20  DT  D O2    1 
ATOM   886 N  N3    . DT  D 1 8  ? -10.952 -2.091  3.419   1.00 49.39  ? 20  DT  D N3    1 
ATOM   887 C  C4    . DT  D 1 8  ? -11.336 -1.849  2.113   1.00 46.06  ? 20  DT  D C4    1 
ATOM   888 O  O4    . DT  D 1 8  ? -10.638 -1.205  1.336   1.00 55.04  ? 20  DT  D O4    1 
ATOM   889 C  C5    . DT  D 1 8  ? -12.610 -2.405  1.726   1.00 43.84  ? 20  DT  D C5    1 
ATOM   890 C  C7    . DT  D 1 8  ? -13.127 -2.205  0.333   1.00 35.92  ? 20  DT  D C7    1 
ATOM   891 C  C6    . DT  D 1 8  ? -13.306 -3.096  2.638   1.00 51.26  ? 20  DT  D C6    1 
ATOM   892 P  P     . DT  D 1 9  ? -16.788 -3.607  8.024   1.00 106.71 ? 21  DT  D P     1 
ATOM   893 O  OP1   . DT  D 1 9  ? -17.429 -4.308  9.159   1.00 110.36 ? 21  DT  D OP1   1 
ATOM   894 O  OP2   . DT  D 1 9  ? -17.612 -2.774  7.118   1.00 93.63  ? 21  DT  D OP2   1 
ATOM   895 O  "O5'" . DT  D 1 9  ? -15.588 -2.697  8.570   1.00 117.00 ? 21  DT  D "O5'" 1 
ATOM   896 C  "C5'" . DT  D 1 9  ? -14.510 -3.290  9.289   1.00 105.73 ? 21  DT  D "C5'" 1 
ATOM   897 C  "C4'" . DT  D 1 9  ? -13.312 -2.354  9.372   1.00 94.66  ? 21  DT  D "C4'" 1 
ATOM   898 O  "O4'" . DT  D 1 9  ? -12.861 -2.009  8.037   1.00 87.18  ? 21  DT  D "O4'" 1 
ATOM   899 C  "C3'" . DT  D 1 9  ? -13.557 -1.029  10.094  1.00 82.45  ? 21  DT  D "C3'" 1 
ATOM   900 O  "O3'" . DT  D 1 9  ? -12.729 -0.956  11.252  1.00 66.08  ? 21  DT  D "O3'" 1 
ATOM   901 C  "C2'" . DT  D 1 9  ? -13.201 0.051   9.071   1.00 76.53  ? 21  DT  D "C2'" 1 
ATOM   902 C  "C1'" . DT  D 1 9  ? -12.323 -0.706  8.083   1.00 77.35  ? 21  DT  D "C1'" 1 
ATOM   903 N  N1    . DT  D 1 9  ? -12.309 -0.132  6.703   1.00 66.18  ? 21  DT  D N1    1 
ATOM   904 C  C2    . DT  D 1 9  ? -11.170 0.498   6.254   1.00 57.91  ? 21  DT  D C2    1 
ATOM   905 O  O2    . DT  D 1 9  ? -10.162 0.617   6.928   1.00 54.80  ? 21  DT  D O2    1 
ATOM   906 N  N3    . DT  D 1 9  ? -11.253 0.989   4.976   1.00 52.79  ? 21  DT  D N3    1 
ATOM   907 C  C4    . DT  D 1 9  ? -12.337 0.915   4.124   1.00 48.36  ? 21  DT  D C4    1 
ATOM   908 O  O4    . DT  D 1 9  ? -12.315 1.387   2.993   1.00 38.98  ? 21  DT  D O4    1 
ATOM   909 C  C5    . DT  D 1 9  ? -13.496 0.243   4.656   1.00 55.05  ? 21  DT  D C5    1 
ATOM   910 C  C7    . DT  D 1 9  ? -14.730 0.104   3.815   1.00 59.93  ? 21  DT  D C7    1 
ATOM   911 C  C6    . DT  D 1 9  ? -13.429 -0.242  5.903   1.00 58.70  ? 21  DT  D C6    1 
ATOM   912 P  P     . DA  D 1 10 ? -12.898 0.255   12.295  1.00 57.38  ? 22  DA  D P     1 
ATOM   913 O  OP1   . DA  D 1 10 ? -12.629 -0.274  13.650  1.00 59.48  ? 22  DA  D OP1   1 
ATOM   914 O  OP2   . DA  D 1 10 ? -14.187 0.924   12.010  1.00 57.24  ? 22  DA  D OP2   1 
ATOM   915 O  "O5'" . DA  D 1 10 ? -11.723 1.263   11.905  1.00 76.78  ? 22  DA  D "O5'" 1 
ATOM   916 C  "C5'" . DA  D 1 10 ? -10.378 0.816   11.978  1.00 74.42  ? 22  DA  D "C5'" 1 
ATOM   917 C  "C4'" . DA  D 1 10 ? -9.436  1.852   11.397  1.00 71.22  ? 22  DA  D "C4'" 1 
ATOM   918 O  "O4'" . DA  D 1 10 ? -9.709  2.012   9.982   1.00 62.25  ? 22  DA  D "O4'" 1 
ATOM   919 C  "C3'" . DA  D 1 10 ? -9.551  3.238   12.022  1.00 66.68  ? 22  DA  D "C3'" 1 
ATOM   920 O  "O3'" . DA  D 1 10 ? -8.258  3.692   12.394  1.00 31.64  ? 22  DA  D "O3'" 1 
ATOM   921 C  "C2'" . DA  D 1 10 ? -10.169 4.105   10.926  1.00 32.71  ? 22  DA  D "C2'" 1 
ATOM   922 C  "C1'" . DA  D 1 10 ? -9.724  3.385   9.661   1.00 48.98  ? 22  DA  D "C1'" 1 
ATOM   923 N  N9    . DA  D 1 10 ? -10.622 3.567   8.525   1.00 44.94  ? 22  DA  D N9    1 
ATOM   924 C  C8    . DA  D 1 10 ? -11.932 3.189   8.432   1.00 33.94  ? 22  DA  D C8    1 
ATOM   925 N  N7    . DA  D 1 10 ? -12.486 3.481   7.280   1.00 50.18  ? 22  DA  D N7    1 
ATOM   926 C  C5    . DA  D 1 10 ? -11.466 4.093   6.567   1.00 52.52  ? 22  DA  D C5    1 
ATOM   927 C  C6    . DA  D 1 10 ? -11.406 4.639   5.269   1.00 56.43  ? 22  DA  D C6    1 
ATOM   928 N  N6    . DA  D 1 10 ? -12.444 4.653   4.426   1.00 55.44  ? 22  DA  D N6    1 
ATOM   929 N  N1    . DA  D 1 10 ? -10.234 5.172   4.868   1.00 61.44  ? 22  DA  D N1    1 
ATOM   930 C  C2    . DA  D 1 10 ? -9.197  5.158   5.714   1.00 62.93  ? 22  DA  D C2    1 
ATOM   931 N  N3    . DA  D 1 10 ? -9.130  4.674   6.954   1.00 55.28  ? 22  DA  D N3    1 
ATOM   932 C  C4    . DA  D 1 10 ? -10.310 4.152   7.322   1.00 50.02  ? 22  DA  D C4    1 
ATOM   933 P  P     . DT  D 1 11 ? -8.093  5.031   13.263  1.00 61.23  ? 23  DT  D P     1 
ATOM   934 O  OP1   . DT  D 1 11 ? -6.868  4.889   14.083  1.00 59.94  ? 23  DT  D OP1   1 
ATOM   935 O  OP2   . DT  D 1 11 ? -9.393  5.317   13.909  1.00 58.97  ? 23  DT  D OP2   1 
ATOM   936 O  "O5'" . DT  D 1 11 ? -7.844  6.162   12.165  1.00 41.22  ? 23  DT  D "O5'" 1 
ATOM   937 C  "C5'" . DT  D 1 11 ? -6.763  6.006   11.261  1.00 40.75  ? 23  DT  D "C5'" 1 
ATOM   938 C  "C4'" . DT  D 1 11 ? -6.820  7.057   10.171  1.00 31.63  ? 23  DT  D "C4'" 1 
ATOM   939 O  "O4'" . DT  D 1 11 ? -7.920  6.786   9.273   1.00 32.22  ? 23  DT  D "O4'" 1 
ATOM   940 C  "C3'" . DT  D 1 11 ? -7.037  8.486   10.661  1.00 31.79  ? 23  DT  D "C3'" 1 
ATOM   941 O  "O3'" . DT  D 1 11 ? -5.839  9.226   10.464  1.00 47.42  ? 23  DT  D "O3'" 1 
ATOM   942 C  "C2'" . DT  D 1 11 ? -8.183  9.017   9.799   1.00 34.10  ? 23  DT  D "C2'" 1 
ATOM   943 C  "C1'" . DT  D 1 11 ? -8.211  8.015   8.654   1.00 32.65  ? 23  DT  D "C1'" 1 
ATOM   944 N  N1    . DT  D 1 11 ? -9.517  7.910   7.955   1.00 33.40  ? 23  DT  D N1    1 
ATOM   945 C  C2    . DT  D 1 11 ? -9.596  8.313   6.642   1.00 57.10  ? 23  DT  D C2    1 
ATOM   946 O  O2    . DT  D 1 11 ? -8.646  8.750   6.018   1.00 70.72  ? 23  DT  D O2    1 
ATOM   947 N  N3    . DT  D 1 11 ? -10.838 8.177   6.079   1.00 51.40  ? 23  DT  D N3    1 
ATOM   948 C  C4    . DT  D 1 11 ? -11.984 7.693   6.685   1.00 53.81  ? 23  DT  D C4    1 
ATOM   949 O  O4    . DT  D 1 11 ? -13.054 7.614   6.088   1.00 61.47  ? 23  DT  D O4    1 
ATOM   950 C  C5    . DT  D 1 11 ? -11.828 7.291   8.062   1.00 48.75  ? 23  DT  D C5    1 
ATOM   951 C  C7    . DT  D 1 11 ? -12.998 6.750   8.827   1.00 34.93  ? 23  DT  D C7    1 
ATOM   952 C  C6    . DT  D 1 11 ? -10.618 7.417   8.624   1.00 33.72  ? 23  DT  D C6    1 
ATOM   953 P  P     . DT  D 1 12 ? -5.714  10.735  10.999  1.00 43.88  ? 24  DT  D P     1 
ATOM   954 O  OP1   . DT  D 1 12 ? -4.297  10.959  11.361  1.00 46.47  ? 24  DT  D OP1   1 
ATOM   955 O  OP2   . DT  D 1 12 ? -6.775  10.960  12.007  1.00 41.59  ? 24  DT  D OP2   1 
ATOM   956 O  "O5'" . DT  D 1 12 ? -6.060  11.625  9.717   1.00 32.03  ? 24  DT  D "O5'" 1 
ATOM   957 C  "C5'" . DT  D 1 12 ? -5.229  11.535  8.566   1.00 41.18  ? 24  DT  D "C5'" 1 
ATOM   958 C  "C4'" . DT  D 1 12 ? -5.870  12.218  7.372   1.00 53.18  ? 24  DT  D "C4'" 1 
ATOM   959 O  "O4'" . DT  D 1 12 ? -6.958  11.410  6.867   1.00 49.51  ? 24  DT  D "O4'" 1 
ATOM   960 C  "C3'" . DT  D 1 12 ? -6.513  13.562  7.669   1.00 71.36  ? 24  DT  D "C3'" 1 
ATOM   961 O  "O3'" . DT  D 1 12 ? -5.532  14.592  7.615   1.00 84.87  ? 24  DT  D "O3'" 1 
ATOM   962 C  "C2'" . DT  D 1 12 ? -7.534  13.695  6.541   1.00 61.22  ? 24  DT  D "C2'" 1 
ATOM   963 C  "C1'" . DT  D 1 12 ? -7.874  12.247  6.186   1.00 47.66  ? 24  DT  D "C1'" 1 
ATOM   964 N  N1    . DT  D 1 12 ? -9.264  11.843  6.553   1.00 52.34  ? 24  DT  D N1    1 
ATOM   965 C  C2    . DT  D 1 12 ? -10.188 11.649  5.550   1.00 52.37  ? 24  DT  D C2    1 
ATOM   966 O  O2    . DT  D 1 12 ? -9.932  11.792  4.368   1.00 48.11  ? 24  DT  D O2    1 
ATOM   967 N  N3    . DT  D 1 12 ? -11.435 11.280  5.985   1.00 55.62  ? 24  DT  D N3    1 
ATOM   968 C  C4    . DT  D 1 12 ? -11.842 11.089  7.292   1.00 55.01  ? 24  DT  D C4    1 
ATOM   969 O  O4    . DT  D 1 12 ? -12.988 10.757  7.579   1.00 53.43  ? 24  DT  D O4    1 
ATOM   970 C  C5    . DT  D 1 12 ? -10.827 11.308  8.291   1.00 51.08  ? 24  DT  D C5    1 
ATOM   971 C  C7    . DT  D 1 12 ? -11.156 11.129  9.744   1.00 38.19  ? 24  DT  D C7    1 
ATOM   972 C  C6    . DT  D 1 12 ? -9.603  11.670  7.881   1.00 54.16  ? 24  DT  D C6    1 
HETATM 973 MG MG    . MG  E 2 .  ? -8.194  14.532  -0.511  1.00 11.28  ? 101 MG  B MG    1 
HETATM 974 O  O     . HOH F 3 .  ? 0.076   -7.143  -10.567 1.00 16.93  ? 101 HOH A O     1 
HETATM 975 O  O     . HOH G 3 .  ? -7.595  12.644  0.425   1.00 16.72  ? 201 HOH B O     1 
HETATM 976 O  O     . HOH G 3 .  ? -7.545  15.316  1.638   1.00 18.57  ? 202 HOH B O     1 
HETATM 977 O  O     . HOH G 3 .  ? 20.135  -4.112  5.855   1.00 24.95  ? 203 HOH B O     1 
HETATM 978 O  O     . HOH G 3 .  ? -4.035  9.964   -6.124  1.00 35.73  ? 204 HOH B O     1 
HETATM 979 O  O     . HOH G 3 .  ? -4.017  7.844   -7.252  1.00 32.70  ? 205 HOH B O     1 
HETATM 980 O  O     . HOH H 3 .  ? -10.210 13.370  0.186   1.00 16.76  ? 101 HOH C O     1 
HETATM 981 O  O     . HOH H 3 .  ? -14.214 -10.585 4.358   1.00 13.46  ? 102 HOH C O     1 
HETATM 982 O  O     . HOH H 3 .  ? -16.486 -14.931 3.869   1.00 52.88  ? 103 HOH C O     1 
HETATM 983 O  O     . HOH I 3 .  ? 7.455   -18.209 5.007   1.00 18.42  ? 101 HOH D O     1 
HETATM 984 O  O     . HOH I 3 .  ? 0.536   -18.614 -5.166  1.00 19.20  ? 102 HOH D O     1 
HETATM 985 O  O     . HOH I 3 .  ? -5.283  8.769   5.630   1.00 14.69  ? 103 HOH D O     1 
HETATM 986 O  O     . HOH I 3 .  ? 6.269   -13.405 -5.865  1.00 12.68  ? 104 HOH D O     1 
HETATM 987 O  O     . HOH I 3 .  ? 8.356   -21.095 4.027   1.00 12.00  ? 105 HOH D O     1 
# 
